data_6U1V
#
_entry.id   6U1V
#
_cell.length_a   69.520
_cell.length_b   100.060
_cell.length_c   148.510
_cell.angle_alpha   90.000
_cell.angle_beta   100.310
_cell.angle_gamma   90.000
#
_symmetry.space_group_name_H-M   'P 1 21 1'
#
loop_
_entity.id
_entity.type
_entity.pdbx_description
1 polymer 'Acyl-CoA dehydrogenase domain-containing protein'
2 non-polymer 'DIHYDROFLAVINE-ADENINE DINUCLEOTIDE'
3 water water
#
_entity_poly.entity_id   1
_entity_poly.type   'polypeptide(L)'
_entity_poly.pdbx_seq_one_letter_code
;MSESERLGIVRDFVAREILGREGILDSLADAPLALYERFAETGLMNWWVPKEHGGLGLGLEESVRIVSELAYGDAGVAFT
LFLPVLTTSMIGWYGSEELKERFLGPLVARRGFCATLGSEHEAGSELARISTTVRRDGDTLVLDGTKAFSTSTDFARFLV
VIARSADDPARYTAVTVPRDAPGLRVDKRWDVIGMRASATYQVSFSDCRVPGDNALNGNGLRLLEIGLNASRILIAASAL
GVARRIRDVCMEYGKTKSLKGAPLVKDGVFAGRLGQFEMQIDVMANQCLAAARAYDATAARPDAARVLLRQGAQKSALTA
KMFCGQTAWQIASTASEMFGGIGYTHDMVIGKLLRDVRHASIIEGGDDVLRDLVYQRFVVPTAKRTLEH
;
_entity_poly.pdbx_strand_id   A,B,C,D
#
# COMPACT_ATOMS: atom_id res chain seq x y z
N MET A 1 16.52 16.63 -39.21
CA MET A 1 17.01 17.37 -38.01
C MET A 1 17.44 16.42 -36.90
N SER A 2 17.80 16.99 -35.76
CA SER A 2 18.33 16.23 -34.64
C SER A 2 17.21 15.70 -33.76
N GLU A 3 17.57 14.77 -32.86
CA GLU A 3 16.58 14.26 -31.91
C GLU A 3 16.11 15.36 -30.96
N SER A 4 17.04 16.20 -30.50
CA SER A 4 16.66 17.29 -29.60
C SER A 4 15.76 18.30 -30.31
N GLU A 5 16.04 18.60 -31.58
CA GLU A 5 15.18 19.53 -32.29
C GLU A 5 13.80 18.94 -32.51
N ARG A 6 13.75 17.64 -32.79
CA ARG A 6 12.46 16.95 -32.91
C ARG A 6 11.66 17.04 -31.62
N LEU A 7 12.30 16.81 -30.49
CA LEU A 7 11.56 16.86 -29.23
C LEU A 7 11.09 18.27 -28.91
N GLY A 8 11.87 19.29 -29.32
CA GLY A 8 11.41 20.66 -29.17
C GLY A 8 10.16 20.95 -29.98
N ILE A 9 10.05 20.34 -31.17
CA ILE A 9 8.85 20.51 -31.98
C ILE A 9 7.65 19.91 -31.26
N VAL A 10 7.83 18.74 -30.64
CA VAL A 10 6.74 18.11 -29.90
C VAL A 10 6.36 18.95 -28.69
N ARG A 11 7.36 19.40 -27.92
CA ARG A 11 7.09 20.26 -26.77
C ARG A 11 6.35 21.52 -27.17
N ASP A 12 6.75 22.14 -28.28
CA ASP A 12 6.04 23.33 -28.75
C ASP A 12 4.59 23.01 -29.12
N PHE A 13 4.37 21.86 -29.77
CA PHE A 13 3.01 21.46 -30.10
C PHE A 13 2.17 21.29 -28.83
N VAL A 14 2.75 20.67 -27.80
CA VAL A 14 2.01 20.46 -26.56
C VAL A 14 1.66 21.81 -25.93
N ALA A 15 2.65 22.72 -25.87
CA ALA A 15 2.41 24.01 -25.23
C ALA A 15 1.39 24.86 -25.99
N ARG A 16 1.30 24.71 -27.31
CA ARG A 16 0.43 25.53 -28.14
C ARG A 16 -0.96 24.91 -28.37
N GLU A 17 -1.05 23.58 -28.46
CA GLU A 17 -2.30 22.95 -28.84
C GLU A 17 -2.95 22.17 -27.73
N ILE A 18 -2.26 21.89 -26.62
CA ILE A 18 -2.82 21.00 -25.62
C ILE A 18 -2.98 21.71 -24.29
N LEU A 19 -1.86 22.22 -23.74
CA LEU A 19 -1.91 22.83 -22.42
C LEU A 19 -2.91 23.96 -22.40
N GLY A 20 -3.71 24.01 -21.34
CA GLY A 20 -4.74 25.01 -21.20
C GLY A 20 -6.03 24.69 -21.90
N ARG A 21 -6.09 23.61 -22.66
CA ARG A 21 -7.27 23.23 -23.42
C ARG A 21 -7.89 21.97 -22.86
N GLU A 22 -7.70 21.76 -21.55
CA GLU A 22 -8.28 20.64 -20.81
C GLU A 22 -9.75 20.41 -21.13
N GLY A 23 -10.53 21.48 -21.16
CA GLY A 23 -11.97 21.34 -21.31
C GLY A 23 -12.34 20.65 -22.59
N ILE A 24 -11.78 21.11 -23.70
CA ILE A 24 -12.08 20.52 -25.00
C ILE A 24 -11.60 19.08 -25.07
N LEU A 25 -10.35 18.84 -24.64
CA LEU A 25 -9.81 17.49 -24.76
C LEU A 25 -10.61 16.52 -23.90
N ASP A 26 -11.15 16.96 -22.78
CA ASP A 26 -11.86 16.08 -21.86
C ASP A 26 -13.33 15.94 -22.21
N SER A 27 -13.76 16.46 -23.36
CA SER A 27 -15.18 16.62 -23.63
C SER A 27 -15.77 15.52 -24.50
N LEU A 28 -14.95 14.59 -24.98
CA LEU A 28 -15.38 13.57 -25.92
C LEU A 28 -16.03 14.22 -27.15
N ALA A 29 -15.36 15.23 -27.69
CA ALA A 29 -15.87 15.94 -28.86
C ALA A 29 -15.78 15.06 -30.11
N ASP A 30 -16.49 15.50 -31.14
CA ASP A 30 -16.41 14.88 -32.46
C ASP A 30 -14.96 14.58 -32.82
N ALA A 31 -14.71 13.32 -33.24
CA ALA A 31 -13.35 12.85 -33.49
C ALA A 31 -13.11 12.68 -34.98
N PRO A 32 -11.85 12.86 -35.45
CA PRO A 32 -10.70 13.32 -34.66
C PRO A 32 -10.66 14.85 -34.42
N LEU A 33 -10.29 15.25 -33.21
CA LEU A 33 -10.09 16.67 -32.92
C LEU A 33 -9.16 17.29 -33.94
N ALA A 34 -9.32 18.60 -34.12
CA ALA A 34 -8.50 19.34 -35.06
C ALA A 34 -7.02 19.33 -34.70
N LEU A 35 -6.70 19.19 -33.41
CA LEU A 35 -5.29 19.21 -33.05
C LEU A 35 -4.51 18.08 -33.70
N TYR A 36 -5.17 16.98 -34.08
CA TYR A 36 -4.45 15.89 -34.73
C TYR A 36 -3.95 16.30 -36.12
N GLU A 37 -4.74 17.10 -36.84
CA GLU A 37 -4.28 17.63 -38.11
C GLU A 37 -3.15 18.65 -37.91
N ARG A 38 -3.23 19.44 -36.83
CA ARG A 38 -2.11 20.30 -36.48
C ARG A 38 -0.85 19.47 -36.24
N PHE A 39 -0.97 18.32 -35.54
CA PHE A 39 0.22 17.49 -35.35
C PHE A 39 0.72 16.97 -36.68
N ALA A 40 -0.19 16.55 -37.56
CA ALA A 40 0.24 16.07 -38.88
C ALA A 40 1.12 17.11 -39.57
N GLU A 41 0.80 18.40 -39.39
CA GLU A 41 1.54 19.43 -40.10
C GLU A 41 2.99 19.54 -39.61
N THR A 42 3.31 18.98 -38.45
CA THR A 42 4.70 18.99 -37.99
C THR A 42 5.58 18.02 -38.76
N GLY A 43 5.00 17.11 -39.53
CA GLY A 43 5.77 16.11 -40.22
C GLY A 43 6.14 14.92 -39.38
N LEU A 44 5.60 14.82 -38.17
CA LEU A 44 5.98 13.74 -37.26
C LEU A 44 4.95 12.62 -37.12
N MET A 45 3.81 12.67 -37.83
CA MET A 45 2.88 11.54 -37.69
C MET A 45 3.55 10.26 -38.18
N ASN A 46 3.24 9.14 -37.54
CA ASN A 46 3.78 7.83 -37.93
C ASN A 46 5.31 7.88 -37.93
N TRP A 47 5.88 8.51 -36.91
CA TRP A 47 7.31 8.80 -36.88
C TRP A 47 8.17 7.55 -36.83
N TRP A 48 7.61 6.43 -36.39
CA TRP A 48 8.34 5.17 -36.24
C TRP A 48 8.37 4.34 -37.51
N VAL A 49 7.58 4.68 -38.52
CA VAL A 49 7.50 3.79 -39.68
C VAL A 49 8.84 3.79 -40.41
N PRO A 50 9.33 2.64 -40.87
CA PRO A 50 10.66 2.62 -41.51
C PRO A 50 10.77 3.49 -42.75
N LYS A 51 12.03 3.89 -43.02
CA LYS A 51 12.26 4.78 -44.15
C LYS A 51 11.98 4.08 -45.49
N GLU A 52 12.07 2.75 -45.54
CA GLU A 52 11.74 2.05 -46.77
C GLU A 52 10.31 2.31 -47.21
N HIS A 53 9.46 2.81 -46.32
CA HIS A 53 8.08 3.17 -46.65
C HIS A 53 7.83 4.67 -46.53
N GLY A 54 8.87 5.48 -46.65
CA GLY A 54 8.73 6.91 -46.59
C GLY A 54 8.67 7.49 -45.20
N GLY A 55 8.86 6.66 -44.16
CA GLY A 55 8.80 7.15 -42.80
C GLY A 55 10.15 7.62 -42.28
N LEU A 56 10.12 8.24 -41.10
CA LEU A 56 11.35 8.74 -40.47
C LEU A 56 12.14 7.64 -39.79
N GLY A 57 11.51 6.51 -39.50
CA GLY A 57 12.20 5.35 -38.95
C GLY A 57 12.79 5.57 -37.58
N LEU A 58 12.14 6.40 -36.74
CA LEU A 58 12.69 6.66 -35.41
C LEU A 58 12.53 5.42 -34.53
N GLY A 59 13.50 5.20 -33.66
CA GLY A 59 13.48 4.03 -32.80
C GLY A 59 12.50 4.17 -31.64
N LEU A 60 12.27 3.04 -30.97
CA LEU A 60 11.31 3.05 -29.86
C LEU A 60 11.88 3.82 -28.68
N GLU A 61 13.22 3.84 -28.52
CA GLU A 61 13.81 4.66 -27.46
C GLU A 61 13.44 6.12 -27.64
N GLU A 62 13.57 6.64 -28.85
CA GLU A 62 13.14 8.02 -29.10
C GLU A 62 11.63 8.16 -28.94
N SER A 63 10.88 7.12 -29.33
CA SER A 63 9.44 7.16 -29.19
C SER A 63 9.03 7.33 -27.73
N VAL A 64 9.75 6.68 -26.82
CA VAL A 64 9.47 6.83 -25.40
C VAL A 64 9.51 8.29 -25.01
N ARG A 65 10.54 9.02 -25.48
CA ARG A 65 10.67 10.43 -25.12
C ARG A 65 9.58 11.26 -25.78
N ILE A 66 9.30 10.99 -27.04
CA ILE A 66 8.21 11.68 -27.72
C ILE A 66 6.88 11.47 -27.01
N VAL A 67 6.57 10.22 -26.70
CA VAL A 67 5.27 9.92 -26.11
C VAL A 67 5.18 10.54 -24.72
N SER A 68 6.24 10.44 -23.93
CA SER A 68 6.17 11.04 -22.60
C SER A 68 5.91 12.55 -22.70
N GLU A 69 6.45 13.20 -23.73
CA GLU A 69 6.21 14.64 -23.87
C GLU A 69 4.76 14.91 -24.26
N LEU A 70 4.22 14.12 -25.19
CA LEU A 70 2.83 14.27 -25.60
C LEU A 70 1.88 14.01 -24.44
N ALA A 71 2.13 12.94 -23.68
CA ALA A 71 1.23 12.54 -22.60
C ALA A 71 1.28 13.52 -21.44
N TYR A 72 2.43 14.15 -21.23
CA TYR A 72 2.54 15.24 -20.25
C TYR A 72 1.42 16.23 -20.50
N GLY A 73 1.14 16.50 -21.77
CA GLY A 73 0.01 17.33 -22.11
C GLY A 73 -1.31 16.59 -21.99
N ASP A 74 -1.45 15.47 -22.70
CA ASP A 74 -2.73 14.73 -22.67
C ASP A 74 -2.48 13.30 -23.08
N ALA A 75 -2.80 12.36 -22.18
CA ALA A 75 -2.54 10.94 -22.46
C ALA A 75 -3.37 10.41 -23.62
N GLY A 76 -4.58 10.95 -23.83
CA GLY A 76 -5.41 10.52 -24.95
C GLY A 76 -4.88 10.95 -26.30
N VAL A 77 -4.34 12.18 -26.38
CA VAL A 77 -3.64 12.61 -27.59
C VAL A 77 -2.44 11.71 -27.89
N ALA A 78 -1.59 11.48 -26.87
CA ALA A 78 -0.44 10.57 -27.06
C ALA A 78 -0.90 9.20 -27.57
N PHE A 79 -1.88 8.62 -26.91
CA PHE A 79 -2.43 7.30 -27.24
C PHE A 79 -2.85 7.24 -28.71
N THR A 80 -3.66 8.19 -29.12
CA THR A 80 -4.14 8.22 -30.51
C THR A 80 -2.99 8.28 -31.50
N LEU A 81 -1.95 9.02 -31.16
CA LEU A 81 -0.84 9.23 -32.07
C LEU A 81 0.16 8.09 -32.10
N PHE A 82 0.34 7.32 -31.01
CA PHE A 82 1.34 6.25 -31.06
C PHE A 82 0.74 4.87 -31.29
N LEU A 83 -0.52 4.66 -30.92
CA LEU A 83 -1.07 3.31 -30.98
C LEU A 83 -0.97 2.65 -32.36
N PRO A 84 -1.01 3.35 -33.48
CA PRO A 84 -0.86 2.67 -34.77
C PRO A 84 0.44 1.87 -34.91
N VAL A 85 1.43 2.08 -34.04
CA VAL A 85 2.65 1.27 -34.07
C VAL A 85 2.31 -0.20 -33.87
N LEU A 86 1.22 -0.50 -33.16
CA LEU A 86 0.84 -1.91 -33.00
C LEU A 86 0.56 -2.54 -34.37
N THR A 87 -0.26 -1.85 -35.17
CA THR A 87 -0.65 -2.31 -36.49
C THR A 87 0.51 -2.27 -37.48
N THR A 88 1.24 -1.15 -37.53
CA THR A 88 2.27 -1.06 -38.57
C THR A 88 3.43 -2.00 -38.32
N SER A 89 3.73 -2.30 -37.05
CA SER A 89 4.82 -3.23 -36.77
C SER A 89 4.46 -4.65 -37.20
N MET A 90 3.20 -5.06 -36.96
CA MET A 90 2.80 -6.39 -37.42
C MET A 90 2.87 -6.51 -38.94
N ILE A 91 2.33 -5.50 -39.65
CA ILE A 91 2.36 -5.53 -41.11
C ILE A 91 3.79 -5.48 -41.61
N GLY A 92 4.64 -4.69 -40.92
CA GLY A 92 6.02 -4.53 -41.38
C GLY A 92 6.81 -5.82 -41.32
N TRP A 93 6.60 -6.60 -40.27
CA TRP A 93 7.37 -7.84 -40.11
C TRP A 93 6.74 -9.04 -40.80
N TYR A 94 5.42 -9.10 -40.86
CA TYR A 94 4.73 -10.31 -41.31
C TYR A 94 3.79 -10.12 -42.51
N GLY A 95 3.72 -8.92 -43.08
CA GLY A 95 3.00 -8.78 -44.33
C GLY A 95 3.91 -8.99 -45.54
N SER A 96 3.31 -9.36 -46.67
CA SER A 96 4.09 -9.46 -47.88
C SER A 96 4.60 -8.07 -48.28
N GLU A 97 5.61 -8.06 -49.16
CA GLU A 97 6.10 -6.78 -49.66
C GLU A 97 4.99 -6.04 -50.40
N GLU A 98 4.16 -6.78 -51.12
CA GLU A 98 3.05 -6.15 -51.84
C GLU A 98 2.08 -5.50 -50.85
N LEU A 99 1.74 -6.20 -49.78
CA LEU A 99 0.81 -5.65 -48.80
C LEU A 99 1.40 -4.43 -48.11
N LYS A 100 2.69 -4.47 -47.76
CA LYS A 100 3.31 -3.30 -47.12
C LYS A 100 3.27 -2.06 -48.02
N GLU A 101 3.58 -2.22 -49.31
CA GLU A 101 3.54 -1.05 -50.18
C GLU A 101 2.11 -0.55 -50.39
N ARG A 102 1.13 -1.47 -50.40
CA ARG A 102 -0.26 -1.06 -50.61
C ARG A 102 -0.80 -0.25 -49.43
N PHE A 103 -0.38 -0.58 -48.20
CA PHE A 103 -0.93 0.08 -47.02
C PHE A 103 0.02 0.99 -46.27
N LEU A 104 1.28 0.60 -46.08
CA LEU A 104 2.16 1.45 -45.25
C LEU A 104 2.62 2.71 -45.99
N GLY A 105 2.88 2.61 -47.29
CA GLY A 105 3.27 3.75 -48.09
C GLY A 105 2.27 4.88 -47.99
N PRO A 106 1.02 4.60 -48.37
CA PRO A 106 0.00 5.66 -48.29
C PRO A 106 -0.26 6.14 -46.88
N LEU A 107 -0.10 5.26 -45.86
CA LEU A 107 -0.33 5.68 -44.50
C LEU A 107 0.57 6.86 -44.12
N VAL A 108 1.86 6.75 -44.45
CA VAL A 108 2.79 7.81 -44.13
C VAL A 108 2.51 9.05 -44.97
N ALA A 109 2.41 8.87 -46.29
CA ALA A 109 2.31 10.00 -47.20
C ALA A 109 1.02 10.77 -46.99
N ARG A 110 -0.04 10.09 -46.56
CA ARG A 110 -1.35 10.68 -46.39
C ARG A 110 -1.63 11.06 -44.94
N ARG A 111 -0.68 10.81 -44.03
CA ARG A 111 -0.79 11.24 -42.64
C ARG A 111 -2.04 10.62 -42.00
N GLY A 112 -2.20 9.31 -42.19
CA GLY A 112 -3.37 8.61 -41.76
C GLY A 112 -3.18 7.84 -40.46
N PHE A 113 -4.30 7.26 -40.00
CA PHE A 113 -4.33 6.38 -38.85
C PHE A 113 -4.64 4.96 -39.31
N CYS A 114 -4.26 4.00 -38.47
CA CYS A 114 -4.72 2.63 -38.62
C CYS A 114 -4.93 2.04 -37.24
N ALA A 115 -5.61 0.90 -37.19
CA ALA A 115 -6.04 0.33 -35.92
C ALA A 115 -5.95 -1.19 -35.99
N THR A 116 -5.86 -1.80 -34.81
CA THR A 116 -5.88 -3.24 -34.66
C THR A 116 -7.09 -3.63 -33.83
N LEU A 117 -7.79 -4.67 -34.29
CA LEU A 117 -9.05 -5.12 -33.68
C LEU A 117 -8.76 -6.52 -33.14
N GLY A 118 -8.42 -6.59 -31.84
CA GLY A 118 -8.20 -7.86 -31.17
C GLY A 118 -9.33 -8.20 -30.23
N SER A 119 -9.63 -7.26 -29.34
CA SER A 119 -10.50 -7.51 -28.20
C SER A 119 -11.93 -7.86 -28.60
N GLU A 120 -12.55 -8.72 -27.78
CA GLU A 120 -13.94 -9.13 -27.97
C GLU A 120 -14.59 -9.27 -26.61
N HIS A 121 -15.94 -9.09 -26.57
CA HIS A 121 -16.62 -9.09 -25.28
C HIS A 121 -16.62 -10.48 -24.64
N GLU A 122 -17.11 -11.50 -25.35
CA GLU A 122 -17.27 -12.79 -24.71
C GLU A 122 -15.91 -13.46 -24.45
N ALA A 123 -14.96 -13.27 -25.35
CA ALA A 123 -13.65 -13.89 -25.19
C ALA A 123 -12.79 -13.21 -24.12
N GLY A 124 -12.98 -11.92 -23.88
CA GLY A 124 -12.12 -11.23 -22.95
C GLY A 124 -10.67 -11.32 -23.41
N SER A 125 -9.76 -11.50 -22.47
CA SER A 125 -8.36 -11.69 -22.85
C SER A 125 -8.05 -13.13 -23.23
N GLU A 126 -9.03 -14.01 -23.20
CA GLU A 126 -8.84 -15.41 -23.58
C GLU A 126 -9.07 -15.50 -25.09
N LEU A 127 -8.12 -14.89 -25.83
CA LEU A 127 -8.34 -14.67 -27.26
C LEU A 127 -8.33 -15.95 -28.08
N ALA A 128 -7.83 -17.07 -27.52
CA ALA A 128 -8.07 -18.34 -28.18
C ALA A 128 -9.55 -18.61 -28.40
N ARG A 129 -10.42 -17.97 -27.64
CA ARG A 129 -11.86 -18.15 -27.78
C ARG A 129 -12.53 -17.08 -28.68
N ILE A 130 -11.78 -16.31 -29.45
CA ILE A 130 -12.44 -15.28 -30.25
C ILE A 130 -13.46 -15.92 -31.18
N SER A 131 -14.57 -15.19 -31.42
CA SER A 131 -15.65 -15.67 -32.28
C SER A 131 -15.70 -14.95 -33.62
N THR A 132 -14.87 -13.95 -33.84
CA THR A 132 -14.73 -13.35 -35.16
C THR A 132 -14.02 -14.35 -36.06
N THR A 133 -14.66 -14.72 -37.17
CA THR A 133 -14.17 -15.78 -38.02
C THR A 133 -13.72 -15.22 -39.36
N VAL A 134 -12.84 -15.98 -40.00
CA VAL A 134 -12.43 -15.71 -41.38
C VAL A 134 -12.52 -17.03 -42.14
N ARG A 135 -13.17 -16.97 -43.29
CA ARG A 135 -13.44 -18.12 -44.13
C ARG A 135 -12.87 -17.82 -45.50
N ARG A 136 -12.21 -18.81 -46.09
CA ARG A 136 -11.71 -18.64 -47.44
C ARG A 136 -12.82 -18.82 -48.46
N ASP A 137 -12.78 -18.01 -49.49
CA ASP A 137 -13.72 -18.15 -50.57
C ASP A 137 -12.99 -17.90 -51.86
N GLY A 138 -12.38 -18.94 -52.41
CA GLY A 138 -11.45 -18.82 -53.54
C GLY A 138 -10.24 -17.99 -53.11
N ASP A 139 -10.01 -16.91 -53.82
CA ASP A 139 -8.89 -16.02 -53.56
C ASP A 139 -9.23 -14.88 -52.60
N THR A 140 -10.38 -14.94 -51.94
CA THR A 140 -10.82 -13.90 -51.02
C THR A 140 -11.05 -14.52 -49.64
N LEU A 141 -10.96 -13.64 -48.63
CA LEU A 141 -11.27 -13.97 -47.26
C LEU A 141 -12.54 -13.24 -46.84
N VAL A 142 -13.37 -13.90 -46.05
CA VAL A 142 -14.66 -13.37 -45.61
C VAL A 142 -14.67 -13.33 -44.09
N LEU A 143 -14.91 -12.13 -43.54
CA LEU A 143 -14.89 -11.90 -42.10
C LEU A 143 -16.30 -11.73 -41.56
N ASP A 144 -16.56 -12.32 -40.39
CA ASP A 144 -17.83 -12.16 -39.71
C ASP A 144 -17.60 -12.11 -38.21
N GLY A 145 -18.23 -11.16 -37.53
CA GLY A 145 -18.13 -11.12 -36.08
C GLY A 145 -18.04 -9.72 -35.53
N THR A 146 -18.08 -9.62 -34.20
CA THR A 146 -18.07 -8.32 -33.51
C THR A 146 -16.80 -8.17 -32.69
N LYS A 147 -16.15 -7.02 -32.84
CA LYS A 147 -14.95 -6.66 -32.11
C LYS A 147 -15.28 -5.56 -31.11
N ALA A 148 -14.74 -5.70 -29.89
CA ALA A 148 -15.26 -4.94 -28.75
C ALA A 148 -14.77 -3.51 -28.73
N PHE A 149 -13.46 -3.29 -28.78
CA PHE A 149 -12.85 -1.96 -28.61
C PHE A 149 -11.75 -1.79 -29.65
N SER A 150 -11.76 -0.68 -30.38
CA SER A 150 -10.61 -0.40 -31.23
C SER A 150 -10.51 1.12 -31.39
N THR A 151 -9.32 1.65 -31.19
CA THR A 151 -9.09 3.08 -31.18
C THR A 151 -8.83 3.62 -32.58
N SER A 152 -9.56 4.69 -32.94
CA SER A 152 -9.45 5.48 -34.15
C SER A 152 -10.03 4.81 -35.38
N THR A 153 -10.67 3.67 -35.23
CA THR A 153 -11.11 2.91 -36.38
C THR A 153 -12.00 3.71 -37.31
N ASP A 154 -12.89 4.54 -36.76
CA ASP A 154 -13.86 5.20 -37.64
C ASP A 154 -13.18 6.11 -38.65
N PHE A 155 -12.03 6.70 -38.28
CA PHE A 155 -11.32 7.60 -39.19
C PHE A 155 -9.96 7.03 -39.63
N ALA A 156 -9.76 5.73 -39.41
CA ALA A 156 -8.56 5.03 -39.87
C ALA A 156 -8.62 4.74 -41.36
N ARG A 157 -7.43 4.59 -41.97
CA ARG A 157 -7.36 4.20 -43.39
C ARG A 157 -7.61 2.71 -43.55
N PHE A 158 -7.12 1.92 -42.60
CA PHE A 158 -7.23 0.46 -42.67
C PHE A 158 -7.09 -0.09 -41.26
N LEU A 159 -7.45 -1.37 -41.14
CA LEU A 159 -7.46 -2.09 -39.87
C LEU A 159 -6.71 -3.42 -40.07
N VAL A 160 -6.27 -4.00 -38.95
CA VAL A 160 -5.85 -5.40 -38.90
C VAL A 160 -6.74 -6.06 -37.87
N VAL A 161 -7.48 -7.08 -38.30
CA VAL A 161 -8.44 -7.78 -37.46
C VAL A 161 -7.86 -9.16 -37.15
N ILE A 162 -7.89 -9.53 -35.87
CA ILE A 162 -7.47 -10.86 -35.44
C ILE A 162 -8.68 -11.78 -35.49
N ALA A 163 -8.61 -12.84 -36.29
CA ALA A 163 -9.75 -13.71 -36.50
C ALA A 163 -9.33 -15.18 -36.38
N ARG A 164 -10.32 -16.02 -36.13
CA ARG A 164 -10.15 -17.45 -36.09
C ARG A 164 -10.64 -18.04 -37.40
N SER A 165 -9.85 -18.94 -37.98
CA SER A 165 -10.23 -19.57 -39.24
C SER A 165 -11.44 -20.48 -39.05
N ALA A 166 -12.40 -20.34 -39.95
CA ALA A 166 -13.54 -21.24 -40.00
C ALA A 166 -13.24 -22.52 -40.77
N ASP A 167 -12.02 -22.64 -41.32
CA ASP A 167 -11.66 -23.76 -42.18
C ASP A 167 -10.60 -24.68 -41.57
N ASP A 168 -10.24 -24.48 -40.31
CA ASP A 168 -9.15 -25.18 -39.64
C ASP A 168 -9.55 -25.51 -38.21
N PRO A 169 -8.90 -26.51 -37.58
CA PRO A 169 -9.19 -26.79 -36.17
C PRO A 169 -8.94 -25.64 -35.23
N ALA A 170 -7.73 -25.07 -35.25
CA ALA A 170 -7.41 -23.92 -34.38
C ALA A 170 -6.30 -23.12 -35.05
N ARG A 171 -6.70 -22.28 -36.00
CA ARG A 171 -5.79 -21.38 -36.72
C ARG A 171 -6.30 -19.97 -36.55
N TYR A 172 -5.38 -19.05 -36.22
CA TYR A 172 -5.69 -17.64 -36.00
C TYR A 172 -4.95 -16.83 -37.04
N THR A 173 -5.61 -15.80 -37.57
CA THR A 173 -5.08 -15.08 -38.70
C THR A 173 -5.32 -13.59 -38.49
N ALA A 174 -4.30 -12.79 -38.75
CA ALA A 174 -4.42 -11.34 -38.77
C ALA A 174 -4.71 -10.89 -40.20
N VAL A 175 -5.81 -10.17 -40.39
CA VAL A 175 -6.30 -9.82 -41.74
C VAL A 175 -6.40 -8.31 -41.87
N THR A 176 -5.83 -7.76 -42.93
CA THR A 176 -5.89 -6.33 -43.17
C THR A 176 -7.18 -6.02 -43.90
N VAL A 177 -7.88 -4.97 -43.44
CA VAL A 177 -9.18 -4.61 -44.00
C VAL A 177 -9.18 -3.11 -44.26
N PRO A 178 -9.45 -2.67 -45.48
CA PRO A 178 -9.55 -1.22 -45.73
C PRO A 178 -10.81 -0.65 -45.10
N ARG A 179 -10.76 0.61 -44.73
CA ARG A 179 -11.88 1.22 -44.02
C ARG A 179 -13.19 1.17 -44.82
N ASP A 180 -13.12 1.28 -46.14
CA ASP A 180 -14.31 1.29 -46.98
C ASP A 180 -14.79 -0.09 -47.43
N ALA A 181 -14.25 -1.14 -46.86
CA ALA A 181 -14.74 -2.48 -47.19
C ALA A 181 -16.23 -2.60 -46.90
N PRO A 182 -17.06 -2.99 -47.87
CA PRO A 182 -18.45 -3.32 -47.56
C PRO A 182 -18.53 -4.44 -46.52
N GLY A 183 -19.50 -4.31 -45.61
CA GLY A 183 -19.64 -5.24 -44.53
C GLY A 183 -18.96 -4.85 -43.24
N LEU A 184 -18.23 -3.75 -43.22
CA LEU A 184 -17.59 -3.21 -42.03
C LEU A 184 -18.51 -2.15 -41.44
N ARG A 185 -18.92 -2.34 -40.19
CA ARG A 185 -19.84 -1.43 -39.54
C ARG A 185 -19.22 -0.95 -38.25
N VAL A 186 -19.17 0.35 -38.05
CA VAL A 186 -18.81 0.93 -36.76
C VAL A 186 -20.11 1.06 -35.95
N ASP A 187 -20.24 0.19 -34.94
CA ASP A 187 -21.47 0.10 -34.18
C ASP A 187 -21.70 1.34 -33.32
N LYS A 188 -20.65 1.81 -32.63
CA LYS A 188 -20.77 2.89 -31.68
C LYS A 188 -19.40 3.34 -31.20
N ARG A 189 -19.37 4.54 -30.62
CA ARG A 189 -18.20 5.04 -29.93
C ARG A 189 -18.39 4.90 -28.43
N TRP A 190 -17.37 4.38 -27.74
CA TRP A 190 -17.44 4.15 -26.31
C TRP A 190 -17.29 5.48 -25.56
N ASP A 191 -18.14 5.67 -24.55
CA ASP A 191 -18.07 6.86 -23.70
C ASP A 191 -17.05 6.58 -22.58
N VAL A 192 -15.77 6.79 -22.92
CA VAL A 192 -14.66 6.45 -22.03
C VAL A 192 -14.56 7.46 -20.90
N ILE A 193 -14.10 6.98 -19.72
CA ILE A 193 -14.06 7.85 -18.55
C ILE A 193 -12.89 8.80 -18.59
N GLY A 194 -11.80 8.41 -19.25
CA GLY A 194 -10.63 9.24 -19.43
C GLY A 194 -10.10 9.06 -20.85
N MET A 195 -8.99 9.72 -21.13
CA MET A 195 -8.46 9.78 -22.51
C MET A 195 -9.57 10.17 -23.48
N ARG A 196 -10.37 11.17 -23.08
CA ARG A 196 -11.53 11.57 -23.86
C ARG A 196 -11.16 12.43 -25.08
N ALA A 197 -9.88 12.61 -25.35
CA ALA A 197 -9.40 13.09 -26.65
C ALA A 197 -9.16 11.95 -27.66
N SER A 198 -9.22 10.69 -27.21
CA SER A 198 -9.16 9.54 -28.09
C SER A 198 -10.57 9.05 -28.37
N ALA A 199 -10.72 8.26 -29.43
CA ALA A 199 -12.01 7.72 -29.86
C ALA A 199 -11.85 6.21 -30.05
N THR A 200 -12.65 5.44 -29.35
CA THR A 200 -12.59 3.98 -29.36
C THR A 200 -13.98 3.43 -29.68
N TYR A 201 -14.01 2.40 -30.51
CA TYR A 201 -15.24 1.95 -31.15
C TYR A 201 -15.46 0.46 -31.02
N GLN A 202 -16.74 0.09 -31.02
CA GLN A 202 -17.17 -1.28 -31.26
C GLN A 202 -17.43 -1.45 -32.76
N VAL A 203 -16.92 -2.52 -33.34
CA VAL A 203 -16.92 -2.71 -34.78
C VAL A 203 -17.42 -4.10 -35.10
N SER A 204 -18.27 -4.22 -36.14
CA SER A 204 -18.78 -5.53 -36.53
C SER A 204 -18.53 -5.77 -38.02
N PHE A 205 -18.42 -7.06 -38.35
CA PHE A 205 -18.20 -7.52 -39.72
C PHE A 205 -19.32 -8.44 -40.14
N SER A 206 -19.89 -8.20 -41.32
CA SER A 206 -20.90 -9.10 -41.86
C SER A 206 -20.58 -9.31 -43.34
N ASP A 207 -20.15 -10.53 -43.68
CA ASP A 207 -19.78 -10.87 -45.05
C ASP A 207 -18.79 -9.87 -45.61
N CYS A 208 -17.84 -9.46 -44.80
CA CYS A 208 -16.84 -8.49 -45.21
C CYS A 208 -15.73 -9.22 -45.96
N ARG A 209 -15.55 -8.90 -47.24
CA ARG A 209 -14.67 -9.65 -48.11
C ARG A 209 -13.43 -8.86 -48.48
N VAL A 210 -12.27 -9.50 -48.42
CA VAL A 210 -11.00 -8.86 -48.79
C VAL A 210 -10.14 -9.86 -49.53
N PRO A 211 -9.16 -9.38 -50.30
CA PRO A 211 -8.28 -10.30 -51.03
C PRO A 211 -7.48 -11.18 -50.08
N GLY A 212 -7.20 -12.41 -50.53
CA GLY A 212 -6.44 -13.32 -49.67
C GLY A 212 -5.07 -12.79 -49.30
N ASP A 213 -4.48 -11.97 -50.18
CA ASP A 213 -3.16 -11.41 -49.89
C ASP A 213 -3.20 -10.35 -48.80
N ASN A 214 -4.38 -10.03 -48.27
CA ASN A 214 -4.46 -9.12 -47.14
C ASN A 214 -4.13 -9.81 -45.82
N ALA A 215 -4.02 -11.14 -45.78
CA ALA A 215 -3.68 -11.84 -44.55
C ALA A 215 -2.19 -11.71 -44.24
N LEU A 216 -1.86 -11.41 -42.99
CA LEU A 216 -0.47 -11.51 -42.58
C LEU A 216 -0.06 -12.98 -42.45
N ASN A 217 1.25 -13.22 -42.50
CA ASN A 217 1.84 -14.57 -42.48
C ASN A 217 2.23 -14.90 -41.04
N GLY A 218 1.51 -15.81 -40.42
CA GLY A 218 1.84 -16.28 -39.08
C GLY A 218 0.62 -16.47 -38.20
N ASN A 219 0.83 -17.19 -37.09
CA ASN A 219 -0.19 -17.34 -36.06
C ASN A 219 -0.66 -15.98 -35.55
N GLY A 220 -1.95 -15.69 -35.76
CA GLY A 220 -2.43 -14.33 -35.53
C GLY A 220 -2.31 -13.88 -34.10
N LEU A 221 -2.43 -14.83 -33.13
CA LEU A 221 -2.32 -14.45 -31.72
C LEU A 221 -0.87 -14.17 -31.32
N ARG A 222 0.08 -14.87 -31.96
CA ARG A 222 1.48 -14.55 -31.76
C ARG A 222 1.88 -13.24 -32.41
N LEU A 223 1.40 -12.98 -33.63
CA LEU A 223 1.67 -11.68 -34.23
C LEU A 223 1.13 -10.57 -33.34
N LEU A 224 -0.06 -10.75 -32.78
CA LEU A 224 -0.62 -9.72 -31.93
C LEU A 224 0.29 -9.46 -30.73
N GLU A 225 0.73 -10.52 -30.08
CA GLU A 225 1.61 -10.41 -28.92
C GLU A 225 2.88 -9.67 -29.27
N ILE A 226 3.42 -9.91 -30.47
CA ILE A 226 4.63 -9.22 -30.92
C ILE A 226 4.34 -7.73 -31.18
N GLY A 227 3.23 -7.44 -31.82
CA GLY A 227 2.88 -6.04 -32.07
C GLY A 227 2.67 -5.29 -30.77
N LEU A 228 2.15 -5.98 -29.74
CA LEU A 228 1.88 -5.30 -28.47
C LEU A 228 3.14 -4.96 -27.71
N ASN A 229 4.30 -5.53 -28.09
CA ASN A 229 5.53 -5.14 -27.37
C ASN A 229 5.74 -3.62 -27.48
N ALA A 230 5.56 -3.06 -28.67
CA ALA A 230 5.81 -1.64 -28.88
C ALA A 230 4.75 -0.81 -28.16
N SER A 231 3.48 -1.17 -28.34
CA SER A 231 2.41 -0.36 -27.77
C SER A 231 2.39 -0.44 -26.25
N ARG A 232 2.75 -1.60 -25.67
CA ARG A 232 2.78 -1.67 -24.21
CA ARG A 232 2.80 -1.67 -24.21
C ARG A 232 3.89 -0.78 -23.63
N ILE A 233 5.06 -0.74 -24.28
CA ILE A 233 6.14 0.14 -23.84
C ILE A 233 5.70 1.58 -23.93
N LEU A 234 4.98 1.93 -24.99
CA LEU A 234 4.60 3.34 -25.13
C LEU A 234 3.44 3.70 -24.20
N ILE A 235 2.55 2.75 -23.86
CA ILE A 235 1.58 3.04 -22.79
C ILE A 235 2.31 3.32 -21.48
N ALA A 236 3.40 2.59 -21.23
CA ALA A 236 4.21 2.86 -20.05
C ALA A 236 4.78 4.26 -20.11
N ALA A 237 5.30 4.65 -21.27
CA ALA A 237 5.87 5.98 -21.44
C ALA A 237 4.81 7.07 -21.27
N SER A 238 3.58 6.78 -21.69
CA SER A 238 2.46 7.71 -21.48
C SER A 238 2.17 7.91 -20.00
N ALA A 239 2.09 6.80 -19.24
CA ALA A 239 1.88 6.94 -17.80
C ALA A 239 3.01 7.74 -17.16
N LEU A 240 4.25 7.52 -17.60
CA LEU A 240 5.40 8.30 -17.12
C LEU A 240 5.19 9.80 -17.38
N GLY A 241 4.77 10.14 -18.61
CA GLY A 241 4.49 11.55 -18.91
C GLY A 241 3.43 12.17 -18.02
N VAL A 242 2.35 11.44 -17.76
CA VAL A 242 1.32 11.94 -16.88
C VAL A 242 1.87 12.12 -15.47
N ALA A 243 2.69 11.17 -15.00
CA ALA A 243 3.27 11.30 -13.65
C ALA A 243 4.15 12.54 -13.54
N ARG A 244 4.92 12.85 -14.59
CA ARG A 244 5.69 14.07 -14.61
C ARG A 244 4.78 15.30 -14.50
N ARG A 245 3.64 15.25 -15.20
CA ARG A 245 2.72 16.38 -15.15
C ARG A 245 2.17 16.55 -13.73
N ILE A 246 1.83 15.44 -13.08
CA ILE A 246 1.27 15.49 -11.73
C ILE A 246 2.28 16.11 -10.76
N ARG A 247 3.53 15.66 -10.83
CA ARG A 247 4.60 16.26 -10.06
C ARG A 247 4.64 17.77 -10.28
N ASP A 248 4.62 18.19 -11.54
CA ASP A 248 4.75 19.63 -11.82
C ASP A 248 3.52 20.42 -11.35
N VAL A 249 2.31 19.86 -11.51
CA VAL A 249 1.09 20.49 -11.00
C VAL A 249 1.16 20.67 -9.48
N CYS A 250 1.68 19.66 -8.78
CA CYS A 250 1.87 19.77 -7.34
C CYS A 250 2.83 20.91 -7.00
N MET A 251 3.97 20.98 -7.71
CA MET A 251 4.93 22.04 -7.42
C MET A 251 4.35 23.43 -7.70
N GLU A 252 3.58 23.59 -8.78
CA GLU A 252 3.02 24.90 -9.09
C GLU A 252 2.01 25.30 -8.02
N TYR A 253 1.20 24.33 -7.55
CA TYR A 253 0.28 24.59 -6.44
C TYR A 253 1.04 24.93 -5.16
N GLY A 254 2.09 24.17 -4.86
CA GLY A 254 2.83 24.37 -3.63
C GLY A 254 3.55 25.69 -3.53
N LYS A 255 3.85 26.32 -4.66
CA LYS A 255 4.56 27.59 -4.57
C LYS A 255 3.69 28.70 -4.00
N THR A 256 2.39 28.65 -4.25
CA THR A 256 1.49 29.73 -3.85
C THR A 256 0.56 29.33 -2.71
N LYS A 257 0.40 28.06 -2.41
CA LYS A 257 -0.35 27.63 -1.24
C LYS A 257 0.47 27.89 0.01
N SER A 258 -0.15 28.46 1.03
CA SER A 258 0.53 28.73 2.28
CA SER A 258 0.53 28.73 2.28
C SER A 258 0.14 27.69 3.34
N LEU A 259 1.10 27.34 4.18
CA LEU A 259 0.88 26.46 5.31
C LEU A 259 1.86 26.84 6.42
N LYS A 260 1.32 27.05 7.63
CA LYS A 260 2.18 27.38 8.78
C LYS A 260 3.06 28.59 8.48
N GLY A 261 2.53 29.53 7.70
CA GLY A 261 3.20 30.78 7.45
C GLY A 261 4.25 30.76 6.36
N ALA A 262 4.38 29.68 5.61
CA ALA A 262 5.35 29.61 4.52
C ALA A 262 4.73 28.87 3.36
N PRO A 263 5.30 28.99 2.16
CA PRO A 263 4.79 28.22 1.02
C PRO A 263 4.80 26.73 1.32
N LEU A 264 3.86 26.01 0.71
CA LEU A 264 3.75 24.58 0.94
C LEU A 264 4.99 23.84 0.46
N VAL A 265 5.70 24.38 -0.53
CA VAL A 265 6.95 23.76 -0.98
C VAL A 265 8.01 23.67 0.11
N LYS A 266 7.84 24.37 1.21
CA LYS A 266 8.76 24.31 2.34
C LYS A 266 8.35 23.29 3.38
N ASP A 267 7.20 22.64 3.21
CA ASP A 267 6.65 21.79 4.24
C ASP A 267 7.23 20.37 4.12
N GLY A 268 7.48 19.74 5.29
CA GLY A 268 8.16 18.45 5.30
C GLY A 268 7.34 17.32 4.73
N VAL A 269 6.04 17.31 5.01
CA VAL A 269 5.18 16.26 4.45
C VAL A 269 5.11 16.39 2.94
N PHE A 270 4.96 17.63 2.44
CA PHE A 270 4.96 17.85 0.99
C PHE A 270 6.27 17.42 0.35
N ALA A 271 7.41 17.83 0.96
CA ALA A 271 8.71 17.47 0.42
C ALA A 271 8.85 15.96 0.32
N GLY A 272 8.37 15.24 1.35
CA GLY A 272 8.49 13.80 1.30
C GLY A 272 7.69 13.19 0.16
N ARG A 273 6.47 13.68 -0.04
CA ARG A 273 5.66 13.13 -1.12
C ARG A 273 6.28 13.38 -2.50
N LEU A 274 6.80 14.59 -2.70
CA LEU A 274 7.40 14.94 -3.98
C LEU A 274 8.75 14.26 -4.19
N GLY A 275 9.54 14.08 -3.13
CA GLY A 275 10.74 13.26 -3.26
C GLY A 275 10.42 11.83 -3.65
N GLN A 276 9.37 11.27 -3.06
CA GLN A 276 8.93 9.92 -3.43
C GLN A 276 8.46 9.88 -4.87
N PHE A 277 7.66 10.87 -5.29
CA PHE A 277 7.23 10.96 -6.70
C PHE A 277 8.42 10.97 -7.64
N GLU A 278 9.43 11.79 -7.33
CA GLU A 278 10.58 11.93 -8.20
C GLU A 278 11.37 10.61 -8.28
N MET A 279 11.50 9.90 -7.16
CA MET A 279 12.11 8.57 -7.20
C MET A 279 11.32 7.67 -8.14
N GLN A 280 10.00 7.67 -8.02
CA GLN A 280 9.18 6.77 -8.84
C GLN A 280 9.26 7.13 -10.33
N ILE A 281 9.32 8.44 -10.64
CA ILE A 281 9.45 8.87 -12.02
C ILE A 281 10.78 8.44 -12.59
N ASP A 282 11.86 8.54 -11.80
CA ASP A 282 13.16 8.12 -12.28
C ASP A 282 13.18 6.64 -12.58
N VAL A 283 12.58 5.84 -11.72
CA VAL A 283 12.57 4.38 -11.92
C VAL A 283 11.72 4.04 -13.15
N MET A 284 10.56 4.69 -13.29
CA MET A 284 9.73 4.45 -14.46
C MET A 284 10.46 4.78 -15.74
N ALA A 285 11.17 5.92 -15.76
CA ALA A 285 11.91 6.34 -16.93
C ALA A 285 12.99 5.34 -17.28
N ASN A 286 13.72 4.86 -16.30
CA ASN A 286 14.77 3.89 -16.60
C ASN A 286 14.21 2.55 -17.06
N GLN A 287 13.04 2.17 -16.55
CA GLN A 287 12.41 0.94 -17.02
C GLN A 287 11.95 1.05 -18.45
N CYS A 288 11.32 2.18 -18.80
CA CYS A 288 10.84 2.40 -20.17
C CYS A 288 11.99 2.41 -21.15
N LEU A 289 13.08 3.10 -20.79
CA LEU A 289 14.24 3.19 -21.67
C LEU A 289 14.92 1.82 -21.83
N ALA A 290 14.98 1.03 -20.76
CA ALA A 290 15.57 -0.31 -20.88
C ALA A 290 14.75 -1.19 -21.82
N ALA A 291 13.43 -1.17 -21.67
CA ALA A 291 12.56 -1.97 -22.52
C ALA A 291 12.67 -1.52 -23.97
N ALA A 292 12.68 -0.20 -24.19
CA ALA A 292 12.78 0.31 -25.55
C ALA A 292 14.13 -0.01 -26.17
N ARG A 293 15.21 0.03 -25.41
CA ARG A 293 16.50 -0.29 -25.97
C ARG A 293 16.58 -1.76 -26.36
N ALA A 294 15.97 -2.63 -25.56
CA ALA A 294 15.96 -4.05 -25.87
C ALA A 294 15.13 -4.30 -27.12
N TYR A 295 13.98 -3.60 -27.22
CA TYR A 295 13.13 -3.70 -28.40
C TYR A 295 13.90 -3.27 -29.63
N ASP A 296 14.56 -2.10 -29.55
CA ASP A 296 15.31 -1.58 -30.70
C ASP A 296 16.45 -2.52 -31.10
N ALA A 297 17.14 -3.11 -30.12
CA ALA A 297 18.26 -4.02 -30.48
C ALA A 297 17.76 -5.25 -31.24
N THR A 298 16.62 -5.79 -30.84
CA THR A 298 16.05 -6.91 -31.57
C THR A 298 15.57 -6.49 -32.95
N ALA A 299 14.89 -5.33 -33.05
CA ALA A 299 14.36 -4.90 -34.34
C ALA A 299 15.48 -4.60 -35.35
N ALA A 300 16.68 -4.27 -34.86
CA ALA A 300 17.80 -4.01 -35.74
C ALA A 300 18.38 -5.27 -36.36
N ARG A 301 17.96 -6.41 -35.92
CA ARG A 301 18.57 -7.61 -36.48
C ARG A 301 17.97 -7.92 -37.85
N PRO A 302 18.76 -8.44 -38.78
CA PRO A 302 18.24 -8.70 -40.13
C PRO A 302 17.17 -9.77 -40.15
N ASP A 303 17.14 -10.66 -39.15
CA ASP A 303 16.16 -11.74 -39.06
C ASP A 303 15.13 -11.45 -37.98
N ALA A 304 14.82 -10.18 -37.74
CA ALA A 304 14.01 -9.78 -36.61
C ALA A 304 12.67 -10.49 -36.59
N ALA A 305 11.99 -10.58 -37.72
CA ALA A 305 10.68 -11.22 -37.76
C ALA A 305 10.76 -12.66 -37.25
N ARG A 306 11.75 -13.40 -37.71
CA ARG A 306 11.94 -14.77 -37.25
C ARG A 306 12.28 -14.83 -35.77
N VAL A 307 13.21 -13.97 -35.33
CA VAL A 307 13.57 -13.92 -33.92
C VAL A 307 12.36 -13.63 -33.05
N LEU A 308 11.50 -12.72 -33.50
CA LEU A 308 10.37 -12.32 -32.69
C LEU A 308 9.29 -13.40 -32.63
N LEU A 309 9.13 -14.19 -33.68
CA LEU A 309 8.24 -15.33 -33.58
C LEU A 309 8.69 -16.27 -32.46
N ARG A 310 10.00 -16.47 -32.31
CA ARG A 310 10.50 -17.32 -31.22
C ARG A 310 10.35 -16.65 -29.86
N GLN A 311 10.61 -15.35 -29.80
CA GLN A 311 10.60 -14.61 -28.54
C GLN A 311 9.18 -14.32 -28.06
N GLY A 312 8.30 -13.91 -28.97
CA GLY A 312 6.97 -13.48 -28.56
C GLY A 312 7.01 -12.23 -27.68
N ALA A 313 6.16 -12.24 -26.67
CA ALA A 313 6.11 -11.12 -25.73
C ALA A 313 7.46 -10.88 -25.07
N GLN A 314 7.87 -9.63 -25.04
CA GLN A 314 9.12 -9.18 -24.47
C GLN A 314 8.92 -8.94 -22.97
N LYS A 315 9.71 -9.63 -22.14
CA LYS A 315 9.53 -9.53 -20.70
C LYS A 315 9.45 -8.07 -20.24
N SER A 316 10.43 -7.24 -20.64
CA SER A 316 10.47 -5.87 -20.14
C SER A 316 9.45 -4.95 -20.77
N ALA A 317 8.84 -5.34 -21.90
CA ALA A 317 7.65 -4.60 -22.35
C ALA A 317 6.48 -4.85 -21.42
N LEU A 318 6.29 -6.09 -20.98
CA LEU A 318 5.20 -6.38 -20.06
C LEU A 318 5.44 -5.70 -18.73
N THR A 319 6.65 -5.85 -18.17
CA THR A 319 6.94 -5.30 -16.85
C THR A 319 6.93 -3.77 -16.87
N ALA A 320 7.31 -3.16 -17.99
CA ALA A 320 7.23 -1.70 -18.07
C ALA A 320 5.78 -1.22 -17.95
N LYS A 321 4.86 -1.83 -18.70
CA LYS A 321 3.47 -1.39 -18.62
C LYS A 321 2.89 -1.68 -17.24
N MET A 322 3.18 -2.85 -16.70
CA MET A 322 2.71 -3.19 -15.36
C MET A 322 3.22 -2.18 -14.33
N PHE A 323 4.52 -1.91 -14.34
CA PHE A 323 5.10 -1.05 -13.31
C PHE A 323 4.62 0.39 -13.46
N CYS A 324 4.72 0.93 -14.67
CA CYS A 324 4.35 2.33 -14.88
C CYS A 324 2.86 2.57 -14.68
N GLY A 325 2.04 1.63 -15.10
CA GLY A 325 0.61 1.76 -14.87
C GLY A 325 0.27 1.77 -13.39
N GLN A 326 0.92 0.92 -12.60
CA GLN A 326 0.62 0.86 -11.17
C GLN A 326 1.17 2.10 -10.49
N THR A 327 2.40 2.48 -10.85
CA THR A 327 3.09 3.56 -10.15
C THR A 327 2.45 4.90 -10.46
N ALA A 328 2.15 5.15 -11.73
CA ALA A 328 1.53 6.42 -12.09
C ALA A 328 0.15 6.56 -11.45
N TRP A 329 -0.60 5.45 -11.38
CA TRP A 329 -1.87 5.46 -10.66
C TRP A 329 -1.68 5.79 -9.19
N GLN A 330 -0.66 5.21 -8.56
CA GLN A 330 -0.41 5.49 -7.15
C GLN A 330 -0.06 6.96 -6.93
N ILE A 331 0.69 7.55 -7.86
CA ILE A 331 1.05 8.95 -7.76
C ILE A 331 -0.20 9.80 -7.89
N ALA A 332 -1.04 9.49 -8.86
CA ALA A 332 -2.27 10.27 -9.06
C ALA A 332 -3.19 10.15 -7.86
N SER A 333 -3.27 8.93 -7.29
CA SER A 333 -4.12 8.71 -6.13
CA SER A 333 -4.11 8.70 -6.12
C SER A 333 -3.66 9.55 -4.93
N THR A 334 -2.36 9.55 -4.66
CA THR A 334 -1.84 10.41 -3.60
C THR A 334 -2.14 11.87 -3.89
N ALA A 335 -1.88 12.31 -5.11
CA ALA A 335 -2.03 13.72 -5.46
C ALA A 335 -3.48 14.16 -5.42
N SER A 336 -4.42 13.25 -5.61
CA SER A 336 -5.83 13.63 -5.67
C SER A 336 -6.32 14.17 -4.32
N GLU A 337 -5.57 13.94 -3.25
CA GLU A 337 -5.90 14.46 -1.93
C GLU A 337 -5.00 15.63 -1.50
N MET A 338 -4.05 16.06 -2.34
CA MET A 338 -3.03 17.01 -1.92
C MET A 338 -3.43 18.46 -2.16
N PHE A 339 -4.61 18.71 -2.77
CA PHE A 339 -5.06 20.05 -3.13
C PHE A 339 -6.28 20.47 -2.34
N GLY A 340 -6.60 19.78 -1.25
CA GLY A 340 -7.81 20.09 -0.51
C GLY A 340 -9.05 20.10 -1.39
N GLY A 341 -10.01 20.96 -1.02
CA GLY A 341 -11.29 20.98 -1.69
C GLY A 341 -11.23 21.39 -3.14
N ILE A 342 -10.34 22.33 -3.48
CA ILE A 342 -10.26 22.78 -4.88
C ILE A 342 -9.83 21.62 -5.78
N GLY A 343 -9.05 20.68 -5.23
CA GLY A 343 -8.70 19.48 -5.98
C GLY A 343 -9.89 18.59 -6.33
N TYR A 344 -11.00 18.78 -5.65
CA TYR A 344 -12.25 18.08 -5.93
C TYR A 344 -13.12 18.84 -6.94
N THR A 345 -12.55 19.82 -7.65
CA THR A 345 -13.26 20.53 -8.69
C THR A 345 -12.47 20.51 -9.99
N HIS A 346 -13.15 20.91 -11.07
CA HIS A 346 -12.50 21.02 -12.37
C HIS A 346 -11.64 22.28 -12.49
N ASP A 347 -11.58 23.11 -11.44
CA ASP A 347 -10.58 24.19 -11.43
C ASP A 347 -9.16 23.66 -11.36
N MET A 348 -8.96 22.43 -10.94
CA MET A 348 -7.65 21.77 -10.93
C MET A 348 -7.69 20.59 -11.89
N VAL A 349 -6.55 20.26 -12.47
CA VAL A 349 -6.49 19.23 -13.50
C VAL A 349 -6.32 17.84 -12.92
N ILE A 350 -6.11 17.70 -11.59
CA ILE A 350 -5.77 16.38 -11.08
C ILE A 350 -6.88 15.38 -11.32
N GLY A 351 -8.12 15.80 -11.21
CA GLY A 351 -9.21 14.86 -11.47
C GLY A 351 -9.15 14.24 -12.86
N LYS A 352 -8.87 15.04 -13.87
CA LYS A 352 -8.71 14.55 -15.23
C LYS A 352 -7.47 13.64 -15.35
N LEU A 353 -6.36 14.04 -14.75
CA LEU A 353 -5.14 13.23 -14.86
C LEU A 353 -5.31 11.87 -14.22
N LEU A 354 -6.08 11.81 -13.13
CA LEU A 354 -6.39 10.54 -12.49
C LEU A 354 -7.20 9.64 -13.43
N ARG A 355 -8.20 10.19 -14.09
CA ARG A 355 -9.00 9.40 -15.01
C ARG A 355 -8.17 8.98 -16.22
N ASP A 356 -7.35 9.89 -16.72
CA ASP A 356 -6.47 9.59 -17.85
C ASP A 356 -5.47 8.47 -17.49
N VAL A 357 -4.78 8.60 -16.36
CA VAL A 357 -3.73 7.66 -16.04
C VAL A 357 -4.28 6.28 -15.70
N ARG A 358 -5.57 6.20 -15.32
CA ARG A 358 -6.18 4.91 -15.00
C ARG A 358 -6.14 3.93 -16.17
N HIS A 359 -6.05 4.42 -17.41
CA HIS A 359 -6.07 3.55 -18.56
C HIS A 359 -4.88 2.60 -18.60
N ALA A 360 -3.75 3.01 -18.04
CA ALA A 360 -2.50 2.31 -18.32
C ALA A 360 -2.47 0.90 -17.73
N SER A 361 -3.09 0.67 -16.59
CA SER A 361 -3.16 -0.65 -15.99
C SER A 361 -4.28 -1.52 -16.57
N ILE A 362 -5.18 -0.96 -17.36
CA ILE A 362 -6.35 -1.67 -17.86
C ILE A 362 -6.14 -2.15 -19.29
N ILE A 363 -5.62 -1.26 -20.14
CA ILE A 363 -5.63 -1.46 -21.59
C ILE A 363 -4.43 -2.30 -22.01
N GLU A 364 -4.65 -3.12 -23.07
CA GLU A 364 -3.62 -4.03 -23.58
C GLU A 364 -3.19 -5.00 -22.47
N GLY A 365 -4.19 -5.48 -21.74
CA GLY A 365 -3.97 -6.51 -20.75
C GLY A 365 -3.89 -5.91 -19.36
N GLY A 366 -4.85 -6.27 -18.52
CA GLY A 366 -4.81 -5.86 -17.15
C GLY A 366 -3.73 -6.60 -16.37
N ASP A 367 -3.58 -6.22 -15.13
CA ASP A 367 -2.46 -6.75 -14.37
C ASP A 367 -2.69 -8.17 -13.89
N ASP A 368 -3.94 -8.64 -13.83
CA ASP A 368 -4.14 -10.08 -13.55
C ASP A 368 -3.66 -10.91 -14.74
N VAL A 369 -4.04 -10.48 -15.94
CA VAL A 369 -3.58 -11.11 -17.18
C VAL A 369 -2.06 -11.05 -17.29
N LEU A 370 -1.48 -9.86 -17.03
CA LEU A 370 -0.06 -9.69 -17.29
C LEU A 370 0.79 -10.37 -16.21
N ARG A 371 0.34 -10.38 -14.94
CA ARG A 371 1.10 -11.12 -13.92
C ARG A 371 1.14 -12.59 -14.27
N ASP A 372 0.03 -13.12 -14.78
CA ASP A 372 -0.02 -14.53 -15.09
C ASP A 372 0.82 -14.86 -16.30
N LEU A 373 0.88 -13.94 -17.26
CA LEU A 373 1.71 -14.13 -18.44
C LEU A 373 3.17 -14.06 -18.08
N VAL A 374 3.56 -13.07 -17.25
CA VAL A 374 4.95 -13.02 -16.79
C VAL A 374 5.28 -14.31 -16.04
N TYR A 375 4.36 -14.76 -15.19
CA TYR A 375 4.60 -15.98 -14.40
C TYR A 375 4.84 -17.17 -15.31
N GLN A 376 3.92 -17.41 -16.26
CA GLN A 376 4.01 -18.59 -17.10
C GLN A 376 5.18 -18.53 -18.07
N ARG A 377 5.50 -17.36 -18.60
CA ARG A 377 6.54 -17.28 -19.61
C ARG A 377 7.95 -17.15 -19.04
N PHE A 378 8.09 -16.53 -17.88
CA PHE A 378 9.40 -16.20 -17.36
C PHE A 378 9.70 -16.76 -15.98
N VAL A 379 8.72 -16.88 -15.09
CA VAL A 379 9.04 -17.43 -13.78
C VAL A 379 9.11 -18.95 -13.82
N VAL A 380 8.08 -19.59 -14.38
CA VAL A 380 8.00 -21.05 -14.36
C VAL A 380 9.21 -21.69 -15.06
N PRO A 381 9.58 -21.26 -16.26
CA PRO A 381 10.71 -21.94 -16.92
C PRO A 381 12.04 -21.70 -16.21
N THR A 382 12.27 -20.54 -15.63
CA THR A 382 13.55 -20.30 -14.98
C THR A 382 13.63 -21.00 -13.62
N ALA A 383 12.49 -21.33 -13.00
CA ALA A 383 12.51 -22.10 -11.75
C ALA A 383 13.09 -23.50 -11.94
N LYS A 384 13.57 -23.78 -13.16
CA LYS A 384 14.17 -25.05 -13.59
C LYS A 384 15.69 -25.07 -13.47
N ARG A 385 16.23 -24.15 -12.69
CA ARG A 385 17.56 -23.66 -13.03
C ARG A 385 18.33 -23.06 -11.87
N THR A 386 17.59 -22.64 -10.86
CA THR A 386 18.09 -21.65 -9.92
C THR A 386 19.13 -22.25 -8.98
N LEU A 387 19.94 -21.36 -8.40
CA LEU A 387 20.99 -21.81 -7.48
C LEU A 387 20.39 -22.47 -6.24
N GLU A 388 19.24 -21.99 -5.78
CA GLU A 388 18.59 -22.60 -4.64
C GLU A 388 17.72 -23.78 -5.08
N MET B 1 40.18 -13.67 -17.76
CA MET B 1 38.81 -14.20 -17.51
C MET B 1 37.72 -13.22 -17.88
N SER B 2 36.67 -13.74 -18.50
CA SER B 2 35.53 -12.99 -18.94
C SER B 2 34.70 -12.54 -17.74
N GLU B 3 33.80 -11.59 -17.99
CA GLU B 3 32.84 -11.20 -16.97
C GLU B 3 31.94 -12.38 -16.59
N SER B 4 31.60 -13.22 -17.57
CA SER B 4 30.72 -14.35 -17.29
C SER B 4 31.40 -15.37 -16.40
N GLU B 5 32.69 -15.63 -16.62
CA GLU B 5 33.38 -16.61 -15.78
C GLU B 5 33.59 -16.07 -14.37
N ARG B 6 33.86 -14.77 -14.23
CA ARG B 6 33.94 -14.19 -12.89
C ARG B 6 32.63 -14.37 -12.15
N LEU B 7 31.49 -14.12 -12.80
CA LEU B 7 30.22 -14.29 -12.10
C LEU B 7 29.97 -15.76 -11.77
N GLY B 8 30.47 -16.68 -12.62
CA GLY B 8 30.40 -18.10 -12.28
C GLY B 8 31.19 -18.43 -11.03
N ILE B 9 32.34 -17.78 -10.85
CA ILE B 9 33.14 -17.99 -9.65
C ILE B 9 32.39 -17.51 -8.41
N VAL B 10 31.72 -16.37 -8.51
CA VAL B 10 30.95 -15.85 -7.40
C VAL B 10 29.78 -16.78 -7.08
N ARG B 11 29.08 -17.26 -8.13
CA ARG B 11 27.97 -18.17 -7.89
C ARG B 11 28.44 -19.45 -7.24
N ASP B 12 29.58 -19.98 -7.68
CA ASP B 12 30.10 -21.21 -7.08
C ASP B 12 30.43 -20.98 -5.61
N PHE B 13 31.04 -19.81 -5.31
CA PHE B 13 31.34 -19.46 -3.92
C PHE B 13 30.09 -19.43 -3.06
N VAL B 14 29.01 -18.82 -3.57
CA VAL B 14 27.76 -18.78 -2.83
C VAL B 14 27.21 -20.19 -2.61
N ALA B 15 27.26 -21.01 -3.66
CA ALA B 15 26.72 -22.36 -3.54
C ALA B 15 27.51 -23.19 -2.54
N ARG B 16 28.84 -23.00 -2.50
CA ARG B 16 29.71 -23.86 -1.71
C ARG B 16 29.77 -23.39 -0.27
N GLU B 17 29.77 -22.07 -0.06
CA GLU B 17 30.12 -21.51 1.24
C GLU B 17 28.97 -20.87 1.97
N ILE B 18 27.88 -20.51 1.30
CA ILE B 18 26.81 -19.74 1.92
C ILE B 18 25.53 -20.54 1.99
N LEU B 19 25.03 -21.04 0.86
CA LEU B 19 23.77 -21.76 0.86
C LEU B 19 23.90 -23.00 1.71
N GLY B 20 22.87 -23.24 2.55
CA GLY B 20 22.91 -24.34 3.48
C GLY B 20 23.68 -24.09 4.75
N ARG B 21 24.44 -22.98 4.83
CA ARG B 21 25.17 -22.60 6.03
C ARG B 21 24.55 -21.36 6.67
N GLU B 22 23.24 -21.25 6.59
CA GLU B 22 22.55 -20.03 7.03
C GLU B 22 22.62 -19.88 8.55
N GLY B 23 22.70 -21.01 9.29
CA GLY B 23 22.73 -20.95 10.74
C GLY B 23 23.90 -20.16 11.28
N ILE B 24 25.11 -20.46 10.81
CA ILE B 24 26.27 -19.74 11.29
C ILE B 24 26.22 -18.28 10.86
N LEU B 25 25.71 -18.03 9.67
CA LEU B 25 25.70 -16.66 9.16
C LEU B 25 24.75 -15.79 9.99
N ASP B 26 23.66 -16.36 10.52
CA ASP B 26 22.68 -15.63 11.30
C ASP B 26 23.03 -15.57 12.79
N SER B 27 24.22 -16.02 13.21
CA SER B 27 24.50 -16.24 14.63
C SER B 27 25.28 -15.11 15.29
N LEU B 28 25.68 -14.09 14.55
CA LEU B 28 26.55 -13.02 15.04
C LEU B 28 27.84 -13.61 15.64
N ALA B 29 28.44 -14.52 14.86
CA ALA B 29 29.61 -15.25 15.33
C ALA B 29 30.81 -14.33 15.43
N ASP B 30 31.79 -14.74 16.23
CA ASP B 30 33.01 -13.93 16.36
C ASP B 30 33.57 -13.56 14.99
N ALA B 31 33.93 -12.27 14.81
CA ALA B 31 34.23 -11.74 13.49
C ALA B 31 35.73 -11.58 13.29
N PRO B 32 36.24 -11.66 12.05
CA PRO B 32 35.51 -11.99 10.83
C PRO B 32 35.32 -13.49 10.64
N LEU B 33 34.17 -13.88 10.11
CA LEU B 33 33.96 -15.26 9.72
C LEU B 33 35.06 -15.73 8.79
N ALA B 34 35.42 -17.02 8.93
CA ALA B 34 36.43 -17.60 8.05
C ALA B 34 36.05 -17.52 6.57
N LEU B 35 34.76 -17.45 6.24
CA LEU B 35 34.40 -17.42 4.83
C LEU B 35 34.91 -16.17 4.11
N TYR B 36 35.19 -15.08 4.81
CA TYR B 36 35.71 -13.91 4.11
C TYR B 36 37.11 -14.19 3.58
N GLU B 37 37.95 -14.88 4.36
CA GLU B 37 39.26 -15.28 3.84
C GLU B 37 39.08 -16.22 2.65
N ARG B 38 38.09 -17.12 2.71
CA ARG B 38 37.84 -18.00 1.58
C ARG B 38 37.40 -17.21 0.36
N PHE B 39 36.65 -16.10 0.55
CA PHE B 39 36.32 -15.31 -0.62
C PHE B 39 37.57 -14.68 -1.22
N ALA B 40 38.50 -14.23 -0.37
CA ALA B 40 39.74 -13.68 -0.91
C ALA B 40 40.48 -14.69 -1.79
N GLU B 41 40.29 -15.99 -1.52
CA GLU B 41 40.96 -16.99 -2.34
C GLU B 41 40.44 -17.02 -3.78
N THR B 42 39.26 -16.45 -4.05
CA THR B 42 38.76 -16.36 -5.41
C THR B 42 39.53 -15.34 -6.27
N GLY B 43 40.35 -14.50 -5.66
CA GLY B 43 40.99 -13.39 -6.36
C GLY B 43 40.12 -12.16 -6.53
N LEU B 44 38.89 -12.16 -6.00
CA LEU B 44 37.94 -11.09 -6.25
C LEU B 44 37.80 -10.10 -5.09
N MET B 45 38.54 -10.27 -4.00
CA MET B 45 38.42 -9.29 -2.93
C MET B 45 38.83 -7.91 -3.44
N ASN B 46 38.03 -6.90 -3.10
CA ASN B 46 38.29 -5.50 -3.51
C ASN B 46 38.30 -5.37 -5.04
N TRP B 47 37.39 -6.09 -5.70
CA TRP B 47 37.35 -6.21 -7.15
C TRP B 47 37.20 -4.89 -7.89
N TRP B 48 36.65 -3.86 -7.26
CA TRP B 48 36.41 -2.55 -7.87
C TRP B 48 37.63 -1.65 -7.85
N VAL B 49 38.64 -2.00 -7.08
CA VAL B 49 39.77 -1.06 -6.92
C VAL B 49 40.46 -0.86 -8.26
N PRO B 50 40.75 0.38 -8.66
CA PRO B 50 41.24 0.61 -10.02
C PRO B 50 42.57 -0.08 -10.29
N LYS B 51 42.80 -0.37 -11.57
CA LYS B 51 44.04 -1.01 -12.00
C LYS B 51 45.24 -0.20 -11.54
N GLU B 52 45.10 1.15 -11.56
CA GLU B 52 46.19 2.04 -11.14
C GLU B 52 46.58 1.85 -9.69
N HIS B 53 45.72 1.23 -8.88
CA HIS B 53 46.01 0.95 -7.49
C HIS B 53 46.07 -0.54 -7.21
N GLY B 54 46.47 -1.35 -8.21
CA GLY B 54 46.70 -2.76 -8.03
C GLY B 54 45.48 -3.66 -8.09
N GLY B 55 44.32 -3.16 -8.50
CA GLY B 55 43.11 -3.93 -8.50
C GLY B 55 42.66 -4.38 -9.87
N LEU B 56 41.57 -5.15 -9.88
CA LEU B 56 40.98 -5.60 -11.13
C LEU B 56 40.25 -4.48 -11.86
N GLY B 57 39.86 -3.43 -11.17
CA GLY B 57 39.19 -2.31 -11.80
C GLY B 57 37.86 -2.64 -12.41
N LEU B 58 37.09 -3.53 -11.78
CA LEU B 58 35.79 -3.87 -12.35
C LEU B 58 34.84 -2.68 -12.15
N GLY B 59 33.99 -2.45 -13.12
CA GLY B 59 33.04 -1.35 -13.04
C GLY B 59 31.91 -1.62 -12.07
N LEU B 60 31.20 -0.54 -11.73
CA LEU B 60 30.07 -0.68 -10.83
C LEU B 60 28.91 -1.44 -11.47
N GLU B 61 28.76 -1.36 -12.79
CA GLU B 61 27.76 -2.18 -13.51
C GLU B 61 28.01 -3.65 -13.25
N GLU B 62 29.24 -4.12 -13.45
CA GLU B 62 29.56 -5.51 -13.10
C GLU B 62 29.37 -5.75 -11.60
N SER B 63 29.73 -4.79 -10.75
CA SER B 63 29.57 -4.94 -9.31
C SER B 63 28.11 -5.20 -8.92
N VAL B 64 27.17 -4.56 -9.62
CA VAL B 64 25.74 -4.81 -9.35
C VAL B 64 25.45 -6.29 -9.48
N ARG B 65 25.96 -6.92 -10.54
CA ARG B 65 25.68 -8.34 -10.77
C ARG B 65 26.38 -9.22 -9.74
N ILE B 66 27.61 -8.85 -9.35
CA ILE B 66 28.35 -9.60 -8.33
C ILE B 66 27.63 -9.52 -7.00
N VAL B 67 27.22 -8.32 -6.61
CA VAL B 67 26.58 -8.13 -5.33
C VAL B 67 25.24 -8.84 -5.30
N SER B 68 24.50 -8.74 -6.40
CA SER B 68 23.22 -9.43 -6.46
C SER B 68 23.40 -10.93 -6.22
N GLU B 69 24.48 -11.49 -6.77
CA GLU B 69 24.72 -12.93 -6.61
C GLU B 69 25.14 -13.25 -5.18
N LEU B 70 25.94 -12.38 -4.58
CA LEU B 70 26.38 -12.63 -3.22
C LEU B 70 25.22 -12.52 -2.26
N ALA B 71 24.41 -11.48 -2.42
CA ALA B 71 23.30 -11.22 -1.51
C ALA B 71 22.19 -12.26 -1.65
N TYR B 72 22.01 -12.83 -2.85
CA TYR B 72 21.12 -13.98 -3.00
C TYR B 72 21.42 -15.03 -1.97
N GLY B 73 22.71 -15.27 -1.70
CA GLY B 73 23.10 -16.13 -0.60
C GLY B 73 22.92 -15.51 0.78
N ASP B 74 23.52 -14.34 0.99
CA ASP B 74 23.40 -13.68 2.29
C ASP B 74 23.75 -12.21 2.16
N ALA B 75 22.82 -11.34 2.53
CA ALA B 75 23.02 -9.92 2.34
C ALA B 75 24.12 -9.36 3.23
N GLY B 76 24.30 -9.94 4.42
CA GLY B 76 25.39 -9.48 5.30
C GLY B 76 26.77 -9.82 4.76
N VAL B 77 26.90 -10.94 4.10
CA VAL B 77 28.17 -11.27 3.46
C VAL B 77 28.44 -10.30 2.33
N ALA B 78 27.44 -10.06 1.49
CA ALA B 78 27.58 -9.13 0.38
C ALA B 78 28.00 -7.76 0.90
N PHE B 79 27.26 -7.26 1.90
CA PHE B 79 27.52 -5.96 2.51
C PHE B 79 28.96 -5.83 2.99
N THR B 80 29.43 -6.83 3.74
CA THR B 80 30.80 -6.79 4.24
C THR B 80 31.79 -6.69 3.08
N LEU B 81 31.51 -7.39 1.99
CA LEU B 81 32.47 -7.50 0.92
C LEU B 81 32.46 -6.30 -0.02
N PHE B 82 31.36 -5.55 -0.18
CA PHE B 82 31.38 -4.39 -1.08
C PHE B 82 31.50 -3.06 -0.37
N LEU B 83 31.14 -2.98 0.92
CA LEU B 83 31.09 -1.67 1.57
C LEU B 83 32.40 -0.90 1.54
N PRO B 84 33.58 -1.54 1.52
CA PRO B 84 34.81 -0.74 1.44
C PRO B 84 34.92 0.11 0.20
N VAL B 85 34.04 -0.06 -0.79
CA VAL B 85 34.09 0.80 -1.96
C VAL B 85 33.88 2.25 -1.56
N LEU B 86 33.11 2.47 -0.49
CA LEU B 86 32.88 3.84 -0.01
C LEU B 86 34.22 4.48 0.38
N THR B 87 35.04 3.74 1.10
CA THR B 87 36.30 4.23 1.62
C THR B 87 37.36 4.32 0.53
N THR B 88 37.50 3.28 -0.28
CA THR B 88 38.55 3.30 -1.28
C THR B 88 38.26 4.34 -2.37
N SER B 89 36.99 4.57 -2.70
CA SER B 89 36.70 5.56 -3.74
C SER B 89 37.03 6.97 -3.27
N MET B 90 36.75 7.30 -2.00
CA MET B 90 37.11 8.62 -1.48
C MET B 90 38.63 8.83 -1.46
N ILE B 91 39.37 7.84 -0.97
CA ILE B 91 40.82 7.99 -0.91
C ILE B 91 41.40 8.09 -2.32
N GLY B 92 40.89 7.27 -3.24
CA GLY B 92 41.40 7.29 -4.60
C GLY B 92 41.20 8.61 -5.31
N TRP B 93 40.06 9.26 -5.06
CA TRP B 93 39.76 10.52 -5.74
C TRP B 93 40.37 11.73 -5.03
N TYR B 94 40.43 11.72 -3.70
CA TYR B 94 40.75 12.92 -2.93
C TYR B 94 41.96 12.80 -2.02
N GLY B 95 42.61 11.64 -1.98
CA GLY B 95 43.86 11.56 -1.24
C GLY B 95 45.05 12.00 -2.06
N SER B 96 46.08 12.49 -1.35
CA SER B 96 47.33 12.81 -2.01
C SER B 96 47.97 11.56 -2.59
N GLU B 97 48.92 11.75 -3.50
CA GLU B 97 49.62 10.60 -4.05
C GLU B 97 50.34 9.82 -2.94
N GLU B 98 50.94 10.53 -1.98
CA GLU B 98 51.65 9.83 -0.91
C GLU B 98 50.70 8.98 -0.08
N LEU B 99 49.52 9.53 0.25
CA LEU B 99 48.55 8.80 1.04
C LEU B 99 48.04 7.57 0.30
N LYS B 100 47.72 7.75 -0.98
CA LYS B 100 47.25 6.63 -1.78
C LYS B 100 48.27 5.51 -1.80
N GLU B 101 49.55 5.84 -2.01
CA GLU B 101 50.56 4.79 -2.04
C GLU B 101 50.69 4.13 -0.67
N ARG B 102 50.51 4.89 0.41
CA ARG B 102 50.68 4.32 1.75
C ARG B 102 49.54 3.35 2.09
N PHE B 103 48.29 3.69 1.77
CA PHE B 103 47.13 2.91 2.20
C PHE B 103 46.46 2.11 1.08
N LEU B 104 46.34 2.66 -0.12
CA LEU B 104 45.68 1.92 -1.20
C LEU B 104 46.64 0.99 -1.92
N GLY B 105 47.88 1.41 -2.11
CA GLY B 105 48.89 0.63 -2.79
C GLY B 105 48.93 -0.82 -2.36
N PRO B 106 48.93 -1.07 -1.05
CA PRO B 106 49.04 -2.46 -0.57
C PRO B 106 47.73 -3.17 -0.34
N LEU B 107 46.60 -2.47 -0.46
CA LEU B 107 45.35 -2.98 0.08
C LEU B 107 44.90 -4.23 -0.63
N VAL B 108 44.98 -4.26 -1.97
CA VAL B 108 44.47 -5.41 -2.71
C VAL B 108 45.31 -6.66 -2.40
N ALA B 109 46.64 -6.54 -2.53
CA ALA B 109 47.50 -7.68 -2.26
C ALA B 109 47.36 -8.19 -0.83
N ARG B 110 47.09 -7.30 0.13
CA ARG B 110 46.84 -7.72 1.50
C ARG B 110 45.47 -8.33 1.72
N ARG B 111 44.55 -8.25 0.76
CA ARG B 111 43.21 -8.78 0.93
C ARG B 111 42.50 -8.10 2.09
N GLY B 112 42.73 -6.78 2.22
CA GLY B 112 42.33 -6.09 3.42
C GLY B 112 40.97 -5.44 3.35
N PHE B 113 40.36 -5.27 4.53
CA PHE B 113 39.15 -4.46 4.65
C PHE B 113 39.51 -3.05 5.09
N CYS B 114 38.67 -2.08 4.71
CA CYS B 114 38.74 -0.75 5.31
C CYS B 114 37.31 -0.30 5.56
N ALA B 115 37.19 0.81 6.30
CA ALA B 115 35.89 1.27 6.80
C ALA B 115 35.84 2.79 6.84
N THR B 116 34.61 3.31 6.79
CA THR B 116 34.34 4.74 6.87
C THR B 116 33.44 4.96 8.08
N LEU B 117 33.80 5.96 8.87
CA LEU B 117 33.13 6.26 10.13
C LEU B 117 32.50 7.65 9.96
N GLY B 118 31.22 7.67 9.60
CA GLY B 118 30.50 8.91 9.46
C GLY B 118 29.49 9.12 10.56
N SER B 119 28.68 8.10 10.79
CA SER B 119 27.49 8.25 11.65
C SER B 119 27.86 8.53 13.12
N GLU B 120 26.98 9.24 13.80
CA GLU B 120 27.09 9.61 15.21
C GLU B 120 25.70 9.62 15.80
N HIS B 121 25.64 9.36 17.10
CA HIS B 121 24.36 9.20 17.76
C HIS B 121 23.63 10.54 17.85
N GLU B 122 24.27 11.58 18.39
CA GLU B 122 23.51 12.81 18.60
C GLU B 122 23.26 13.55 17.30
N ALA B 123 24.19 13.52 16.36
CA ALA B 123 24.00 14.20 15.08
C ALA B 123 22.97 13.53 14.18
N GLY B 124 22.80 12.21 14.31
CA GLY B 124 21.94 11.52 13.37
C GLY B 124 22.39 11.76 11.95
N SER B 125 21.43 11.96 11.05
CA SER B 125 21.84 12.23 9.67
C SER B 125 22.15 13.72 9.45
N GLU B 126 22.01 14.54 10.48
CA GLU B 126 22.36 15.96 10.41
C GLU B 126 23.86 16.09 10.68
N LEU B 127 24.63 15.60 9.72
CA LEU B 127 26.07 15.50 9.95
C LEU B 127 26.78 16.84 10.06
N ALA B 128 26.16 17.92 9.65
CA ALA B 128 26.76 19.22 9.98
C ALA B 128 26.99 19.38 11.48
N ARG B 129 26.28 18.61 12.30
CA ARG B 129 26.33 18.70 13.75
C ARG B 129 27.29 17.68 14.36
N ILE B 130 28.11 16.99 13.56
CA ILE B 130 28.95 15.95 14.15
C ILE B 130 29.84 16.56 15.21
N SER B 131 30.08 15.80 16.26
CA SER B 131 30.85 16.27 17.40
C SER B 131 32.24 15.65 17.47
N THR B 132 32.54 14.66 16.64
CA THR B 132 33.93 14.16 16.52
C THR B 132 34.75 15.26 15.87
N THR B 133 35.80 15.70 16.55
CA THR B 133 36.56 16.87 16.18
C THR B 133 37.97 16.47 15.74
N VAL B 134 38.56 17.31 14.91
CA VAL B 134 39.94 17.17 14.47
C VAL B 134 40.62 18.49 14.75
N ARG B 135 41.69 18.45 15.54
CA ARG B 135 42.43 19.64 15.88
C ARG B 135 43.84 19.52 15.33
N ARG B 136 44.36 20.62 14.81
CA ARG B 136 45.70 20.65 14.28
C ARG B 136 46.69 20.90 15.41
N ASP B 137 47.78 20.12 15.43
CA ASP B 137 48.91 20.33 16.35
C ASP B 137 50.19 20.26 15.51
N GLY B 138 50.65 21.39 15.01
CA GLY B 138 51.78 21.41 14.11
C GLY B 138 51.43 20.69 12.82
N ASP B 139 52.27 19.72 12.44
CA ASP B 139 52.02 18.90 11.25
C ASP B 139 51.19 17.68 11.55
N THR B 140 50.48 17.66 12.68
CA THR B 140 49.70 16.51 13.15
C THR B 140 48.25 16.92 13.33
N LEU B 141 47.35 15.97 13.14
CA LEU B 141 45.92 16.12 13.38
C LEU B 141 45.57 15.24 14.56
N VAL B 142 44.69 15.72 15.42
CA VAL B 142 44.27 15.01 16.63
C VAL B 142 42.76 14.86 16.63
N LEU B 143 42.31 13.61 16.68
CA LEU B 143 40.90 13.25 16.68
C LEU B 143 40.39 12.94 18.08
N ASP B 144 39.16 13.38 18.35
CA ASP B 144 38.46 13.08 19.60
C ASP B 144 36.96 12.96 19.33
N GLY B 145 36.35 11.90 19.81
CA GLY B 145 34.90 11.78 19.74
C GLY B 145 34.48 10.33 19.54
N THR B 146 33.16 10.14 19.54
CA THR B 146 32.55 8.83 19.37
C THR B 146 31.78 8.74 18.08
N LYS B 147 32.05 7.69 17.34
CA LYS B 147 31.37 7.34 16.10
C LYS B 147 30.45 6.16 16.35
N ALA B 148 29.25 6.24 15.83
CA ALA B 148 28.16 5.38 16.28
C ALA B 148 28.23 3.99 15.68
N PHE B 149 28.30 3.90 14.35
CA PHE B 149 28.21 2.62 13.62
C PHE B 149 29.26 2.61 12.52
N SER B 150 30.10 1.58 12.47
CA SER B 150 30.97 1.38 11.32
C SER B 150 31.20 -0.12 11.12
N THR B 151 31.09 -0.56 9.88
CA THR B 151 31.14 -1.98 9.57
C THR B 151 32.56 -2.43 9.27
N SER B 152 32.95 -3.53 9.91
CA SER B 152 34.22 -4.26 9.74
C SER B 152 35.37 -3.58 10.44
N THR B 153 35.12 -2.51 11.17
CA THR B 153 36.23 -1.72 11.71
C THR B 153 37.19 -2.55 12.52
N ASP B 154 36.70 -3.46 13.35
CA ASP B 154 37.60 -4.18 14.26
C ASP B 154 38.72 -4.88 13.50
N PHE B 155 38.42 -5.44 12.32
CA PHE B 155 39.40 -6.18 11.54
C PHE B 155 39.79 -5.46 10.26
N ALA B 156 39.43 -4.18 10.14
CA ALA B 156 39.91 -3.36 9.05
C ALA B 156 41.38 -3.01 9.22
N ARG B 157 42.03 -2.68 8.11
CA ARG B 157 43.42 -2.24 8.15
C ARG B 157 43.54 -0.75 8.41
N PHE B 158 42.56 0.02 7.93
CA PHE B 158 42.57 1.47 8.12
C PHE B 158 41.15 1.95 7.93
N LEU B 159 40.92 3.18 8.35
CA LEU B 159 39.60 3.80 8.40
C LEU B 159 39.69 5.19 7.80
N VAL B 160 38.57 5.70 7.33
CA VAL B 160 38.41 7.14 7.08
C VAL B 160 37.34 7.67 8.04
N VAL B 161 37.69 8.68 8.83
CA VAL B 161 36.79 9.25 9.83
C VAL B 161 36.38 10.63 9.35
N ILE B 162 35.08 10.91 9.43
CA ILE B 162 34.54 12.24 9.09
C ILE B 162 34.50 13.05 10.38
N ALA B 163 35.22 14.18 10.39
CA ALA B 163 35.36 14.98 11.58
C ALA B 163 35.09 16.46 11.30
N ARG B 164 34.73 17.18 12.34
CA ARG B 164 34.59 18.63 12.26
C ARG B 164 35.83 19.30 12.82
N SER B 165 36.36 20.28 12.09
CA SER B 165 37.52 21.00 12.57
C SER B 165 37.23 21.78 13.84
N ALA B 166 38.11 21.66 14.82
CA ALA B 166 38.04 22.48 16.03
C ALA B 166 38.72 23.84 15.86
N ASP B 167 39.32 24.09 14.69
CA ASP B 167 40.07 25.31 14.45
C ASP B 167 39.40 26.24 13.44
N ASP B 168 38.17 25.95 13.01
CA ASP B 168 37.49 26.68 11.94
C ASP B 168 36.01 26.85 12.32
N PRO B 169 35.34 27.85 11.74
CA PRO B 169 33.90 28.01 12.02
C PRO B 169 33.06 26.80 11.67
N ALA B 170 33.15 26.31 10.43
CA ALA B 170 32.43 25.11 10.01
C ALA B 170 33.14 24.43 8.86
N ARG B 171 34.15 23.64 9.21
CA ARG B 171 34.97 22.92 8.25
C ARG B 171 34.94 21.45 8.61
N TYR B 172 34.73 20.60 7.62
CA TYR B 172 34.61 19.16 7.80
C TYR B 172 35.71 18.49 7.00
N THR B 173 36.30 17.45 7.58
CA THR B 173 37.49 16.83 7.03
C THR B 173 37.37 15.33 7.18
N ALA B 174 37.73 14.62 6.12
CA ALA B 174 37.85 13.17 6.14
C ALA B 174 39.30 12.83 6.42
N VAL B 175 39.54 12.04 7.48
CA VAL B 175 40.90 11.78 7.97
C VAL B 175 41.11 10.28 7.94
N THR B 176 42.23 9.84 7.33
CA THR B 176 42.59 8.44 7.26
C THR B 176 43.36 8.06 8.52
N VAL B 177 43.03 6.91 9.08
CA VAL B 177 43.60 6.47 10.36
C VAL B 177 43.93 4.98 10.26
N PRO B 178 45.14 4.57 10.56
CA PRO B 178 45.42 3.13 10.63
C PRO B 178 44.70 2.49 11.80
N ARG B 179 44.37 1.19 11.65
CA ARG B 179 43.54 0.51 12.64
C ARG B 179 44.16 0.54 14.05
N ASP B 180 45.48 0.45 14.16
CA ASP B 180 46.13 0.39 15.47
C ASP B 180 46.76 1.71 15.88
N ALA B 181 46.21 2.83 15.40
CA ALA B 181 46.62 4.13 15.91
C ALA B 181 46.33 4.21 17.41
N PRO B 182 47.29 4.60 18.24
CA PRO B 182 46.99 4.83 19.65
C PRO B 182 45.86 5.85 19.78
N GLY B 183 44.94 5.60 20.69
CA GLY B 183 43.82 6.50 20.88
C GLY B 183 42.56 6.06 20.19
N LEU B 184 42.61 5.02 19.35
CA LEU B 184 41.45 4.45 18.68
C LEU B 184 40.99 3.25 19.48
N ARG B 185 39.73 3.28 19.93
CA ARG B 185 39.16 2.21 20.75
C ARG B 185 37.88 1.70 20.09
N VAL B 186 37.79 0.39 19.90
CA VAL B 186 36.55 -0.23 19.44
C VAL B 186 35.71 -0.53 20.68
N ASP B 187 34.65 0.25 20.88
CA ASP B 187 33.90 0.19 22.14
C ASP B 187 33.07 -1.08 22.24
N LYS B 188 32.39 -1.46 21.16
CA LYS B 188 31.49 -2.62 21.21
C LYS B 188 31.03 -2.96 19.80
N ARG B 189 30.53 -4.19 19.65
CA ARG B 189 29.85 -4.61 18.44
C ARG B 189 28.35 -4.55 18.67
N TRP B 190 27.64 -4.06 17.67
CA TRP B 190 26.18 -3.92 17.74
C TRP B 190 25.51 -5.26 17.49
N ASP B 191 24.49 -5.55 18.30
CA ASP B 191 23.68 -6.77 18.16
C ASP B 191 22.59 -6.52 17.12
N VAL B 192 22.98 -6.58 15.84
CA VAL B 192 22.07 -6.23 14.74
C VAL B 192 21.02 -7.32 14.54
N ILE B 193 19.84 -6.90 14.07
CA ILE B 193 18.73 -7.86 13.96
C ILE B 193 18.83 -8.72 12.71
N GLY B 194 19.49 -8.21 11.67
CA GLY B 194 19.72 -8.91 10.43
C GLY B 194 21.13 -8.61 9.94
N MET B 195 21.48 -9.19 8.78
CA MET B 195 22.85 -9.13 8.30
C MET B 195 23.84 -9.53 9.41
N ARG B 196 23.50 -10.60 10.10
CA ARG B 196 24.30 -10.99 11.26
C ARG B 196 25.58 -11.72 10.86
N ALA B 197 25.91 -11.74 9.58
CA ALA B 197 27.26 -12.13 9.13
C ALA B 197 28.19 -10.92 8.95
N SER B 198 27.64 -9.72 9.05
CA SER B 198 28.41 -8.48 9.06
C SER B 198 28.64 -8.08 10.52
N ALA B 199 29.66 -7.27 10.74
CA ALA B 199 30.06 -6.84 12.09
C ALA B 199 30.17 -5.31 12.07
N THR B 200 29.41 -4.64 12.95
CA THR B 200 29.32 -3.20 12.96
C THR B 200 29.57 -2.72 14.36
N TYR B 201 30.37 -1.66 14.48
CA TYR B 201 30.95 -1.28 15.74
C TYR B 201 30.74 0.18 16.08
N GLN B 202 30.75 0.46 17.38
CA GLN B 202 30.91 1.81 17.92
C GLN B 202 32.39 2.01 18.25
N VAL B 203 32.93 3.17 17.86
CA VAL B 203 34.36 3.46 17.88
C VAL B 203 34.59 4.83 18.47
N SER B 204 35.54 4.95 19.39
CA SER B 204 35.84 6.20 20.06
CA SER B 204 35.84 6.20 20.06
C SER B 204 37.31 6.57 19.85
N PHE B 205 37.55 7.87 19.78
CA PHE B 205 38.89 8.45 19.62
C PHE B 205 39.21 9.32 20.82
N SER B 206 40.39 9.12 21.36
CA SER B 206 40.87 9.94 22.48
C SER B 206 42.31 10.30 22.16
N ASP B 207 42.55 11.58 21.85
CA ASP B 207 43.87 12.10 21.52
C ASP B 207 44.53 11.23 20.45
N CYS B 208 43.75 10.87 19.45
CA CYS B 208 44.25 10.00 18.38
C CYS B 208 44.95 10.86 17.33
N ARG B 209 46.26 10.71 17.24
CA ARG B 209 47.10 11.56 16.41
C ARG B 209 47.47 10.87 15.10
N VAL B 210 47.40 11.62 14.01
CA VAL B 210 47.85 11.13 12.71
C VAL B 210 48.55 12.27 11.99
N PRO B 211 49.40 11.94 11.00
CA PRO B 211 50.01 13.00 10.18
C PRO B 211 48.96 13.83 9.44
N GLY B 212 49.26 15.13 9.26
CA GLY B 212 48.37 15.99 8.51
C GLY B 212 48.12 15.51 7.10
N ASP B 213 49.11 14.80 6.51
CA ASP B 213 48.91 14.23 5.18
C ASP B 213 47.82 13.16 5.11
N ASN B 214 47.33 12.68 6.25
CA ASN B 214 46.25 11.67 6.26
C ASN B 214 44.88 12.26 5.95
N ALA B 215 44.74 13.60 5.96
CA ALA B 215 43.48 14.25 5.60
C ALA B 215 43.28 14.22 4.09
N LEU B 216 42.11 13.76 3.67
CA LEU B 216 41.75 13.89 2.27
C LEU B 216 41.46 15.36 1.93
N ASN B 217 41.54 15.67 0.65
CA ASN B 217 41.41 17.05 0.16
C ASN B 217 39.95 17.31 -0.17
N GLY B 218 39.32 18.17 0.62
CA GLY B 218 37.98 18.61 0.31
C GLY B 218 37.02 18.65 1.48
N ASN B 219 35.87 19.27 1.27
CA ASN B 219 34.79 19.27 2.24
C ASN B 219 34.41 17.85 2.59
N GLY B 220 34.60 17.47 3.86
CA GLY B 220 34.48 16.08 4.21
C GLY B 220 33.07 15.54 4.04
N LEU B 221 32.06 16.39 4.25
CA LEU B 221 30.69 15.91 4.05
C LEU B 221 30.36 15.74 2.57
N ARG B 222 30.92 16.59 1.70
CA ARG B 222 30.75 16.38 0.26
C ARG B 222 31.47 15.11 -0.20
N LEU B 223 32.70 14.89 0.28
CA LEU B 223 33.41 13.66 -0.04
C LEU B 223 32.60 12.44 0.40
N LEU B 224 32.00 12.48 1.60
CA LEU B 224 31.20 11.35 2.05
C LEU B 224 30.02 11.09 1.12
N GLU B 225 29.32 12.17 0.73
CA GLU B 225 28.18 12.04 -0.20
C GLU B 225 28.61 11.43 -1.53
N ILE B 226 29.80 11.82 -2.01
CA ILE B 226 30.32 11.28 -3.26
C ILE B 226 30.67 9.80 -3.10
N GLY B 227 31.32 9.45 -2.00
CA GLY B 227 31.66 8.05 -1.74
C GLY B 227 30.43 7.16 -1.65
N LEU B 228 29.36 7.69 -1.06
CA LEU B 228 28.11 6.94 -0.89
C LEU B 228 27.39 6.67 -2.19
N ASN B 229 27.76 7.32 -3.31
CA ASN B 229 27.08 6.98 -4.55
C ASN B 229 27.26 5.49 -4.87
N ALA B 230 28.49 4.97 -4.71
CA ALA B 230 28.73 3.57 -5.02
C ALA B 230 28.06 2.64 -4.03
N SER B 231 28.20 2.88 -2.73
CA SER B 231 27.66 1.93 -1.77
C SER B 231 26.13 1.94 -1.75
N ARG B 232 25.52 3.09 -2.03
CA ARG B 232 24.06 3.15 -2.12
C ARG B 232 23.55 2.32 -3.28
N ILE B 233 24.23 2.38 -4.43
CA ILE B 233 23.86 1.55 -5.57
C ILE B 233 24.01 0.09 -5.23
N LEU B 234 25.09 -0.29 -4.50
CA LEU B 234 25.29 -1.71 -4.20
C LEU B 234 24.39 -2.21 -3.07
N ILE B 235 23.97 -1.35 -2.15
CA ILE B 235 22.90 -1.71 -1.23
C ILE B 235 21.62 -2.04 -2.01
N ALA B 236 21.32 -1.22 -2.99
CA ALA B 236 20.17 -1.54 -3.83
C ALA B 236 20.35 -2.89 -4.54
N ALA B 237 21.54 -3.17 -5.04
CA ALA B 237 21.82 -4.44 -5.69
C ALA B 237 21.69 -5.60 -4.73
N SER B 238 22.04 -5.38 -3.48
CA SER B 238 21.88 -6.42 -2.45
C SER B 238 20.40 -6.72 -2.20
N ALA B 239 19.58 -5.68 -2.07
CA ALA B 239 18.14 -5.87 -1.92
C ALA B 239 17.56 -6.65 -3.11
N LEU B 240 17.98 -6.30 -4.33
CA LEU B 240 17.60 -7.06 -5.51
C LEU B 240 17.96 -8.54 -5.36
N GLY B 241 19.20 -8.83 -4.91
CA GLY B 241 19.59 -10.23 -4.73
C GLY B 241 18.71 -10.95 -3.73
N VAL B 242 18.40 -10.32 -2.60
CA VAL B 242 17.53 -10.97 -1.61
C VAL B 242 16.14 -11.20 -2.22
N ALA B 243 15.64 -10.22 -2.99
CA ALA B 243 14.33 -10.41 -3.63
C ALA B 243 14.32 -11.60 -4.59
N ARG B 244 15.40 -11.80 -5.33
CA ARG B 244 15.53 -12.96 -6.20
C ARG B 244 15.51 -14.25 -5.38
N ARG B 245 16.21 -14.26 -4.24
CA ARG B 245 16.17 -15.42 -3.37
C ARG B 245 14.75 -15.69 -2.86
N ILE B 246 14.02 -14.64 -2.47
CA ILE B 246 12.67 -14.84 -1.95
C ILE B 246 11.76 -15.44 -3.03
N ARG B 247 11.85 -14.91 -4.26
CA ARG B 247 11.12 -15.50 -5.38
C ARG B 247 11.41 -16.99 -5.49
N ASP B 248 12.69 -17.37 -5.43
CA ASP B 248 13.08 -18.75 -5.66
C ASP B 248 12.64 -19.64 -4.49
N VAL B 249 12.71 -19.12 -3.27
CA VAL B 249 12.21 -19.87 -2.11
C VAL B 249 10.70 -20.12 -2.23
N CYS B 250 9.94 -19.10 -2.68
CA CYS B 250 8.51 -19.30 -2.92
C CYS B 250 8.28 -20.40 -3.95
N MET B 251 9.03 -20.39 -5.05
CA MET B 251 8.82 -21.40 -6.07
C MET B 251 9.17 -22.81 -5.57
N GLU B 252 10.24 -22.94 -4.80
CA GLU B 252 10.59 -24.25 -4.27
C GLU B 252 9.51 -24.78 -3.34
N TYR B 253 8.99 -23.92 -2.48
CA TYR B 253 7.89 -24.30 -1.60
C TYR B 253 6.65 -24.64 -2.41
N GLY B 254 6.38 -23.86 -3.45
CA GLY B 254 5.16 -24.06 -4.23
C GLY B 254 5.18 -25.36 -5.01
N LYS B 255 6.37 -25.88 -5.32
CA LYS B 255 6.45 -27.12 -6.07
C LYS B 255 5.89 -28.30 -5.30
N THR B 256 6.05 -28.30 -3.98
CA THR B 256 5.68 -29.45 -3.17
C THR B 256 4.49 -29.19 -2.25
N LYS B 257 4.14 -27.93 -2.01
CA LYS B 257 2.92 -27.63 -1.26
C LYS B 257 1.71 -27.94 -2.13
N SER B 258 0.70 -28.56 -1.55
CA SER B 258 -0.52 -28.89 -2.26
C SER B 258 -1.63 -27.93 -1.88
N LEU B 259 -2.46 -27.59 -2.86
CA LEU B 259 -3.66 -26.79 -2.64
C LEU B 259 -4.72 -27.18 -3.65
N LYS B 260 -5.90 -27.55 -3.17
CA LYS B 260 -7.02 -27.93 -4.04
C LYS B 260 -6.62 -29.06 -4.97
N GLY B 261 -5.82 -30.00 -4.45
CA GLY B 261 -5.48 -31.20 -5.19
C GLY B 261 -4.39 -31.02 -6.22
N ALA B 262 -3.66 -29.91 -6.21
CA ALA B 262 -2.59 -29.70 -7.16
C ALA B 262 -1.49 -28.89 -6.49
N PRO B 263 -0.29 -28.89 -7.06
CA PRO B 263 0.78 -28.07 -6.49
C PRO B 263 0.42 -26.58 -6.47
N LEU B 264 0.91 -25.91 -5.44
CA LEU B 264 0.62 -24.49 -5.28
C LEU B 264 1.11 -23.65 -6.46
N VAL B 265 2.14 -24.10 -7.19
CA VAL B 265 2.61 -23.36 -8.35
C VAL B 265 1.53 -23.26 -9.44
N LYS B 266 0.46 -24.07 -9.34
CA LYS B 266 -0.66 -23.99 -10.27
C LYS B 266 -1.77 -23.06 -9.81
N ASP B 267 -1.68 -22.51 -8.60
CA ASP B 267 -2.76 -21.72 -8.03
C ASP B 267 -2.73 -20.28 -8.59
N GLY B 268 -3.91 -19.72 -8.83
CA GLY B 268 -3.98 -18.38 -9.42
C GLY B 268 -3.49 -17.27 -8.51
N VAL B 269 -3.81 -17.34 -7.21
CA VAL B 269 -3.33 -16.31 -6.30
C VAL B 269 -1.80 -16.36 -6.17
N PHE B 270 -1.25 -17.56 -6.08
CA PHE B 270 0.20 -17.72 -6.04
C PHE B 270 0.85 -17.18 -7.31
N ALA B 271 0.32 -17.58 -8.47
CA ALA B 271 0.88 -17.12 -9.73
C ALA B 271 0.85 -15.60 -9.80
N GLY B 272 -0.24 -15.00 -9.30
CA GLY B 272 -0.32 -13.54 -9.31
C GLY B 272 0.78 -12.90 -8.47
N ARG B 273 1.03 -13.46 -7.28
CA ARG B 273 2.07 -12.92 -6.42
C ARG B 273 3.44 -13.04 -7.06
N LEU B 274 3.74 -14.20 -7.67
CA LEU B 274 5.07 -14.40 -8.24
C LEU B 274 5.26 -13.60 -9.52
N GLY B 275 4.20 -13.43 -10.32
CA GLY B 275 4.31 -12.54 -11.48
C GLY B 275 4.61 -11.11 -11.10
N GLN B 276 3.95 -10.63 -10.04
CA GLN B 276 4.23 -9.30 -9.52
C GLN B 276 5.67 -9.22 -9.00
N PHE B 277 6.12 -10.22 -8.25
CA PHE B 277 7.51 -10.25 -7.77
C PHE B 277 8.50 -10.14 -8.93
N GLU B 278 8.25 -10.91 -10.00
CA GLU B 278 9.15 -10.93 -11.14
C GLU B 278 9.19 -9.58 -11.84
N MET B 279 8.02 -8.91 -11.96
CA MET B 279 8.00 -7.54 -12.49
C MET B 279 8.83 -6.60 -11.63
N GLN B 280 8.66 -6.68 -10.32
CA GLN B 280 9.42 -5.80 -9.42
C GLN B 280 10.92 -6.06 -9.49
N ILE B 281 11.32 -7.34 -9.58
CA ILE B 281 12.73 -7.69 -9.72
C ILE B 281 13.29 -7.14 -11.02
N ASP B 282 12.55 -7.27 -12.13
CA ASP B 282 13.03 -6.73 -13.40
C ASP B 282 13.23 -5.23 -13.31
N VAL B 283 12.29 -4.54 -12.68
CA VAL B 283 12.40 -3.08 -12.57
C VAL B 283 13.58 -2.70 -11.67
N MET B 284 13.75 -3.38 -10.53
CA MET B 284 14.89 -3.13 -9.66
C MET B 284 16.19 -3.33 -10.40
N ALA B 285 16.30 -4.44 -11.15
CA ALA B 285 17.53 -4.70 -11.88
C ALA B 285 17.84 -3.60 -12.89
N ASN B 286 16.82 -3.12 -13.62
CA ASN B 286 17.11 -2.09 -14.61
C ASN B 286 17.46 -0.78 -13.94
N GLN B 287 16.92 -0.52 -12.75
CA GLN B 287 17.25 0.73 -12.08
C GLN B 287 18.67 0.68 -11.56
N CYS B 288 19.04 -0.44 -10.94
CA CYS B 288 20.42 -0.59 -10.44
C CYS B 288 21.43 -0.47 -11.57
N LEU B 289 21.12 -1.11 -12.72
CA LEU B 289 22.08 -1.08 -13.81
C LEU B 289 22.16 0.33 -14.41
N ALA B 290 21.03 1.03 -14.52
CA ALA B 290 21.08 2.39 -15.03
C ALA B 290 21.91 3.28 -14.12
N ALA B 291 21.72 3.17 -12.81
CA ALA B 291 22.50 3.98 -11.86
C ALA B 291 23.99 3.65 -11.96
N ALA B 292 24.30 2.36 -12.09
CA ALA B 292 25.70 1.96 -12.15
C ALA B 292 26.34 2.40 -13.46
N ARG B 293 25.60 2.31 -14.57
CA ARG B 293 26.16 2.78 -15.83
C ARG B 293 26.48 4.27 -15.76
N ALA B 294 25.61 5.06 -15.14
CA ALA B 294 25.85 6.48 -15.01
C ALA B 294 27.04 6.75 -14.13
N TYR B 295 27.14 6.05 -13.01
CA TYR B 295 28.31 6.14 -12.15
C TYR B 295 29.60 5.83 -12.93
N ASP B 296 29.60 4.73 -13.68
CA ASP B 296 30.79 4.33 -14.42
C ASP B 296 31.18 5.39 -15.45
N ALA B 297 30.19 5.98 -16.13
CA ALA B 297 30.51 6.97 -17.17
C ALA B 297 31.19 8.21 -16.55
N THR B 298 30.69 8.66 -15.42
CA THR B 298 31.34 9.79 -14.74
C THR B 298 32.73 9.42 -14.26
N ALA B 299 32.88 8.23 -13.68
CA ALA B 299 34.15 7.83 -13.09
C ALA B 299 35.20 7.63 -14.15
N ALA B 300 34.79 7.40 -15.40
CA ALA B 300 35.76 7.23 -16.48
C ALA B 300 36.24 8.56 -17.06
N ARG B 301 35.62 9.67 -16.70
CA ARG B 301 36.09 10.97 -17.18
C ARG B 301 37.47 11.28 -16.56
N PRO B 302 38.36 11.93 -17.30
CA PRO B 302 39.71 12.17 -16.76
C PRO B 302 39.71 13.07 -15.53
N ASP B 303 38.75 13.99 -15.43
CA ASP B 303 38.66 14.92 -14.30
C ASP B 303 37.57 14.50 -13.32
N ALA B 304 37.42 13.18 -13.10
CA ALA B 304 36.27 12.67 -12.36
C ALA B 304 36.19 13.28 -10.96
N ALA B 305 37.32 13.43 -10.28
CA ALA B 305 37.26 13.96 -8.91
C ALA B 305 36.68 15.36 -8.90
N ARG B 306 37.08 16.21 -9.86
CA ARG B 306 36.55 17.56 -9.95
C ARG B 306 35.09 17.56 -10.35
N VAL B 307 34.72 16.74 -11.34
CA VAL B 307 33.34 16.63 -11.76
C VAL B 307 32.46 16.24 -10.59
N LEU B 308 32.92 15.28 -9.79
CA LEU B 308 32.07 14.76 -8.71
C LEU B 308 31.93 15.76 -7.57
N LEU B 309 32.93 16.60 -7.33
CA LEU B 309 32.75 17.67 -6.37
C LEU B 309 31.59 18.56 -6.77
N ARG B 310 31.45 18.84 -8.06
CA ARG B 310 30.34 19.69 -8.53
C ARG B 310 29.03 18.93 -8.47
N GLN B 311 29.05 17.64 -8.85
CA GLN B 311 27.82 16.87 -8.90
C GLN B 311 27.30 16.49 -7.52
N GLY B 312 28.18 15.98 -6.66
CA GLY B 312 27.73 15.45 -5.39
C GLY B 312 26.92 14.19 -5.54
N ALA B 313 25.89 14.07 -4.68
CA ALA B 313 25.00 12.93 -4.73
C ALA B 313 24.42 12.72 -6.13
N GLN B 314 24.53 11.49 -6.61
CA GLN B 314 23.99 11.09 -7.91
C GLN B 314 22.51 10.74 -7.75
N LYS B 315 21.63 11.40 -8.53
CA LYS B 315 20.20 11.20 -8.32
C LYS B 315 19.82 9.72 -8.39
N SER B 316 20.30 9.02 -9.40
CA SER B 316 19.88 7.62 -9.56
C SER B 316 20.56 6.67 -8.58
N ALA B 317 21.63 7.09 -7.91
CA ALA B 317 22.10 6.28 -6.78
C ALA B 317 21.13 6.36 -5.63
N LEU B 318 20.62 7.55 -5.32
CA LEU B 318 19.65 7.72 -4.25
C LEU B 318 18.35 6.97 -4.57
N THR B 319 17.86 7.13 -5.79
CA THR B 319 16.56 6.54 -6.13
C THR B 319 16.65 5.02 -6.26
N ALA B 320 17.80 4.51 -6.70
CA ALA B 320 18.01 3.06 -6.69
C ALA B 320 17.90 2.49 -5.28
N LYS B 321 18.59 3.10 -4.30
CA LYS B 321 18.51 2.53 -2.95
C LYS B 321 17.11 2.71 -2.37
N MET B 322 16.50 3.87 -2.57
CA MET B 322 15.12 4.08 -2.14
C MET B 322 14.18 3.05 -2.74
N PHE B 323 14.22 2.87 -4.07
CA PHE B 323 13.26 1.98 -4.71
C PHE B 323 13.49 0.54 -4.31
N CYS B 324 14.73 0.07 -4.40
CA CYS B 324 15.01 -1.34 -4.11
C CYS B 324 14.80 -1.67 -2.64
N GLY B 325 15.16 -0.77 -1.74
CA GLY B 325 14.91 -0.99 -0.34
C GLY B 325 13.43 -1.14 -0.02
N GLN B 326 12.61 -0.28 -0.61
CA GLN B 326 11.16 -0.35 -0.41
C GLN B 326 10.58 -1.59 -1.06
N THR B 327 10.95 -1.85 -2.31
CA THR B 327 10.35 -2.94 -3.07
C THR B 327 10.72 -4.30 -2.49
N ALA B 328 11.98 -4.49 -2.13
CA ALA B 328 12.40 -5.78 -1.59
C ALA B 328 11.79 -6.03 -0.22
N TRP B 329 11.59 -4.96 0.57
CA TRP B 329 10.86 -5.11 1.82
C TRP B 329 9.44 -5.56 1.56
N GLN B 330 8.78 -4.94 0.58
CA GLN B 330 7.40 -5.28 0.27
C GLN B 330 7.30 -6.73 -0.19
N ILE B 331 8.27 -7.19 -0.97
CA ILE B 331 8.27 -8.57 -1.43
C ILE B 331 8.42 -9.50 -0.23
N ALA B 332 9.38 -9.21 0.65
CA ALA B 332 9.61 -10.07 1.82
C ALA B 332 8.38 -10.06 2.73
N SER B 333 7.74 -8.89 2.86
CA SER B 333 6.56 -8.77 3.70
CA SER B 333 6.55 -8.77 3.70
C SER B 333 5.43 -9.64 3.16
N THR B 334 5.19 -9.59 1.85
CA THR B 334 4.18 -10.46 1.24
C THR B 334 4.54 -11.94 1.43
N ALA B 335 5.81 -12.28 1.18
CA ALA B 335 6.22 -13.69 1.26
C ALA B 335 6.19 -14.23 2.68
N SER B 336 6.32 -13.35 3.69
CA SER B 336 6.31 -13.80 5.08
C SER B 336 4.99 -14.41 5.49
N GLU B 337 3.91 -14.19 4.73
CA GLU B 337 2.65 -14.83 5.00
C GLU B 337 2.30 -15.95 4.03
N MET B 338 3.17 -16.28 3.10
CA MET B 338 2.82 -17.22 2.03
C MET B 338 3.16 -18.67 2.35
N PHE B 339 3.76 -18.94 3.52
CA PHE B 339 4.19 -20.29 3.91
C PHE B 339 3.40 -20.83 5.09
N GLY B 340 2.28 -20.23 5.44
CA GLY B 340 1.53 -20.70 6.57
C GLY B 340 2.37 -20.69 7.84
N GLY B 341 2.05 -21.62 8.73
CA GLY B 341 2.68 -21.64 10.04
C GLY B 341 4.16 -21.98 9.98
N ILE B 342 4.57 -22.81 9.03
CA ILE B 342 5.97 -23.21 8.96
C ILE B 342 6.85 -22.02 8.61
N GLY B 343 6.29 -21.01 7.93
CA GLY B 343 7.01 -19.77 7.65
C GLY B 343 7.23 -18.91 8.88
N TYR B 344 6.51 -19.19 9.97
CA TYR B 344 6.72 -18.55 11.26
C TYR B 344 7.75 -19.30 12.10
N THR B 345 8.50 -20.21 11.51
CA THR B 345 9.53 -20.97 12.19
C THR B 345 10.84 -20.82 11.43
N HIS B 346 11.95 -21.15 12.14
CA HIS B 346 13.26 -21.18 11.55
C HIS B 346 13.47 -22.38 10.64
N ASP B 347 12.47 -23.22 10.43
CA ASP B 347 12.57 -24.26 9.41
C ASP B 347 12.52 -23.65 8.00
N MET B 348 12.01 -22.43 7.88
CA MET B 348 12.01 -21.68 6.62
C MET B 348 12.96 -20.49 6.75
N VAL B 349 13.54 -20.08 5.62
CA VAL B 349 14.50 -18.98 5.62
C VAL B 349 13.84 -17.61 5.50
N ILE B 350 12.52 -17.54 5.29
CA ILE B 350 11.91 -16.23 5.02
C ILE B 350 12.07 -15.28 6.21
N GLY B 351 11.94 -15.80 7.43
CA GLY B 351 12.11 -14.93 8.59
C GLY B 351 13.48 -14.23 8.60
N LYS B 352 14.53 -14.97 8.27
CA LYS B 352 15.86 -14.39 8.16
C LYS B 352 15.94 -13.40 7.01
N LEU B 353 15.37 -13.74 5.84
CA LEU B 353 15.47 -12.83 4.70
C LEU B 353 14.74 -11.54 4.98
N LEU B 354 13.65 -11.61 5.75
CA LEU B 354 12.91 -10.42 6.12
C LEU B 354 13.74 -9.49 6.99
N ARG B 355 14.44 -10.05 8.00
CA ARG B 355 15.36 -9.27 8.80
C ARG B 355 16.51 -8.72 7.96
N ASP B 356 17.06 -9.54 7.06
CA ASP B 356 18.20 -9.09 6.26
C ASP B 356 17.80 -7.95 5.34
N VAL B 357 16.69 -8.07 4.63
CA VAL B 357 16.38 -7.08 3.60
C VAL B 357 15.94 -5.75 4.22
N ARG B 358 15.53 -5.78 5.50
CA ARG B 358 15.13 -4.56 6.20
C ARG B 358 16.24 -3.54 6.27
N HIS B 359 17.51 -3.95 6.14
CA HIS B 359 18.60 -3.01 6.24
C HIS B 359 18.58 -1.97 5.14
N ALA B 360 18.04 -2.31 3.98
CA ALA B 360 18.31 -1.52 2.78
C ALA B 360 17.65 -0.16 2.84
N SER B 361 16.45 -0.08 3.41
CA SER B 361 15.79 1.21 3.55
C SER B 361 16.31 2.03 4.73
N ILE B 362 17.10 1.43 5.60
CA ILE B 362 17.56 2.09 6.84
C ILE B 362 18.96 2.67 6.69
N ILE B 363 19.91 1.90 6.18
CA ILE B 363 21.31 2.28 6.28
C ILE B 363 21.71 3.15 5.08
N GLU B 364 22.70 4.00 5.33
CA GLU B 364 23.17 5.01 4.38
C GLU B 364 22.04 5.97 4.01
N GLY B 365 21.28 6.34 5.04
CA GLY B 365 20.20 7.31 4.88
C GLY B 365 18.86 6.60 4.76
N GLY B 366 17.96 6.85 5.71
CA GLY B 366 16.61 6.34 5.62
C GLY B 366 15.82 7.12 4.58
N ASP B 367 14.60 6.66 4.32
CA ASP B 367 13.85 7.27 3.22
C ASP B 367 13.29 8.64 3.55
N ASP B 368 13.13 9.01 4.81
CA ASP B 368 12.79 10.41 5.08
C ASP B 368 13.95 11.31 4.70
N VAL B 369 15.17 10.94 5.08
CA VAL B 369 16.36 11.68 4.70
C VAL B 369 16.52 11.71 3.18
N LEU B 370 16.36 10.57 2.53
CA LEU B 370 16.61 10.51 1.08
C LEU B 370 15.49 11.16 0.25
N ARG B 371 14.23 11.07 0.68
CA ARG B 371 13.19 11.78 -0.03
C ARG B 371 13.45 13.27 0.02
N ASP B 372 13.87 13.77 1.19
CA ASP B 372 14.12 15.21 1.32
C ASP B 372 15.32 15.63 0.49
N LEU B 373 16.34 14.77 0.39
CA LEU B 373 17.52 15.07 -0.41
C LEU B 373 17.17 15.10 -1.89
N VAL B 374 16.43 14.11 -2.35
CA VAL B 374 16.01 14.09 -3.75
C VAL B 374 15.21 15.35 -4.05
N TYR B 375 14.31 15.72 -3.14
CA TYR B 375 13.46 16.87 -3.33
C TYR B 375 14.29 18.13 -3.44
N GLN B 376 15.19 18.35 -2.49
CA GLN B 376 15.95 19.60 -2.45
C GLN B 376 16.96 19.69 -3.60
N ARG B 377 17.57 18.56 -3.97
CA ARG B 377 18.62 18.60 -4.97
C ARG B 377 18.11 18.55 -6.39
N PHE B 378 16.98 17.90 -6.61
CA PHE B 378 16.53 17.64 -7.98
C PHE B 378 15.15 18.13 -8.30
N VAL B 379 14.23 18.10 -7.35
CA VAL B 379 12.87 18.56 -7.67
C VAL B 379 12.79 20.09 -7.63
N VAL B 380 13.27 20.71 -6.54
CA VAL B 380 13.18 22.16 -6.36
C VAL B 380 13.88 22.92 -7.52
N PRO B 381 15.13 22.59 -7.85
CA PRO B 381 15.77 23.34 -8.95
C PRO B 381 15.08 23.13 -10.30
N THR B 382 14.52 21.94 -10.52
CA THR B 382 13.83 21.67 -11.79
C THR B 382 12.54 22.47 -11.89
N ALA B 383 11.80 22.60 -10.78
CA ALA B 383 10.47 23.20 -10.81
C ALA B 383 10.47 24.59 -11.42
N LYS B 384 11.63 25.24 -11.48
CA LYS B 384 11.71 26.58 -12.08
C LYS B 384 11.36 26.58 -13.55
N ARG B 385 11.36 25.42 -14.19
CA ARG B 385 11.67 25.31 -15.60
C ARG B 385 10.77 24.36 -16.33
N THR B 386 9.56 24.17 -15.83
CA THR B 386 8.68 23.13 -16.35
C THR B 386 7.66 23.72 -17.32
N LEU B 387 7.21 22.88 -18.25
CA LEU B 387 6.27 23.33 -19.27
C LEU B 387 4.97 23.82 -18.63
N GLU B 388 4.60 23.28 -17.46
CA GLU B 388 3.40 23.76 -16.78
C GLU B 388 3.66 25.10 -16.08
N HIS B 389 4.89 25.34 -15.63
CA HIS B 389 5.29 26.66 -15.13
C HIS B 389 5.02 27.74 -16.17
N MET C 1 -44.07 4.16 14.03
CA MET C 1 -42.99 4.15 12.99
C MET C 1 -41.82 3.38 13.58
N SER C 2 -41.60 2.15 13.14
CA SER C 2 -40.44 1.41 13.61
C SER C 2 -39.19 1.91 12.89
N GLU C 3 -38.03 1.59 13.46
CA GLU C 3 -36.79 1.96 12.79
C GLU C 3 -36.62 1.17 11.49
N SER C 4 -36.93 -0.13 11.52
CA SER C 4 -36.85 -0.92 10.30
C SER C 4 -37.83 -0.42 9.24
N GLU C 5 -39.02 0.04 9.67
CA GLU C 5 -39.97 0.59 8.72
C GLU C 5 -39.43 1.87 8.07
N ARG C 6 -38.84 2.76 8.88
CA ARG C 6 -38.23 3.97 8.33
C ARG C 6 -37.16 3.63 7.32
N LEU C 7 -36.31 2.67 7.63
CA LEU C 7 -35.25 2.30 6.69
C LEU C 7 -35.82 1.75 5.40
N GLY C 8 -36.95 1.02 5.48
CA GLY C 8 -37.60 0.55 4.26
C GLY C 8 -38.09 1.68 3.38
N ILE C 9 -38.62 2.74 3.98
CA ILE C 9 -39.00 3.94 3.22
C ILE C 9 -37.78 4.51 2.49
N VAL C 10 -36.64 4.58 3.18
CA VAL C 10 -35.43 5.11 2.57
C VAL C 10 -35.00 4.22 1.40
N ARG C 11 -35.01 2.90 1.59
CA ARG C 11 -34.59 2.01 0.52
C ARG C 11 -35.51 2.11 -0.67
N ASP C 12 -36.83 2.26 -0.42
CA ASP C 12 -37.78 2.42 -1.51
C ASP C 12 -37.54 3.72 -2.24
N PHE C 13 -37.19 4.78 -1.52
CA PHE C 13 -36.88 6.05 -2.18
C PHE C 13 -35.65 5.89 -3.08
N VAL C 14 -34.62 5.17 -2.58
CA VAL C 14 -33.42 4.97 -3.38
C VAL C 14 -33.75 4.19 -4.65
N ALA C 15 -34.56 3.15 -4.52
CA ALA C 15 -34.96 2.36 -5.68
C ALA C 15 -35.79 3.18 -6.66
N ARG C 16 -36.68 4.02 -6.15
CA ARG C 16 -37.60 4.77 -7.01
C ARG C 16 -36.93 5.96 -7.69
N GLU C 17 -36.02 6.64 -6.99
CA GLU C 17 -35.57 7.96 -7.41
C GLU C 17 -34.09 8.06 -7.70
N ILE C 18 -33.31 7.02 -7.42
CA ILE C 18 -31.86 7.12 -7.56
C ILE C 18 -31.33 6.04 -8.49
N LEU C 19 -31.61 4.77 -8.18
CA LEU C 19 -31.05 3.69 -8.97
C LEU C 19 -31.48 3.81 -10.43
N GLY C 20 -30.53 3.61 -11.32
CA GLY C 20 -30.79 3.72 -12.74
C GLY C 20 -30.78 5.12 -13.30
N ARG C 21 -30.48 6.13 -12.47
CA ARG C 21 -30.53 7.53 -12.88
C ARG C 21 -29.18 8.21 -12.73
N GLU C 22 -28.10 7.43 -12.79
CA GLU C 22 -26.75 7.98 -12.64
C GLU C 22 -26.47 9.07 -13.68
N GLY C 23 -27.05 8.95 -14.86
CA GLY C 23 -26.86 9.97 -15.87
C GLY C 23 -27.20 11.35 -15.34
N ILE C 24 -28.45 11.52 -14.91
CA ILE C 24 -28.89 12.81 -14.41
C ILE C 24 -28.12 13.18 -13.13
N LEU C 25 -27.93 12.21 -12.23
CA LEU C 25 -27.31 12.53 -10.95
C LEU C 25 -25.89 13.00 -11.14
N ASP C 26 -25.19 12.49 -12.16
CA ASP C 26 -23.79 12.81 -12.41
C ASP C 26 -23.60 14.03 -13.30
N SER C 27 -24.67 14.74 -13.66
CA SER C 27 -24.63 15.74 -14.72
C SER C 27 -24.50 17.18 -14.20
N LEU C 28 -24.47 17.40 -12.88
CA LEU C 28 -24.45 18.74 -12.31
C LEU C 28 -25.63 19.55 -12.82
N ALA C 29 -26.82 18.95 -12.73
CA ALA C 29 -28.02 19.59 -13.25
C ALA C 29 -28.44 20.77 -12.37
N ASP C 30 -29.32 21.61 -12.93
CA ASP C 30 -29.87 22.74 -12.20
C ASP C 30 -30.34 22.26 -10.84
N ALA C 31 -29.94 22.98 -9.79
CA ALA C 31 -30.17 22.52 -8.42
C ALA C 31 -31.25 23.36 -7.75
N PRO C 32 -32.00 22.78 -6.82
CA PRO C 32 -31.91 21.37 -6.41
C PRO C 32 -32.69 20.42 -7.30
N LEU C 33 -32.19 19.20 -7.51
CA LEU C 33 -32.92 18.23 -8.29
C LEU C 33 -34.29 17.97 -7.67
N ALA C 34 -35.24 17.62 -8.54
CA ALA C 34 -36.60 17.32 -8.08
C ALA C 34 -36.61 16.17 -7.07
N LEU C 35 -35.63 15.28 -7.11
CA LEU C 35 -35.65 14.15 -6.19
C LEU C 35 -35.59 14.59 -4.73
N TYR C 36 -34.97 15.74 -4.43
CA TYR C 36 -34.95 16.19 -3.04
C TYR C 36 -36.35 16.56 -2.54
N GLU C 37 -37.20 17.11 -3.41
CA GLU C 37 -38.58 17.32 -3.01
C GLU C 37 -39.29 15.98 -2.82
N ARG C 38 -38.94 14.97 -3.63
CA ARG C 38 -39.49 13.65 -3.45
C ARG C 38 -39.09 13.07 -2.10
N PHE C 39 -37.85 13.35 -1.65
CA PHE C 39 -37.46 12.88 -0.33
C PHE C 39 -38.24 13.62 0.75
N ALA C 40 -38.46 14.92 0.56
CA ALA C 40 -39.27 15.69 1.51
C ALA C 40 -40.66 15.07 1.68
N GLU C 41 -41.21 14.51 0.61
CA GLU C 41 -42.54 13.92 0.66
C GLU C 41 -42.58 12.63 1.49
N THR C 42 -41.43 12.02 1.78
CA THR C 42 -41.40 10.83 2.63
C THR C 42 -41.66 11.15 4.10
N GLY C 43 -41.47 12.41 4.51
CA GLY C 43 -41.55 12.79 5.90
C GLY C 43 -40.25 12.69 6.67
N LEU C 44 -39.14 12.30 6.03
CA LEU C 44 -37.87 12.08 6.70
C LEU C 44 -36.87 13.22 6.57
N MET C 45 -37.21 14.31 5.89
CA MET C 45 -36.27 15.42 5.79
C MET C 45 -35.91 15.94 7.18
N ASN C 46 -34.63 16.26 7.41
CA ASN C 46 -34.18 16.76 8.70
C ASN C 46 -34.55 15.80 9.83
N TRP C 47 -34.36 14.49 9.58
CA TRP C 47 -34.85 13.47 10.50
C TRP C 47 -34.22 13.53 11.88
N TRP C 48 -33.07 14.18 12.00
CA TRP C 48 -32.35 14.24 13.27
C TRP C 48 -32.79 15.39 14.17
N VAL C 49 -33.54 16.35 13.64
CA VAL C 49 -33.83 17.53 14.47
C VAL C 49 -34.67 17.12 15.68
N PRO C 50 -34.35 17.60 16.90
CA PRO C 50 -35.09 17.16 18.08
C PRO C 50 -36.58 17.44 17.99
N LYS C 51 -37.35 16.63 18.72
CA LYS C 51 -38.79 16.77 18.74
C LYS C 51 -39.23 18.12 19.31
N GLU C 52 -38.38 18.77 20.11
CA GLU C 52 -38.73 20.09 20.64
C GLU C 52 -38.98 21.11 19.53
N HIS C 53 -38.41 20.90 18.34
CA HIS C 53 -38.64 21.78 17.21
C HIS C 53 -39.44 21.11 16.10
N GLY C 54 -40.24 20.10 16.47
CA GLY C 54 -41.10 19.43 15.50
C GLY C 54 -40.42 18.37 14.69
N GLY C 55 -39.20 17.98 15.04
CA GLY C 55 -38.49 16.95 14.30
C GLY C 55 -38.76 15.55 14.84
N LEU C 56 -38.29 14.57 14.07
CA LEU C 56 -38.41 13.17 14.49
C LEU C 56 -37.44 12.81 15.61
N GLY C 57 -36.34 13.56 15.75
CA GLY C 57 -35.41 13.32 16.83
C GLY C 57 -34.64 12.03 16.75
N LEU C 58 -34.34 11.55 15.55
CA LEU C 58 -33.67 10.27 15.42
C LEU C 58 -32.20 10.42 15.83
N GLY C 59 -31.66 9.40 16.48
CA GLY C 59 -30.27 9.46 16.91
C GLY C 59 -29.31 9.32 15.75
N LEU C 60 -28.04 9.58 16.03
CA LEU C 60 -27.02 9.48 14.98
C LEU C 60 -26.75 8.03 14.59
N GLU C 61 -26.96 7.10 15.52
CA GLU C 61 -26.83 5.68 15.19
C GLU C 61 -27.77 5.29 14.07
N GLU C 62 -29.05 5.64 14.19
CA GLU C 62 -29.98 5.39 13.10
C GLU C 62 -29.58 6.20 11.86
N SER C 63 -29.07 7.43 12.06
CA SER C 63 -28.66 8.24 10.92
C SER C 63 -27.56 7.54 10.12
N VAL C 64 -26.67 6.83 10.80
CA VAL C 64 -25.62 6.10 10.08
C VAL C 64 -26.25 5.10 9.13
N ARG C 65 -27.29 4.39 9.57
CA ARG C 65 -27.92 3.41 8.71
C ARG C 65 -28.67 4.08 7.58
N ILE C 66 -29.38 5.19 7.87
CA ILE C 66 -30.09 5.95 6.85
C ILE C 66 -29.12 6.43 5.78
N VAL C 67 -28.03 7.05 6.19
CA VAL C 67 -27.08 7.64 5.25
C VAL C 67 -26.41 6.55 4.42
N SER C 68 -26.01 5.44 5.06
CA SER C 68 -25.45 4.33 4.32
C SER C 68 -26.41 3.85 3.22
N GLU C 69 -27.70 3.78 3.53
CA GLU C 69 -28.67 3.36 2.50
C GLU C 69 -28.79 4.39 1.38
N LEU C 70 -28.86 5.68 1.73
CA LEU C 70 -28.92 6.73 0.72
C LEU C 70 -27.66 6.74 -0.16
N ALA C 71 -26.49 6.64 0.48
CA ALA C 71 -25.24 6.76 -0.27
C ALA C 71 -24.99 5.54 -1.16
N TYR C 72 -25.54 4.40 -0.76
CA TYR C 72 -25.51 3.21 -1.61
C TYR C 72 -26.07 3.56 -2.99
N GLY C 73 -27.11 4.40 -3.02
CA GLY C 73 -27.64 4.92 -4.27
C GLY C 73 -26.76 6.02 -4.85
N ASP C 74 -26.52 7.07 -4.08
CA ASP C 74 -25.73 8.19 -4.55
C ASP C 74 -25.19 8.99 -3.38
N ALA C 75 -23.86 9.13 -3.30
CA ALA C 75 -23.26 9.81 -2.16
C ALA C 75 -23.60 11.30 -2.14
N GLY C 76 -23.77 11.90 -3.32
CA GLY C 76 -24.10 13.32 -3.38
C GLY C 76 -25.50 13.60 -2.90
N VAL C 77 -26.43 12.68 -3.15
CA VAL C 77 -27.78 12.84 -2.60
C VAL C 77 -27.74 12.69 -1.09
N ALA C 78 -26.98 11.69 -0.60
CA ALA C 78 -26.84 11.50 0.84
C ALA C 78 -26.27 12.76 1.49
N PHE C 79 -25.15 13.25 0.95
CA PHE C 79 -24.46 14.41 1.49
C PHE C 79 -25.40 15.60 1.61
N THR C 80 -26.11 15.92 0.53
CA THR C 80 -27.05 17.05 0.56
C THR C 80 -28.09 16.86 1.67
N LEU C 81 -28.55 15.64 1.88
CA LEU C 81 -29.64 15.43 2.82
C LEU C 81 -29.18 15.41 4.27
N PHE C 82 -27.95 14.99 4.58
CA PHE C 82 -27.54 14.94 5.99
C PHE C 82 -26.69 16.11 6.43
N LEU C 83 -26.02 16.81 5.51
CA LEU C 83 -25.07 17.83 5.94
C LEU C 83 -25.70 18.94 6.79
N PRO C 84 -26.96 19.33 6.61
CA PRO C 84 -27.54 20.33 7.52
C PRO C 84 -27.44 19.99 8.99
N VAL C 85 -27.10 18.74 9.34
CA VAL C 85 -26.96 18.40 10.77
C VAL C 85 -25.86 19.23 11.41
N LEU C 86 -24.84 19.60 10.64
CA LEU C 86 -23.79 20.46 11.14
C LEU C 86 -24.36 21.78 11.63
N THR C 87 -25.19 22.40 10.81
CA THR C 87 -25.78 23.71 11.13
C THR C 87 -26.81 23.59 12.24
N THR C 88 -27.71 22.61 12.15
CA THR C 88 -28.78 22.55 13.14
C THR C 88 -28.23 22.15 14.52
N SER C 89 -27.23 21.28 14.57
CA SER C 89 -26.71 20.91 15.90
C SER C 89 -26.05 22.11 16.58
N MET C 90 -25.37 22.98 15.81
CA MET C 90 -24.79 24.17 16.39
C MET C 90 -25.87 25.10 16.96
N ILE C 91 -26.88 25.39 16.15
CA ILE C 91 -27.96 26.27 16.61
C ILE C 91 -28.66 25.64 17.80
N GLY C 92 -28.91 24.33 17.73
CA GLY C 92 -29.64 23.67 18.82
C GLY C 92 -28.93 23.79 20.16
N TRP C 93 -27.60 23.69 20.16
CA TRP C 93 -26.89 23.72 21.43
C TRP C 93 -26.49 25.11 21.86
N TYR C 94 -26.19 26.01 20.92
CA TYR C 94 -25.61 27.31 21.27
C TYR C 94 -26.42 28.51 20.82
N GLY C 95 -27.58 28.31 20.21
CA GLY C 95 -28.47 29.42 19.96
C GLY C 95 -29.42 29.69 21.11
N SER C 96 -29.91 30.93 21.18
CA SER C 96 -30.92 31.25 22.15
C SER C 96 -32.24 30.55 21.78
N GLU C 97 -33.15 30.49 22.75
CA GLU C 97 -34.47 29.92 22.48
C GLU C 97 -35.16 30.67 21.35
N GLU C 98 -35.05 32.01 21.34
CA GLU C 98 -35.72 32.78 20.29
C GLU C 98 -35.12 32.49 18.92
N LEU C 99 -33.78 32.39 18.85
CA LEU C 99 -33.14 32.06 17.59
C LEU C 99 -33.61 30.69 17.10
N LYS C 100 -33.62 29.71 18.00
CA LYS C 100 -34.04 28.36 17.63
C LYS C 100 -35.47 28.35 17.11
N GLU C 101 -36.37 29.03 17.81
CA GLU C 101 -37.76 29.09 17.37
C GLU C 101 -37.86 29.78 16.01
N ARG C 102 -37.04 30.80 15.78
CA ARG C 102 -37.14 31.57 14.54
C ARG C 102 -36.63 30.77 13.35
N PHE C 103 -35.57 29.98 13.53
CA PHE C 103 -34.97 29.28 12.40
C PHE C 103 -35.19 27.78 12.39
N LEU C 104 -35.14 27.09 13.55
CA LEU C 104 -35.27 25.63 13.52
C LEU C 104 -36.72 25.18 13.31
N GLY C 105 -37.67 25.83 13.97
CA GLY C 105 -39.08 25.51 13.79
C GLY C 105 -39.46 25.42 12.34
N PRO C 106 -39.32 26.53 11.62
CA PRO C 106 -39.75 26.53 10.21
C PRO C 106 -38.96 25.59 9.32
N LEU C 107 -37.67 25.34 9.65
CA LEU C 107 -36.87 24.42 8.84
C LEU C 107 -37.56 23.06 8.73
N VAL C 108 -37.97 22.51 9.86
CA VAL C 108 -38.61 21.19 9.86
C VAL C 108 -39.92 21.25 9.10
N ALA C 109 -40.78 22.20 9.47
CA ALA C 109 -42.13 22.25 8.92
C ALA C 109 -42.12 22.53 7.42
N ARG C 110 -41.17 23.34 6.95
CA ARG C 110 -41.07 23.72 5.54
C ARG C 110 -40.15 22.82 4.76
N ARG C 111 -39.52 21.84 5.40
CA ARG C 111 -38.72 20.84 4.71
C ARG C 111 -37.60 21.49 3.90
N GLY C 112 -36.89 22.41 4.55
CA GLY C 112 -35.87 23.18 3.91
C GLY C 112 -34.46 22.71 4.22
N PHE C 113 -33.50 23.37 3.59
CA PHE C 113 -32.09 23.15 3.81
C PHE C 113 -31.49 24.35 4.53
N CYS C 114 -30.37 24.10 5.24
CA CYS C 114 -29.54 25.17 5.78
C CYS C 114 -28.11 24.74 5.56
N ALA C 115 -27.20 25.69 5.69
CA ALA C 115 -25.80 25.43 5.40
C ALA C 115 -24.89 26.17 6.37
N THR C 116 -23.65 25.69 6.50
CA THR C 116 -22.63 26.33 7.31
C THR C 116 -21.52 26.80 6.39
N LEU C 117 -21.07 28.04 6.58
CA LEU C 117 -20.04 28.66 5.77
C LEU C 117 -18.82 28.81 6.69
N GLY C 118 -17.92 27.84 6.65
CA GLY C 118 -16.67 27.94 7.39
C GLY C 118 -15.47 28.17 6.52
N SER C 119 -15.33 27.37 5.46
CA SER C 119 -14.08 27.35 4.71
C SER C 119 -13.85 28.68 3.99
N GLU C 120 -12.57 29.02 3.89
CA GLU C 120 -12.10 30.17 3.13
C GLU C 120 -10.87 29.77 2.35
N HIS C 121 -10.64 30.47 1.24
CA HIS C 121 -9.53 30.11 0.37
C HIS C 121 -8.18 30.38 1.04
N GLU C 122 -7.94 31.61 1.50
CA GLU C 122 -6.59 31.89 2.00
C GLU C 122 -6.34 31.20 3.35
N ALA C 123 -7.35 31.12 4.23
CA ALA C 123 -7.10 30.52 5.55
C ALA C 123 -6.93 29.01 5.44
N GLY C 124 -7.62 28.37 4.49
CA GLY C 124 -7.56 26.91 4.42
C GLY C 124 -8.11 26.32 5.71
N SER C 125 -7.45 25.30 6.23
CA SER C 125 -7.87 24.71 7.48
C SER C 125 -7.26 25.42 8.69
N GLU C 126 -6.52 26.50 8.46
CA GLU C 126 -5.92 27.30 9.55
C GLU C 126 -6.95 28.38 9.92
N LEU C 127 -8.00 27.94 10.61
CA LEU C 127 -9.22 28.76 10.70
C LEU C 127 -9.03 30.00 11.56
N ALA C 128 -8.02 30.01 12.43
CA ALA C 128 -7.69 31.24 13.16
C ALA C 128 -7.38 32.38 12.21
N ARG C 129 -7.06 32.07 10.95
CA ARG C 129 -6.71 33.07 9.96
C ARG C 129 -7.91 33.54 9.12
N ILE C 130 -9.13 33.09 9.43
CA ILE C 130 -10.29 33.50 8.63
CA ILE C 130 -10.27 33.50 8.61
C ILE C 130 -10.32 35.02 8.56
N SER C 131 -10.66 35.55 7.38
CA SER C 131 -10.72 36.98 7.17
C SER C 131 -12.14 37.52 6.98
N THR C 132 -13.14 36.66 6.89
CA THR C 132 -14.53 37.15 6.96
C THR C 132 -14.78 37.75 8.34
N THR C 133 -15.24 39.01 8.35
CA THR C 133 -15.33 39.81 9.57
C THR C 133 -16.78 40.03 9.96
N VAL C 134 -17.03 40.13 11.25
CA VAL C 134 -18.32 40.58 11.79
C VAL C 134 -18.06 41.75 12.73
N ARG C 135 -18.82 42.82 12.55
CA ARG C 135 -18.67 44.07 13.31
C ARG C 135 -20.01 44.42 13.94
N ARG C 136 -19.97 44.95 15.16
CA ARG C 136 -21.17 45.45 15.79
C ARG C 136 -21.49 46.86 15.32
N ASP C 137 -22.76 47.10 15.05
CA ASP C 137 -23.29 48.43 14.74
C ASP C 137 -24.59 48.50 15.55
N GLY C 138 -24.50 49.05 16.75
CA GLY C 138 -25.68 49.09 17.61
C GLY C 138 -26.15 47.69 17.93
N ASP C 139 -27.42 47.42 17.66
CA ASP C 139 -28.03 46.12 17.93
C ASP C 139 -27.92 45.17 16.74
N THR C 140 -27.09 45.49 15.76
CA THR C 140 -26.95 44.67 14.57
C THR C 140 -25.48 44.28 14.36
N LEU C 141 -25.31 43.26 13.54
CA LEU C 141 -24.01 42.74 13.15
C LEU C 141 -23.83 42.88 11.64
N VAL C 142 -22.61 43.24 11.22
CA VAL C 142 -22.31 43.53 9.82
C VAL C 142 -21.24 42.56 9.36
N LEU C 143 -21.55 41.77 8.34
CA LEU C 143 -20.65 40.76 7.81
C LEU C 143 -20.00 41.22 6.51
N ASP C 144 -18.72 40.90 6.34
CA ASP C 144 -17.96 41.23 5.14
C ASP C 144 -16.94 40.14 4.90
N GLY C 145 -16.84 39.65 3.67
CA GLY C 145 -15.86 38.64 3.36
C GLY C 145 -16.34 37.59 2.37
N THR C 146 -15.44 36.72 1.95
CA THR C 146 -15.74 35.68 0.98
C THR C 146 -15.50 34.31 1.60
N LYS C 147 -16.50 33.43 1.48
CA LYS C 147 -16.46 32.06 1.94
C LYS C 147 -16.31 31.16 0.72
N ALA C 148 -15.47 30.15 0.86
CA ALA C 148 -14.98 29.41 -0.31
C ALA C 148 -15.99 28.38 -0.80
N PHE C 149 -16.46 27.51 0.09
CA PHE C 149 -17.27 26.35 -0.27
C PHE C 149 -18.41 26.22 0.72
N SER C 150 -19.66 26.14 0.23
CA SER C 150 -20.76 25.80 1.12
C SER C 150 -21.83 25.09 0.30
N THR C 151 -22.29 23.96 0.82
CA THR C 151 -23.18 23.05 0.10
C THR C 151 -24.63 23.45 0.34
N SER C 152 -25.38 23.59 -0.74
CA SER C 152 -26.83 23.81 -0.78
C SER C 152 -27.21 25.26 -0.51
N THR C 153 -26.23 26.16 -0.42
CA THR C 153 -26.51 27.53 -0.01
C THR C 153 -27.53 28.21 -0.90
N ASP C 154 -27.44 28.01 -2.23
CA ASP C 154 -28.32 28.76 -3.14
C ASP C 154 -29.78 28.53 -2.82
N PHE C 155 -30.15 27.33 -2.37
CA PHE C 155 -31.56 27.02 -2.09
C PHE C 155 -31.81 26.79 -0.61
N ALA C 156 -30.86 27.18 0.25
CA ALA C 156 -31.03 27.09 1.69
C ALA C 156 -31.99 28.16 2.21
N ARG C 157 -32.62 27.87 3.35
CA ARG C 157 -33.41 28.89 4.03
C ARG C 157 -32.51 29.89 4.78
N PHE C 158 -31.44 29.38 5.38
CA PHE C 158 -30.54 30.21 6.17
C PHE C 158 -29.19 29.54 6.26
N LEU C 159 -28.21 30.29 6.74
CA LEU C 159 -26.82 29.88 6.84
C LEU C 159 -26.31 30.26 8.22
N VAL C 160 -25.29 29.52 8.68
CA VAL C 160 -24.45 29.94 9.80
C VAL C 160 -23.07 30.23 9.24
N VAL C 161 -22.60 31.45 9.43
CA VAL C 161 -21.32 31.93 8.92
C VAL C 161 -20.35 32.03 10.08
N ILE C 162 -19.15 31.45 9.93
CA ILE C 162 -18.09 31.59 10.92
C ILE C 162 -17.25 32.81 10.57
N ALA C 163 -17.16 33.76 11.50
CA ALA C 163 -16.51 35.02 11.21
C ALA C 163 -15.61 35.42 12.38
N ARG C 164 -14.63 36.27 12.06
CA ARG C 164 -13.71 36.82 13.04
C ARG C 164 -14.20 38.20 13.43
N SER C 165 -14.15 38.50 14.71
CA SER C 165 -14.62 39.80 15.17
C SER C 165 -13.68 40.88 14.66
N ALA C 166 -14.24 41.91 14.02
CA ALA C 166 -13.46 43.09 13.68
C ALA C 166 -13.21 43.98 14.89
N ASP C 167 -14.05 43.88 15.92
CA ASP C 167 -13.86 44.65 17.15
C ASP C 167 -12.76 44.04 18.01
N ASP C 168 -12.82 42.73 18.24
CA ASP C 168 -11.78 42.01 18.97
C ASP C 168 -11.20 40.92 18.07
N PRO C 169 -10.06 41.16 17.41
CA PRO C 169 -9.47 40.13 16.55
C PRO C 169 -9.29 38.76 17.19
N ALA C 170 -9.27 38.69 18.53
CA ALA C 170 -9.11 37.39 19.18
C ALA C 170 -10.40 36.57 19.23
N ARG C 171 -11.53 37.10 18.74
CA ARG C 171 -12.83 36.50 18.96
C ARG C 171 -13.44 36.04 17.65
N TYR C 172 -14.06 34.85 17.67
CA TYR C 172 -14.69 34.24 16.53
C TYR C 172 -16.16 33.99 16.88
N THR C 173 -17.04 34.24 15.93
CA THR C 173 -18.49 34.22 16.16
C THR C 173 -19.17 33.49 15.02
N ALA C 174 -20.14 32.64 15.37
CA ALA C 174 -21.01 31.98 14.40
C ALA C 174 -22.28 32.82 14.31
N VAL C 175 -22.62 33.25 13.09
CA VAL C 175 -23.70 34.20 12.87
C VAL C 175 -24.71 33.58 11.89
N THR C 176 -25.97 33.57 12.30
CA THR C 176 -27.05 33.08 11.45
C THR C 176 -27.48 34.18 10.48
N VAL C 177 -27.62 33.83 9.20
CA VAL C 177 -27.95 34.78 8.15
C VAL C 177 -29.06 34.20 7.28
N PRO C 178 -30.22 34.87 7.14
CA PRO C 178 -31.22 34.40 6.17
C PRO C 178 -30.64 34.43 4.77
N ARG C 179 -31.05 33.43 3.96
CA ARG C 179 -30.56 33.31 2.59
C ARG C 179 -30.76 34.59 1.78
N ASP C 180 -31.89 35.26 1.97
CA ASP C 180 -32.22 36.42 1.16
C ASP C 180 -31.72 37.74 1.76
N ALA C 181 -30.81 37.68 2.70
CA ALA C 181 -30.32 38.91 3.33
C ALA C 181 -29.65 39.79 2.28
N PRO C 182 -29.94 41.08 2.25
CA PRO C 182 -29.16 41.98 1.37
C PRO C 182 -27.70 41.93 1.76
N GLY C 183 -26.85 41.94 0.76
CA GLY C 183 -25.42 41.89 1.00
C GLY C 183 -24.82 40.52 0.86
N LEU C 184 -25.67 39.50 0.74
CA LEU C 184 -25.25 38.12 0.53
C LEU C 184 -25.30 37.82 -0.96
N ARG C 185 -24.18 37.40 -1.54
CA ARG C 185 -24.11 37.13 -2.96
C ARG C 185 -23.60 35.70 -3.15
N VAL C 186 -24.31 34.91 -3.94
CA VAL C 186 -23.82 33.58 -4.36
C VAL C 186 -22.96 33.81 -5.61
N ASP C 187 -21.66 33.65 -5.47
CA ASP C 187 -20.74 34.04 -6.53
C ASP C 187 -20.76 33.05 -7.69
N LYS C 188 -20.76 31.76 -7.38
CA LYS C 188 -20.68 30.73 -8.40
C LYS C 188 -20.96 29.36 -7.78
N ARG C 189 -21.30 28.42 -8.62
CA ARG C 189 -21.37 27.02 -8.20
C ARG C 189 -20.11 26.31 -8.64
N TRP C 190 -19.53 25.52 -7.74
CA TRP C 190 -18.31 24.78 -8.05
C TRP C 190 -18.62 23.60 -8.96
N ASP C 191 -17.79 23.41 -9.99
CA ASP C 191 -17.88 22.25 -10.90
C ASP C 191 -17.13 21.08 -10.25
N VAL C 192 -17.81 20.38 -9.36
CA VAL C 192 -17.19 19.32 -8.58
C VAL C 192 -17.00 18.07 -9.44
N ILE C 193 -15.94 17.31 -9.14
CA ILE C 193 -15.61 16.14 -9.96
C ILE C 193 -16.48 14.94 -9.62
N GLY C 194 -17.02 14.89 -8.41
CA GLY C 194 -17.94 13.86 -7.99
C GLY C 194 -19.00 14.47 -7.10
N MET C 195 -19.89 13.61 -6.59
CA MET C 195 -21.08 14.08 -5.88
C MET C 195 -21.82 15.17 -6.67
N ARG C 196 -21.99 14.92 -7.96
CA ARG C 196 -22.53 15.95 -8.87
C ARG C 196 -24.04 16.07 -8.79
N ALA C 197 -24.67 15.34 -7.86
CA ALA C 197 -26.04 15.61 -7.44
C ALA C 197 -26.12 16.59 -6.27
N SER C 198 -24.98 16.98 -5.70
CA SER C 198 -24.91 18.05 -4.72
C SER C 198 -24.47 19.35 -5.39
N ALA C 199 -24.76 20.47 -4.72
CA ALA C 199 -24.43 21.79 -5.23
C ALA C 199 -23.67 22.55 -4.14
N THR C 200 -22.47 23.03 -4.49
CA THR C 200 -21.61 23.73 -3.53
C THR C 200 -21.17 25.04 -4.16
N TYR C 201 -21.13 26.08 -3.32
CA TYR C 201 -21.06 27.46 -3.80
C TYR C 201 -19.98 28.25 -3.09
N GLN C 202 -19.52 29.30 -3.79
CA GLN C 202 -18.71 30.36 -3.20
C GLN C 202 -19.65 31.52 -2.90
N VAL C 203 -19.52 32.11 -1.71
CA VAL C 203 -20.46 33.10 -1.21
C VAL C 203 -19.70 34.29 -0.67
N SER C 204 -20.14 35.49 -1.02
CA SER C 204 -19.49 36.70 -0.55
C SER C 204 -20.47 37.59 0.19
N PHE C 205 -19.94 38.33 1.17
CA PHE C 205 -20.74 39.22 2.01
C PHE C 205 -20.20 40.63 1.82
N SER C 206 -21.11 41.58 1.64
CA SER C 206 -20.75 43.00 1.56
C SER C 206 -21.78 43.81 2.33
N ASP C 207 -21.37 44.38 3.47
CA ASP C 207 -22.25 45.14 4.33
C ASP C 207 -23.53 44.37 4.63
N CYS C 208 -23.38 43.07 4.89
CA CYS C 208 -24.52 42.21 5.15
C CYS C 208 -24.94 42.33 6.63
N ARG C 209 -26.14 42.85 6.88
CA ARG C 209 -26.57 43.23 8.22
C ARG C 209 -27.64 42.27 8.74
N VAL C 210 -27.44 41.78 9.96
CA VAL C 210 -28.41 40.94 10.65
C VAL C 210 -28.53 41.39 12.10
N PRO C 211 -29.64 41.05 12.76
CA PRO C 211 -29.77 41.39 14.17
C PRO C 211 -28.67 40.75 15.02
N GLY C 212 -28.35 41.42 16.12
CA GLY C 212 -27.35 40.90 17.03
C GLY C 212 -27.71 39.55 17.62
N ASP C 213 -28.99 39.29 17.83
CA ASP C 213 -29.33 38.00 18.42
C ASP C 213 -29.20 36.85 17.44
N ASN C 214 -28.85 37.12 16.17
CA ASN C 214 -28.56 36.03 15.26
C ASN C 214 -27.24 35.33 15.57
N ALA C 215 -26.46 35.84 16.52
CA ALA C 215 -25.20 35.21 16.85
C ALA C 215 -25.42 34.03 17.81
N LEU C 216 -24.70 32.93 17.56
CA LEU C 216 -24.64 31.84 18.53
C LEU C 216 -23.74 32.25 19.69
N ASN C 217 -23.90 31.56 20.82
CA ASN C 217 -23.14 31.87 22.04
C ASN C 217 -21.95 30.93 22.13
N GLY C 218 -20.75 31.49 22.05
CA GLY C 218 -19.53 30.72 22.15
C GLY C 218 -18.51 31.06 21.08
N ASN C 219 -17.30 30.57 21.30
CA ASN C 219 -16.22 30.69 20.33
C ASN C 219 -16.63 29.99 19.05
N GLY C 220 -16.74 30.76 17.96
CA GLY C 220 -17.26 30.19 16.71
C GLY C 220 -16.45 29.01 16.20
N LEU C 221 -15.13 29.05 16.38
CA LEU C 221 -14.30 27.95 15.90
C LEU C 221 -14.54 26.70 16.72
N ARG C 222 -14.79 26.85 18.02
CA ARG C 222 -15.10 25.69 18.86
C ARG C 222 -16.47 25.15 18.51
N LEU C 223 -17.45 26.04 18.29
CA LEU C 223 -18.79 25.59 17.89
C LEU C 223 -18.73 24.82 16.59
N LEU C 224 -17.91 25.28 15.64
CA LEU C 224 -17.82 24.58 14.37
C LEU C 224 -17.27 23.17 14.57
N GLU C 225 -16.19 23.05 15.36
CA GLU C 225 -15.64 21.73 15.66
C GLU C 225 -16.70 20.80 16.23
N ILE C 226 -17.56 21.32 17.13
CA ILE C 226 -18.58 20.49 17.76
C ILE C 226 -19.63 20.07 16.73
N GLY C 227 -20.11 21.02 15.92
CA GLY C 227 -21.05 20.66 14.87
C GLY C 227 -20.49 19.61 13.94
N LEU C 228 -19.18 19.67 13.66
CA LEU C 228 -18.60 18.78 12.68
C LEU C 228 -18.52 17.34 13.18
N ASN C 229 -18.72 17.10 14.48
CA ASN C 229 -18.72 15.71 14.97
C ASN C 229 -19.77 14.88 14.26
N ALA C 230 -20.99 15.43 14.12
CA ALA C 230 -22.06 14.67 13.47
C ALA C 230 -21.80 14.50 11.97
N SER C 231 -21.43 15.59 11.27
CA SER C 231 -21.28 15.48 9.83
C SER C 231 -20.07 14.62 9.46
N ARG C 232 -19.02 14.62 10.28
CA ARG C 232 -17.88 13.77 9.97
C ARG C 232 -18.24 12.31 10.09
N ILE C 233 -19.05 11.95 11.08
CA ILE C 233 -19.49 10.56 11.23
C ILE C 233 -20.36 10.14 10.06
N LEU C 234 -21.25 11.04 9.57
CA LEU C 234 -22.13 10.66 8.47
C LEU C 234 -21.39 10.68 7.13
N ILE C 235 -20.32 11.44 7.00
CA ILE C 235 -19.48 11.29 5.81
C ILE C 235 -18.87 9.89 5.80
N ALA C 236 -18.43 9.43 6.95
CA ALA C 236 -17.92 8.06 7.06
C ALA C 236 -18.99 7.05 6.70
N ALA C 237 -20.22 7.28 7.16
CA ALA C 237 -21.33 6.39 6.81
C ALA C 237 -21.63 6.42 5.32
N SER C 238 -21.44 7.57 4.68
CA SER C 238 -21.62 7.66 3.24
C SER C 238 -20.58 6.83 2.49
N ALA C 239 -19.32 6.95 2.89
CA ALA C 239 -18.29 6.13 2.28
C ALA C 239 -18.59 4.64 2.45
N LEU C 240 -19.11 4.24 3.62
CA LEU C 240 -19.52 2.86 3.84
C LEU C 240 -20.57 2.42 2.84
N GLY C 241 -21.62 3.23 2.65
CA GLY C 241 -22.63 2.89 1.67
C GLY C 241 -22.09 2.77 0.26
N VAL C 242 -21.17 3.66 -0.12
CA VAL C 242 -20.60 3.52 -1.45
C VAL C 242 -19.77 2.24 -1.54
N ALA C 243 -19.07 1.89 -0.47
CA ALA C 243 -18.28 0.65 -0.50
C ALA C 243 -19.17 -0.58 -0.65
N ARG C 244 -20.34 -0.58 0.01
CA ARG C 244 -21.30 -1.68 -0.16
C ARG C 244 -21.78 -1.77 -1.59
N ARG C 245 -22.06 -0.60 -2.20
CA ARG C 245 -22.47 -0.61 -3.61
C ARG C 245 -21.40 -1.19 -4.51
N ILE C 246 -20.14 -0.80 -4.29
CA ILE C 246 -19.02 -1.31 -5.10
C ILE C 246 -18.92 -2.83 -4.99
N ARG C 247 -19.00 -3.35 -3.76
CA ARG C 247 -19.04 -4.80 -3.58
C ARG C 247 -20.17 -5.42 -4.42
N ASP C 248 -21.37 -4.86 -4.33
CA ASP C 248 -22.51 -5.44 -5.04
C ASP C 248 -22.37 -5.32 -6.57
N VAL C 249 -21.82 -4.21 -7.06
CA VAL C 249 -21.55 -4.07 -8.48
C VAL C 249 -20.56 -5.12 -8.95
N CYS C 250 -19.51 -5.37 -8.15
CA CYS C 250 -18.57 -6.43 -8.49
C CYS C 250 -19.26 -7.80 -8.58
N MET C 251 -20.12 -8.11 -7.60
CA MET C 251 -20.78 -9.41 -7.62
C MET C 251 -21.72 -9.55 -8.83
N GLU C 252 -22.40 -8.48 -9.22
CA GLU C 252 -23.32 -8.59 -10.35
C GLU C 252 -22.55 -8.80 -11.65
N TYR C 253 -21.42 -8.11 -11.80
CA TYR C 253 -20.54 -8.34 -12.94
C TYR C 253 -19.98 -9.75 -12.92
N GLY C 254 -19.50 -10.20 -11.76
CA GLY C 254 -18.84 -11.50 -11.67
C GLY C 254 -19.76 -12.68 -11.94
N LYS C 255 -21.06 -12.49 -11.72
CA LYS C 255 -22.03 -13.55 -11.97
C LYS C 255 -22.14 -13.87 -13.46
N THR C 256 -21.99 -12.85 -14.33
CA THR C 256 -22.14 -13.07 -15.77
C THR C 256 -20.82 -13.01 -16.54
N LYS C 257 -19.73 -12.59 -15.93
CA LYS C 257 -18.44 -12.63 -16.59
C LYS C 257 -17.83 -14.04 -16.51
N SER C 258 -17.29 -14.49 -17.62
CA SER C 258 -16.64 -15.80 -17.70
C SER C 258 -15.14 -15.67 -17.60
N LEU C 259 -14.52 -16.60 -16.86
CA LEU C 259 -13.07 -16.70 -16.75
C LEU C 259 -12.72 -18.15 -16.53
N LYS C 260 -11.82 -18.67 -17.38
CA LYS C 260 -11.37 -20.08 -17.39
C LYS C 260 -12.54 -21.06 -17.26
N GLY C 261 -13.56 -20.83 -18.06
CA GLY C 261 -14.66 -21.77 -18.19
C GLY C 261 -15.73 -21.67 -17.12
N ALA C 262 -15.67 -20.66 -16.25
CA ALA C 262 -16.61 -20.58 -15.13
C ALA C 262 -16.91 -19.11 -14.86
N PRO C 263 -18.06 -18.82 -14.24
CA PRO C 263 -18.32 -17.44 -13.82
C PRO C 263 -17.18 -16.93 -12.94
N LEU C 264 -16.96 -15.63 -13.04
CA LEU C 264 -15.86 -14.99 -12.31
C LEU C 264 -16.05 -15.09 -10.80
N VAL C 265 -17.30 -15.20 -10.33
CA VAL C 265 -17.53 -15.39 -8.91
C VAL C 265 -16.92 -16.70 -8.39
N LYS C 266 -16.48 -17.61 -9.26
CA LYS C 266 -15.80 -18.82 -8.84
C LYS C 266 -14.29 -18.68 -8.79
N ASP C 267 -13.75 -17.55 -9.24
CA ASP C 267 -12.30 -17.40 -9.37
C ASP C 267 -11.66 -17.01 -8.05
N GLY C 268 -10.48 -17.59 -7.77
CA GLY C 268 -9.84 -17.39 -6.48
C GLY C 268 -9.35 -15.96 -6.25
N VAL C 269 -8.80 -15.32 -7.28
CA VAL C 269 -8.37 -13.93 -7.12
C VAL C 269 -9.56 -13.03 -6.84
N PHE C 270 -10.68 -13.27 -7.53
CA PHE C 270 -11.89 -12.48 -7.32
C PHE C 270 -12.44 -12.70 -5.91
N ALA C 271 -12.53 -13.97 -5.50
CA ALA C 271 -13.04 -14.28 -4.18
C ALA C 271 -12.17 -13.61 -3.10
N GLY C 272 -10.85 -13.63 -3.28
CA GLY C 272 -9.97 -12.95 -2.33
C GLY C 272 -10.27 -11.47 -2.24
N ARG C 273 -10.48 -10.82 -3.37
CA ARG C 273 -10.75 -9.39 -3.35
C ARG C 273 -12.06 -9.09 -2.65
N LEU C 274 -13.11 -9.89 -2.95
CA LEU C 274 -14.42 -9.62 -2.36
C LEU C 274 -14.46 -9.99 -0.88
N GLY C 275 -13.77 -11.05 -0.48
CA GLY C 275 -13.67 -11.36 0.94
C GLY C 275 -12.96 -10.24 1.71
N GLN C 276 -11.93 -9.66 1.10
CA GLN C 276 -11.26 -8.53 1.71
C GLN C 276 -12.18 -7.31 1.80
N PHE C 277 -12.92 -7.01 0.71
CA PHE C 277 -13.89 -5.92 0.73
C PHE C 277 -14.91 -6.11 1.86
N GLU C 278 -15.42 -7.33 2.01
CA GLU C 278 -16.44 -7.58 3.02
C GLU C 278 -15.87 -7.39 4.43
N MET C 279 -14.64 -7.84 4.67
CA MET C 279 -14.01 -7.57 5.96
C MET C 279 -13.92 -6.07 6.21
N GLN C 280 -13.51 -5.30 5.20
CA GLN C 280 -13.34 -3.87 5.37
C GLN C 280 -14.67 -3.17 5.59
N ILE C 281 -15.72 -3.60 4.88
CA ILE C 281 -17.07 -3.08 5.11
C ILE C 281 -17.56 -3.38 6.52
N ASP C 282 -17.33 -4.60 7.02
CA ASP C 282 -17.71 -4.92 8.40
C ASP C 282 -16.98 -4.01 9.40
N VAL C 283 -15.68 -3.80 9.20
CA VAL C 283 -14.94 -2.94 10.11
C VAL C 283 -15.42 -1.48 10.01
N MET C 284 -15.62 -0.98 8.79
CA MET C 284 -16.18 0.37 8.65
C MET C 284 -17.51 0.52 9.37
N ALA C 285 -18.41 -0.47 9.21
CA ALA C 285 -19.71 -0.38 9.84
C ALA C 285 -19.58 -0.31 11.35
N ASN C 286 -18.74 -1.15 11.92
CA ASN C 286 -18.62 -1.18 13.37
C ASN C 286 -17.97 0.09 13.89
N GLN C 287 -17.09 0.72 13.11
CA GLN C 287 -16.47 1.96 13.56
C GLN C 287 -17.49 3.11 13.53
N CYS C 288 -18.26 3.21 12.45
CA CYS C 288 -19.29 4.23 12.35
C CYS C 288 -20.31 4.10 13.49
N LEU C 289 -20.73 2.87 13.77
CA LEU C 289 -21.68 2.64 14.84
C LEU C 289 -21.10 3.01 16.19
N ALA C 290 -19.83 2.63 16.44
CA ALA C 290 -19.22 3.02 17.70
C ALA C 290 -19.16 4.54 17.85
N ALA C 291 -18.80 5.24 16.78
CA ALA C 291 -18.72 6.69 16.85
C ALA C 291 -20.10 7.30 17.09
N ALA C 292 -21.10 6.81 16.35
CA ALA C 292 -22.45 7.33 16.52
C ALA C 292 -22.98 7.06 17.91
N ARG C 293 -22.70 5.87 18.45
CA ARG C 293 -23.20 5.56 19.80
C ARG C 293 -22.58 6.48 20.85
N ALA C 294 -21.29 6.78 20.73
CA ALA C 294 -20.66 7.71 21.67
C ALA C 294 -21.25 9.11 21.53
N TYR C 295 -21.50 9.54 20.28
CA TYR C 295 -22.12 10.82 20.03
C TYR C 295 -23.48 10.89 20.69
N ASP C 296 -24.29 9.83 20.51
CA ASP C 296 -25.64 9.81 21.09
C ASP C 296 -25.60 9.83 22.62
N ALA C 297 -24.68 9.10 23.24
CA ALA C 297 -24.62 9.08 24.70
C ALA C 297 -24.28 10.46 25.25
N THR C 298 -23.38 11.18 24.58
CA THR C 298 -23.05 12.53 25.03
C THR C 298 -24.20 13.49 24.80
N ALA C 299 -24.84 13.41 23.63
CA ALA C 299 -25.95 14.31 23.32
C ALA C 299 -27.15 14.08 24.23
N ALA C 300 -27.29 12.88 24.80
CA ALA C 300 -28.40 12.61 25.72
C ALA C 300 -28.18 13.14 27.12
N ARG C 301 -27.00 13.68 27.43
CA ARG C 301 -26.76 14.24 28.74
C ARG C 301 -27.49 15.58 28.89
N PRO C 302 -28.01 15.87 30.09
CA PRO C 302 -28.74 17.14 30.27
C PRO C 302 -27.87 18.36 30.03
N ASP C 303 -26.56 18.27 30.31
CA ASP C 303 -25.63 19.36 30.12
C ASP C 303 -24.79 19.20 28.84
N ALA C 304 -25.37 18.62 27.80
CA ALA C 304 -24.56 18.28 26.63
C ALA C 304 -23.80 19.49 26.07
N ALA C 305 -24.46 20.64 25.96
CA ALA C 305 -23.81 21.81 25.38
C ALA C 305 -22.54 22.18 26.14
N ARG C 306 -22.60 22.13 27.47
CA ARG C 306 -21.43 22.42 28.30
C ARG C 306 -20.37 21.33 28.16
N VAL C 307 -20.79 20.07 28.23
CA VAL C 307 -19.86 18.96 28.04
C VAL C 307 -19.15 19.08 26.71
N LEU C 308 -19.88 19.45 25.66
CA LEU C 308 -19.30 19.44 24.33
C LEU C 308 -18.33 20.59 24.14
N LEU C 309 -18.56 21.72 24.80
CA LEU C 309 -17.58 22.80 24.78
C LEU C 309 -16.25 22.34 25.34
N ARG C 310 -16.28 21.57 26.43
CA ARG C 310 -15.06 21.02 27.00
C ARG C 310 -14.42 20.00 26.05
N GLN C 311 -15.24 19.15 25.46
CA GLN C 311 -14.73 18.06 24.65
C GLN C 311 -14.18 18.56 23.32
N GLY C 312 -14.93 19.42 22.63
CA GLY C 312 -14.60 19.73 21.25
C GLY C 312 -14.75 18.52 20.33
N ALA C 313 -13.75 18.34 19.47
CA ALA C 313 -13.77 17.25 18.50
C ALA C 313 -13.81 15.90 19.21
N GLN C 314 -14.73 15.04 18.76
CA GLN C 314 -14.86 13.70 19.30
C GLN C 314 -13.87 12.75 18.60
N LYS C 315 -13.09 12.02 19.38
CA LYS C 315 -12.01 11.23 18.81
C LYS C 315 -12.53 10.27 17.74
N SER C 316 -13.57 9.50 18.04
CA SER C 316 -14.06 8.49 17.11
C SER C 316 -14.83 9.08 15.93
N ALA C 317 -15.31 10.33 16.01
CA ALA C 317 -15.78 10.99 14.80
C ALA C 317 -14.63 11.23 13.82
N LEU C 318 -13.51 11.74 14.33
CA LEU C 318 -12.36 11.96 13.47
C LEU C 318 -11.86 10.65 12.89
N THR C 319 -11.71 9.62 13.74
CA THR C 319 -11.13 8.38 13.26
C THR C 319 -12.09 7.64 12.33
N ALA C 320 -13.42 7.78 12.54
CA ALA C 320 -14.35 7.17 11.61
C ALA C 320 -14.22 7.78 10.21
N LYS C 321 -14.19 9.11 10.10
CA LYS C 321 -14.08 9.70 8.78
C LYS C 321 -12.74 9.35 8.13
N MET C 322 -11.66 9.43 8.91
CA MET C 322 -10.35 9.05 8.40
C MET C 322 -10.36 7.62 7.88
N PHE C 323 -10.82 6.69 8.71
CA PHE C 323 -10.72 5.29 8.33
C PHE C 323 -11.61 4.99 7.13
N CYS C 324 -12.88 5.41 7.18
CA CYS C 324 -13.82 5.07 6.13
C CYS C 324 -13.46 5.76 4.82
N GLY C 325 -12.98 7.00 4.88
CA GLY C 325 -12.58 7.66 3.65
C GLY C 325 -11.42 6.97 2.97
N GLN C 326 -10.43 6.56 3.75
CA GLN C 326 -9.29 5.83 3.21
C GLN C 326 -9.69 4.47 2.68
N THR C 327 -10.46 3.71 3.47
CA THR C 327 -10.79 2.34 3.10
C THR C 327 -11.70 2.28 1.89
N ALA C 328 -12.73 3.15 1.86
CA ALA C 328 -13.64 3.12 0.73
C ALA C 328 -12.93 3.57 -0.53
N TRP C 329 -11.97 4.52 -0.42
CA TRP C 329 -11.19 4.87 -1.61
C TRP C 329 -10.35 3.69 -2.08
N GLN C 330 -9.75 2.95 -1.15
CA GLN C 330 -8.94 1.80 -1.53
C GLN C 330 -9.77 0.73 -2.21
N ILE C 331 -10.98 0.48 -1.70
CA ILE C 331 -11.88 -0.46 -2.34
C ILE C 331 -12.24 0.01 -3.75
N ALA C 332 -12.59 1.28 -3.90
CA ALA C 332 -12.91 1.82 -5.21
C ALA C 332 -11.72 1.72 -6.15
N SER C 333 -10.53 2.00 -5.63
CA SER C 333 -9.33 1.95 -6.44
CA SER C 333 -9.32 1.94 -6.43
C SER C 333 -9.08 0.53 -6.96
N THR C 334 -9.23 -0.46 -6.10
CA THR C 334 -9.06 -1.85 -6.52
C THR C 334 -10.11 -2.25 -7.56
N ALA C 335 -11.37 -1.89 -7.31
CA ALA C 335 -12.45 -2.28 -8.21
C ALA C 335 -12.37 -1.59 -9.56
N SER C 336 -11.75 -0.40 -9.63
CA SER C 336 -11.66 0.34 -10.88
C SER C 336 -10.90 -0.43 -11.94
N GLU C 337 -10.13 -1.45 -11.54
CA GLU C 337 -9.41 -2.30 -12.47
C GLU C 337 -10.02 -3.69 -12.64
N MET C 338 -11.14 -4.00 -11.97
CA MET C 338 -11.61 -5.37 -11.94
C MET C 338 -12.61 -5.66 -13.06
N PHE C 339 -12.97 -4.67 -13.86
CA PHE C 339 -13.98 -4.80 -14.91
C PHE C 339 -13.36 -4.73 -16.30
N GLY C 340 -12.04 -4.82 -16.40
CA GLY C 340 -11.45 -4.73 -17.74
C GLY C 340 -11.76 -3.40 -18.42
N GLY C 341 -11.78 -3.45 -19.76
CA GLY C 341 -12.00 -2.26 -20.57
C GLY C 341 -13.35 -1.61 -20.34
N ILE C 342 -14.39 -2.42 -20.12
CA ILE C 342 -15.74 -1.84 -19.95
C ILE C 342 -15.80 -1.00 -18.69
N GLY C 343 -14.95 -1.31 -17.71
CA GLY C 343 -14.83 -0.50 -16.50
C GLY C 343 -14.26 0.87 -16.73
N TYR C 344 -13.64 1.09 -17.87
CA TYR C 344 -13.10 2.38 -18.29
C TYR C 344 -14.10 3.15 -19.13
N THR C 345 -15.37 2.74 -19.13
CA THR C 345 -16.41 3.44 -19.85
C THR C 345 -17.56 3.76 -18.90
N HIS C 346 -18.39 4.73 -19.31
CA HIS C 346 -19.58 5.05 -18.53
C HIS C 346 -20.67 3.98 -18.63
N ASP C 347 -20.45 2.89 -19.38
CA ASP C 347 -21.37 1.76 -19.32
C ASP C 347 -21.35 1.08 -17.95
N MET C 348 -20.30 1.28 -17.15
CA MET C 348 -20.19 0.74 -15.81
C MET C 348 -20.22 1.91 -14.84
N VAL C 349 -20.70 1.66 -13.63
CA VAL C 349 -20.84 2.76 -12.66
C VAL C 349 -19.57 3.00 -11.85
N ILE C 350 -18.55 2.13 -11.95
CA ILE C 350 -17.42 2.23 -11.01
C ILE C 350 -16.70 3.55 -11.16
N GLY C 351 -16.58 4.05 -12.38
CA GLY C 351 -15.97 5.36 -12.56
C GLY C 351 -16.62 6.47 -11.75
N LYS C 352 -17.95 6.49 -11.73
CA LYS C 352 -18.66 7.49 -10.94
C LYS C 352 -18.49 7.24 -9.46
N LEU C 353 -18.57 5.99 -9.03
CA LEU C 353 -18.43 5.69 -7.61
C LEU C 353 -17.05 6.08 -7.10
N LEU C 354 -16.02 5.89 -7.91
CA LEU C 354 -14.66 6.32 -7.55
C LEU C 354 -14.59 7.83 -7.32
N ARG C 355 -15.13 8.61 -8.26
CA ARG C 355 -15.17 10.05 -8.09
C ARG C 355 -16.02 10.45 -6.89
N ASP C 356 -17.15 9.77 -6.70
CA ASP C 356 -18.00 10.07 -5.56
C ASP C 356 -17.27 9.82 -4.25
N VAL C 357 -16.63 8.66 -4.10
CA VAL C 357 -16.10 8.30 -2.78
C VAL C 357 -14.87 9.14 -2.46
N ARG C 358 -14.18 9.67 -3.50
CA ARG C 358 -13.01 10.50 -3.27
C ARG C 358 -13.30 11.66 -2.31
N HIS C 359 -14.57 12.06 -2.17
CA HIS C 359 -14.87 13.22 -1.34
C HIS C 359 -14.58 12.97 0.12
N ALA C 360 -14.68 11.71 0.57
CA ALA C 360 -14.75 11.45 2.00
C ALA C 360 -13.44 11.78 2.71
N SER C 361 -12.30 11.54 2.06
CA SER C 361 -11.03 11.88 2.68
C SER C 361 -10.68 13.37 2.56
N ILE C 362 -11.39 14.14 1.75
CA ILE C 362 -11.04 15.54 1.45
C ILE C 362 -11.85 16.53 2.26
N ILE C 363 -13.17 16.32 2.30
CA ILE C 363 -14.11 17.27 2.87
C ILE C 363 -14.11 17.19 4.40
N GLU C 364 -14.33 18.35 5.04
CA GLU C 364 -14.37 18.50 6.49
C GLU C 364 -13.05 18.05 7.12
N GLY C 365 -11.96 18.44 6.47
CA GLY C 365 -10.63 18.18 6.95
C GLY C 365 -10.02 17.00 6.21
N GLY C 366 -8.95 17.23 5.47
CA GLY C 366 -8.20 16.17 4.89
C GLY C 366 -7.41 15.40 5.94
N ASP C 367 -6.74 14.36 5.49
CA ASP C 367 -6.12 13.49 6.48
C ASP C 367 -4.81 14.04 7.04
N ASP C 368 -4.16 14.99 6.37
CA ASP C 368 -3.03 15.65 7.01
C ASP C 368 -3.52 16.47 8.22
N VAL C 369 -4.59 17.22 8.02
CA VAL C 369 -5.21 17.99 9.10
C VAL C 369 -5.69 17.06 10.20
N LEU C 370 -6.38 15.97 9.84
CA LEU C 370 -7.01 15.17 10.88
C LEU C 370 -6.00 14.28 11.60
N ARG C 371 -4.97 13.79 10.90
CA ARG C 371 -3.92 13.05 11.60
C ARG C 371 -3.25 13.94 12.65
N ASP C 372 -2.99 15.20 12.28
CA ASP C 372 -2.36 16.13 13.21
C ASP C 372 -3.27 16.43 14.38
N LEU C 373 -4.58 16.57 14.14
CA LEU C 373 -5.51 16.84 15.22
C LEU C 373 -5.59 15.66 16.18
N VAL C 374 -5.72 14.44 15.64
CA VAL C 374 -5.75 13.24 16.47
C VAL C 374 -4.46 13.13 17.27
N TYR C 375 -3.32 13.40 16.62
CA TYR C 375 -2.05 13.38 17.33
C TYR C 375 -2.02 14.37 18.48
N GLN C 376 -2.40 15.63 18.21
CA GLN C 376 -2.27 16.65 19.24
C GLN C 376 -3.26 16.44 20.36
N ARG C 377 -4.46 15.97 20.05
CA ARG C 377 -5.50 15.86 21.06
C ARG C 377 -5.48 14.54 21.80
N PHE C 378 -5.06 13.45 21.15
CA PHE C 378 -5.25 12.13 21.71
C PHE C 378 -4.01 11.25 21.76
N VAL C 379 -2.88 11.70 21.25
CA VAL C 379 -1.62 10.99 21.42
C VAL C 379 -0.67 11.74 22.34
N VAL C 380 -0.48 13.04 22.07
CA VAL C 380 0.50 13.79 22.83
C VAL C 380 0.13 13.91 24.30
N PRO C 381 -1.11 14.27 24.66
CA PRO C 381 -1.39 14.50 26.09
C PRO C 381 -1.32 13.24 26.93
N THR C 382 -1.59 12.08 26.36
CA THR C 382 -1.65 10.83 27.10
C THR C 382 -0.22 10.34 27.38
N ALA C 383 0.45 11.08 28.27
CA ALA C 383 1.82 10.77 28.66
C ALA C 383 1.93 9.34 29.21
N MET D 1 -14.75 -8.41 43.14
CA MET D 1 -13.74 -7.51 42.51
C MET D 1 -14.27 -6.90 41.21
N SER D 2 -13.96 -5.61 41.01
CA SER D 2 -14.44 -4.88 39.85
C SER D 2 -13.63 -5.24 38.62
N GLU D 3 -14.22 -4.96 37.45
CA GLU D 3 -13.49 -5.14 36.21
C GLU D 3 -12.27 -4.23 36.15
N SER D 4 -12.41 -3.00 36.64
CA SER D 4 -11.29 -2.07 36.64
C SER D 4 -10.19 -2.55 37.58
N GLU D 5 -10.56 -3.17 38.70
CA GLU D 5 -9.53 -3.68 39.61
C GLU D 5 -8.80 -4.87 38.99
N ARG D 6 -9.53 -5.75 38.31
CA ARG D 6 -8.87 -6.89 37.66
C ARG D 6 -7.88 -6.41 36.61
N LEU D 7 -8.27 -5.40 35.82
CA LEU D 7 -7.36 -4.92 34.79
C LEU D 7 -6.10 -4.31 35.42
N GLY D 8 -6.25 -3.64 36.56
CA GLY D 8 -5.07 -3.13 37.24
C GLY D 8 -4.12 -4.24 37.71
N ILE D 9 -4.68 -5.38 38.12
CA ILE D 9 -3.85 -6.52 38.47
C ILE D 9 -3.06 -7.01 37.27
N VAL D 10 -3.72 -7.09 36.11
CA VAL D 10 -3.03 -7.50 34.89
C VAL D 10 -1.95 -6.49 34.51
N ARG D 11 -2.29 -5.22 34.59
CA ARG D 11 -1.33 -4.17 34.26
C ARG D 11 -0.13 -4.21 35.20
N ASP D 12 -0.35 -4.44 36.50
CA ASP D 12 0.79 -4.57 37.42
C ASP D 12 1.62 -5.83 37.13
N PHE D 13 0.98 -6.92 36.72
CA PHE D 13 1.71 -8.13 36.35
C PHE D 13 2.61 -7.86 35.15
N VAL D 14 2.11 -7.12 34.16
CA VAL D 14 2.89 -6.78 32.99
C VAL D 14 4.08 -5.91 33.36
N ALA D 15 3.84 -4.86 34.12
CA ALA D 15 4.92 -3.98 34.53
C ALA D 15 5.95 -4.73 35.37
N ARG D 16 5.50 -5.71 36.17
CA ARG D 16 6.38 -6.39 37.12
C ARG D 16 7.15 -7.55 36.50
N GLU D 17 6.52 -8.33 35.62
CA GLU D 17 7.13 -9.55 35.12
C GLU D 17 7.47 -9.53 33.64
N ILE D 18 7.01 -8.52 32.88
CA ILE D 18 7.26 -8.55 31.44
C ILE D 18 8.10 -7.37 30.98
N LEU D 19 7.66 -6.15 31.25
CA LEU D 19 8.36 -4.99 30.73
C LEU D 19 9.80 -4.99 31.23
N GLY D 20 10.75 -4.79 30.33
CA GLY D 20 12.15 -4.82 30.68
C GLY D 20 12.80 -6.18 30.65
N ARG D 21 12.05 -7.25 30.36
CA ARG D 21 12.58 -8.60 30.30
C ARG D 21 12.47 -9.20 28.89
N GLU D 22 12.53 -8.31 27.89
CA GLU D 22 12.42 -8.75 26.50
C GLU D 22 13.46 -9.81 26.16
N GLY D 23 14.66 -9.71 26.74
CA GLY D 23 15.72 -10.66 26.54
C GLY D 23 15.27 -12.08 26.76
N ILE D 24 14.86 -12.39 28.00
CA ILE D 24 14.44 -13.76 28.30
C ILE D 24 13.19 -14.14 27.49
N LEU D 25 12.27 -13.20 27.31
CA LEU D 25 11.03 -13.57 26.63
C LEU D 25 11.29 -13.95 25.19
N ASP D 26 12.29 -13.33 24.56
CA ASP D 26 12.60 -13.56 23.15
C ASP D 26 13.60 -14.70 22.95
N SER D 27 13.95 -15.44 24.02
CA SER D 27 15.06 -16.39 23.97
C SER D 27 14.65 -17.83 23.69
N LEU D 28 13.36 -18.12 23.57
CA LEU D 28 12.84 -19.48 23.46
C LEU D 28 13.38 -20.32 24.62
N ALA D 29 13.22 -19.79 25.83
CA ALA D 29 13.74 -20.45 27.01
C ALA D 29 12.94 -21.70 27.34
N ASP D 30 13.57 -22.61 28.10
CA ASP D 30 12.92 -23.85 28.49
C ASP D 30 11.54 -23.56 29.05
N ALA D 31 10.55 -24.27 28.56
CA ALA D 31 9.17 -23.96 28.86
C ALA D 31 8.63 -24.81 30.00
N PRO D 32 7.66 -24.30 30.77
CA PRO D 32 7.14 -22.93 30.74
C PRO D 32 8.01 -21.95 31.54
N LEU D 33 8.05 -20.71 31.09
CA LEU D 33 8.71 -19.65 31.83
C LEU D 33 8.07 -19.47 33.20
N ALA D 34 8.91 -19.07 34.17
CA ALA D 34 8.45 -18.85 35.53
C ALA D 34 7.33 -17.81 35.59
N LEU D 35 7.30 -16.86 34.65
CA LEU D 35 6.27 -15.82 34.73
C LEU D 35 4.87 -16.41 34.62
N TYR D 36 4.72 -17.60 34.03
CA TYR D 36 3.40 -18.18 33.95
C TYR D 36 2.93 -18.62 35.33
N GLU D 37 3.84 -19.11 36.16
CA GLU D 37 3.51 -19.39 37.56
C GLU D 37 3.14 -18.10 38.28
N ARG D 38 3.85 -17.00 37.98
CA ARG D 38 3.50 -15.73 38.61
C ARG D 38 2.10 -15.29 38.20
N PHE D 39 1.74 -15.49 36.93
CA PHE D 39 0.36 -15.16 36.55
C PHE D 39 -0.66 -16.04 37.28
N ALA D 40 -0.35 -17.33 37.43
CA ALA D 40 -1.22 -18.22 38.22
C ALA D 40 -1.49 -17.64 39.62
N GLU D 41 -0.48 -17.01 40.23
CA GLU D 41 -0.63 -16.47 41.57
C GLU D 41 -1.52 -15.22 41.61
N THR D 42 -1.88 -14.66 40.45
CA THR D 42 -2.84 -13.55 40.45
C THR D 42 -4.27 -14.02 40.69
N GLY D 43 -4.55 -15.31 40.50
CA GLY D 43 -5.91 -15.80 40.55
C GLY D 43 -6.67 -15.64 39.26
N LEU D 44 -6.03 -15.17 38.20
CA LEU D 44 -6.73 -14.85 36.96
C LEU D 44 -6.54 -15.90 35.88
N MET D 45 -5.81 -16.99 36.17
CA MET D 45 -5.67 -18.03 35.16
C MET D 45 -7.04 -18.59 34.77
N ASN D 46 -7.20 -18.88 33.47
CA ASN D 46 -8.44 -19.46 32.97
C ASN D 46 -9.65 -18.61 33.34
N TRP D 47 -9.49 -17.29 33.18
CA TRP D 47 -10.45 -16.34 33.74
C TRP D 47 -11.83 -16.43 33.08
N TRP D 48 -11.91 -17.05 31.91
CA TRP D 48 -13.17 -17.14 31.16
C TRP D 48 -13.97 -18.39 31.50
N VAL D 49 -13.41 -19.36 32.23
CA VAL D 49 -14.11 -20.62 32.47
C VAL D 49 -15.35 -20.35 33.33
N PRO D 50 -16.50 -20.93 33.00
CA PRO D 50 -17.72 -20.64 33.77
C PRO D 50 -17.61 -20.96 35.24
N LYS D 51 -18.41 -20.23 36.02
CA LYS D 51 -18.42 -20.37 37.47
C LYS D 51 -18.82 -21.77 37.91
N GLU D 52 -19.60 -22.47 37.07
CA GLU D 52 -20.01 -23.83 37.41
C GLU D 52 -18.83 -24.75 37.64
N HIS D 53 -17.66 -24.44 37.08
CA HIS D 53 -16.44 -25.21 37.27
C HIS D 53 -15.42 -24.48 38.12
N GLY D 54 -15.86 -23.52 38.92
CA GLY D 54 -14.98 -22.78 39.81
C GLY D 54 -14.25 -21.64 39.14
N GLY D 55 -14.57 -21.33 37.88
CA GLY D 55 -13.93 -20.22 37.20
C GLY D 55 -14.57 -18.89 37.53
N LEU D 56 -13.92 -17.83 37.08
CA LEU D 56 -14.45 -16.47 37.22
C LEU D 56 -15.58 -16.17 36.22
N GLY D 57 -15.66 -16.89 35.11
CA GLY D 57 -16.74 -16.71 34.18
C GLY D 57 -16.73 -15.37 33.47
N LEU D 58 -15.57 -14.76 33.25
CA LEU D 58 -15.52 -13.45 32.62
C LEU D 58 -15.91 -13.55 31.14
N GLY D 59 -16.59 -12.54 30.65
CA GLY D 59 -17.00 -12.50 29.25
C GLY D 59 -15.83 -12.20 28.30
N LEU D 60 -16.09 -12.43 27.01
CA LEU D 60 -15.04 -12.20 26.01
C LEU D 60 -14.76 -10.70 25.82
N GLU D 61 -15.74 -9.84 26.05
CA GLU D 61 -15.48 -8.40 25.97
C GLU D 61 -14.42 -8.00 26.99
N GLU D 62 -14.56 -8.47 28.22
CA GLU D 62 -13.52 -8.21 29.22
C GLU D 62 -12.22 -8.90 28.82
N SER D 63 -12.31 -10.09 28.22
CA SER D 63 -11.11 -10.78 27.78
C SER D 63 -10.33 -9.95 26.75
N VAL D 64 -11.03 -9.26 25.85
CA VAL D 64 -10.34 -8.39 24.88
C VAL D 64 -9.44 -7.39 25.61
N ARG D 65 -9.98 -6.78 26.68
CA ARG D 65 -9.21 -5.79 27.43
C ARG D 65 -8.05 -6.43 28.16
N ILE D 66 -8.28 -7.60 28.76
CA ILE D 66 -7.19 -8.31 29.45
C ILE D 66 -6.09 -8.69 28.47
N VAL D 67 -6.46 -9.22 27.31
CA VAL D 67 -5.46 -9.72 26.35
C VAL D 67 -4.69 -8.55 25.76
N SER D 68 -5.37 -7.45 25.47
CA SER D 68 -4.68 -6.27 24.98
C SER D 68 -3.63 -5.78 25.97
N GLU D 69 -3.96 -5.84 27.28
CA GLU D 69 -2.99 -5.40 28.28
C GLU D 69 -1.81 -6.37 28.36
N LEU D 70 -2.09 -7.69 28.29
CA LEU D 70 -1.01 -8.67 28.33
C LEU D 70 -0.11 -8.53 27.12
N ALA D 71 -0.73 -8.41 25.93
CA ALA D 71 0.06 -8.38 24.69
C ALA D 71 0.85 -7.10 24.54
N TYR D 72 0.37 -5.99 25.12
CA TYR D 72 1.17 -4.76 25.21
C TYR D 72 2.53 -5.10 25.77
N GLY D 73 2.55 -5.95 26.81
CA GLY D 73 3.80 -6.49 27.33
C GLY D 73 4.50 -7.46 26.41
N ASP D 74 3.83 -8.56 26.08
CA ASP D 74 4.41 -9.60 25.23
C ASP D 74 3.30 -10.44 24.61
N ALA D 75 3.21 -10.48 23.29
CA ALA D 75 2.13 -11.20 22.64
C ALA D 75 2.23 -12.71 22.83
N GLY D 76 3.44 -13.26 22.95
CA GLY D 76 3.61 -14.68 23.21
C GLY D 76 3.08 -15.07 24.58
N VAL D 77 3.24 -14.20 25.57
CA VAL D 77 2.68 -14.46 26.89
C VAL D 77 1.16 -14.44 26.84
N ALA D 78 0.59 -13.40 26.22
CA ALA D 78 -0.86 -13.31 26.07
C ALA D 78 -1.42 -14.55 25.37
N PHE D 79 -0.85 -14.89 24.21
CA PHE D 79 -1.24 -16.09 23.47
C PHE D 79 -1.29 -17.33 24.36
N THR D 80 -0.21 -17.59 25.08
CA THR D 80 -0.15 -18.79 25.91
C THR D 80 -1.27 -18.75 26.95
N LEU D 81 -1.57 -17.57 27.47
CA LEU D 81 -2.55 -17.46 28.54
C LEU D 81 -4.01 -17.52 28.06
N PHE D 82 -4.34 -17.06 26.83
CA PHE D 82 -5.74 -17.04 26.43
C PHE D 82 -6.09 -18.21 25.53
N LEU D 83 -5.12 -18.81 24.86
CA LEU D 83 -5.43 -19.80 23.82
C LEU D 83 -6.21 -21.00 24.35
N PRO D 84 -6.07 -21.42 25.61
CA PRO D 84 -6.91 -22.52 26.11
C PRO D 84 -8.41 -22.25 25.99
N VAL D 85 -8.83 -21.00 25.75
CA VAL D 85 -10.25 -20.73 25.56
C VAL D 85 -10.80 -21.52 24.39
N LEU D 86 -9.96 -21.86 23.42
CA LEU D 86 -10.40 -22.64 22.27
C LEU D 86 -10.83 -24.03 22.71
N THR D 87 -10.01 -24.64 23.55
CA THR D 87 -10.30 -25.99 24.05
C THR D 87 -11.45 -26.00 25.04
N THR D 88 -11.41 -25.10 26.04
CA THR D 88 -12.43 -25.14 27.08
C THR D 88 -13.79 -24.79 26.52
N SER D 89 -13.86 -23.87 25.52
CA SER D 89 -15.18 -23.52 25.00
C SER D 89 -15.80 -24.71 24.26
N MET D 90 -14.99 -25.48 23.51
CA MET D 90 -15.50 -26.68 22.85
C MET D 90 -16.00 -27.70 23.88
N ILE D 91 -15.23 -27.93 24.94
CA ILE D 91 -15.66 -28.88 25.97
C ILE D 91 -16.89 -28.34 26.68
N GLY D 92 -16.93 -27.03 26.92
CA GLY D 92 -18.05 -26.46 27.64
C GLY D 92 -19.38 -26.67 26.95
N TRP D 93 -19.40 -26.49 25.63
CA TRP D 93 -20.65 -26.56 24.87
C TRP D 93 -20.97 -27.97 24.38
N TYR D 94 -19.96 -28.80 24.09
CA TYR D 94 -20.23 -30.08 23.42
C TYR D 94 -19.72 -31.30 24.18
N GLY D 95 -19.13 -31.12 25.36
CA GLY D 95 -18.82 -32.27 26.20
C GLY D 95 -19.98 -32.65 27.11
N SER D 96 -20.03 -33.92 27.48
CA SER D 96 -20.99 -34.34 28.50
C SER D 96 -20.68 -33.68 29.83
N GLU D 97 -21.69 -33.63 30.72
CA GLU D 97 -21.47 -32.98 32.00
C GLU D 97 -20.39 -33.68 32.81
N GLU D 98 -20.29 -35.00 32.70
CA GLU D 98 -19.27 -35.74 33.43
C GLU D 98 -17.87 -35.48 32.85
N LEU D 99 -17.78 -35.33 31.52
CA LEU D 99 -16.51 -34.96 30.93
C LEU D 99 -16.09 -33.54 31.33
N LYS D 100 -17.05 -32.62 31.34
CA LYS D 100 -16.73 -31.27 31.78
C LYS D 100 -16.18 -31.27 33.20
N GLU D 101 -16.78 -32.06 34.09
CA GLU D 101 -16.34 -32.05 35.49
C GLU D 101 -14.99 -32.75 35.64
N ARG D 102 -14.71 -33.79 34.83
CA ARG D 102 -13.43 -34.49 34.92
C ARG D 102 -12.26 -33.60 34.51
N PHE D 103 -12.45 -32.75 33.50
CA PHE D 103 -11.34 -31.98 32.94
C PHE D 103 -11.35 -30.51 33.30
N LEU D 104 -12.51 -29.86 33.30
CA LEU D 104 -12.51 -28.41 33.49
C LEU D 104 -12.35 -28.05 34.98
N GLY D 105 -12.97 -28.83 35.85
CA GLY D 105 -12.86 -28.61 37.27
C GLY D 105 -11.41 -28.58 37.70
N PRO D 106 -10.67 -29.66 37.42
CA PRO D 106 -9.25 -29.67 37.79
C PRO D 106 -8.41 -28.64 37.04
N LEU D 107 -8.77 -28.32 35.78
CA LEU D 107 -8.01 -27.31 35.05
C LEU D 107 -7.99 -25.98 35.81
N VAL D 108 -9.16 -25.55 36.31
CA VAL D 108 -9.24 -24.30 37.05
C VAL D 108 -8.53 -24.43 38.39
N ALA D 109 -8.84 -25.50 39.13
CA ALA D 109 -8.32 -25.64 40.49
C ALA D 109 -6.81 -25.75 40.51
N ARG D 110 -6.23 -26.43 39.53
CA ARG D 110 -4.79 -26.65 39.47
C ARG D 110 -4.08 -25.55 38.67
N ARG D 111 -4.82 -24.60 38.13
CA ARG D 111 -4.24 -23.46 37.43
C ARG D 111 -3.38 -23.93 36.26
N GLY D 112 -3.97 -24.80 35.45
CA GLY D 112 -3.27 -25.47 34.38
C GLY D 112 -3.59 -24.93 33.00
N PHE D 113 -2.97 -25.57 32.02
CA PHE D 113 -3.18 -25.28 30.61
C PHE D 113 -3.83 -26.48 29.93
N CYS D 114 -4.52 -26.21 28.82
CA CYS D 114 -4.93 -27.26 27.90
C CYS D 114 -4.66 -26.76 26.48
N ALA D 115 -4.77 -27.67 25.53
CA ALA D 115 -4.42 -27.34 24.13
C ALA D 115 -5.33 -28.08 23.15
N THR D 116 -5.45 -27.53 21.95
CA THR D 116 -6.21 -28.14 20.86
C THR D 116 -5.26 -28.49 19.73
N LEU D 117 -5.43 -29.71 19.19
CA LEU D 117 -4.57 -30.25 18.15
C LEU D 117 -5.44 -30.43 16.90
N GLY D 118 -5.40 -29.43 16.01
CA GLY D 118 -6.11 -29.53 14.77
C GLY D 118 -5.17 -29.63 13.58
N SER D 119 -4.17 -28.75 13.55
CA SER D 119 -3.34 -28.62 12.35
C SER D 119 -2.50 -29.87 12.08
N GLU D 120 -2.37 -30.18 10.80
CA GLU D 120 -1.54 -31.25 10.30
C GLU D 120 -0.78 -30.71 9.10
N HIS D 121 0.40 -31.28 8.84
CA HIS D 121 1.25 -30.77 7.77
C HIS D 121 0.64 -31.02 6.39
N GLU D 122 0.23 -32.23 6.08
CA GLU D 122 -0.21 -32.43 4.69
C GLU D 122 -1.60 -31.86 4.44
N ALA D 123 -2.51 -31.97 5.42
CA ALA D 123 -3.84 -31.43 5.19
C ALA D 123 -3.85 -29.90 5.09
N GLY D 124 -2.98 -29.24 5.84
CA GLY D 124 -3.01 -27.80 5.87
C GLY D 124 -4.33 -27.30 6.43
N SER D 125 -4.87 -26.26 5.81
CA SER D 125 -6.17 -25.75 6.21
C SER D 125 -7.31 -26.51 5.56
N GLU D 126 -7.02 -27.51 4.72
CA GLU D 126 -8.06 -28.34 4.10
C GLU D 126 -8.38 -29.48 5.08
N LEU D 127 -9.07 -29.12 6.15
CA LEU D 127 -9.16 -30.03 7.29
C LEU D 127 -9.98 -31.27 6.99
N ALA D 128 -10.78 -31.27 5.94
CA ALA D 128 -11.43 -32.53 5.55
C ALA D 128 -10.40 -33.60 5.21
N ARG D 129 -9.16 -33.20 4.93
CA ARG D 129 -8.12 -34.13 4.54
C ARG D 129 -7.29 -34.64 5.71
N ILE D 130 -7.63 -34.28 6.96
CA ILE D 130 -6.75 -34.70 8.04
C ILE D 130 -6.62 -36.22 8.06
N SER D 131 -5.46 -36.69 8.53
CA SER D 131 -5.07 -38.10 8.50
C SER D 131 -5.00 -38.72 9.89
N THR D 132 -5.08 -37.92 10.94
CA THR D 132 -5.10 -38.49 12.29
C THR D 132 -6.44 -39.20 12.48
N THR D 133 -6.38 -40.45 12.89
CA THR D 133 -7.56 -41.29 12.94
C THR D 133 -7.87 -41.65 14.38
N VAL D 134 -9.16 -41.90 14.64
CA VAL D 134 -9.59 -42.40 15.93
C VAL D 134 -10.49 -43.60 15.66
N ARG D 135 -10.28 -44.68 16.41
CA ARG D 135 -10.93 -45.96 16.23
C ARG D 135 -11.52 -46.38 17.57
N ARG D 136 -12.69 -46.96 17.53
CA ARG D 136 -13.30 -47.54 18.72
C ARG D 136 -12.77 -48.96 18.90
N ASP D 137 -12.34 -49.29 20.10
CA ASP D 137 -11.98 -50.67 20.40
C ASP D 137 -12.53 -50.97 21.79
N GLY D 138 -13.74 -51.50 21.83
CA GLY D 138 -14.43 -51.79 23.07
C GLY D 138 -14.83 -50.53 23.80
N ASP D 139 -14.26 -50.36 24.99
CA ASP D 139 -14.54 -49.22 25.85
C ASP D 139 -13.49 -48.12 25.74
N THR D 140 -12.59 -48.22 24.78
CA THR D 140 -11.56 -47.22 24.57
C THR D 140 -11.67 -46.64 23.16
N LEU D 141 -11.05 -45.49 22.99
CA LEU D 141 -10.80 -44.89 21.69
C LEU D 141 -9.30 -44.96 21.44
N VAL D 142 -8.92 -45.20 20.18
CA VAL D 142 -7.52 -45.40 19.80
C VAL D 142 -7.14 -44.37 18.74
N LEU D 143 -6.19 -43.49 19.08
CA LEU D 143 -5.71 -42.42 18.22
C LEU D 143 -4.40 -42.77 17.55
N ASP D 144 -4.26 -42.40 16.27
CA ASP D 144 -3.04 -42.60 15.49
C ASP D 144 -2.86 -41.44 14.52
N GLY D 145 -1.68 -40.84 14.52
CA GLY D 145 -1.36 -39.81 13.56
C GLY D 145 -0.42 -38.77 14.14
N THR D 146 -0.04 -37.83 13.30
CA THR D 146 0.88 -36.74 13.66
C THR D 146 0.17 -35.40 13.49
N LYS D 147 0.24 -34.57 14.52
CA LYS D 147 -0.34 -33.25 14.54
C LYS D 147 0.81 -32.23 14.52
N ALA D 148 0.66 -31.21 13.71
CA ALA D 148 1.77 -30.39 13.27
C ALA D 148 2.17 -29.34 14.32
N PHE D 149 1.22 -28.52 14.79
CA PHE D 149 1.50 -27.40 15.69
C PHE D 149 0.46 -27.39 16.81
N SER D 150 0.91 -27.38 18.07
CA SER D 150 -0.03 -27.12 19.15
C SER D 150 0.71 -26.43 20.29
N THR D 151 0.09 -25.39 20.81
CA THR D 151 0.72 -24.52 21.79
C THR D 151 0.46 -25.01 23.21
N SER D 152 1.55 -25.08 24.00
CA SER D 152 1.61 -25.45 25.40
C SER D 152 1.43 -26.93 25.68
N THR D 153 1.41 -27.77 24.65
CA THR D 153 1.03 -29.16 24.84
C THR D 153 1.92 -29.88 25.85
N ASP D 154 3.23 -29.60 25.82
CA ASP D 154 4.16 -30.35 26.67
C ASP D 154 3.80 -30.21 28.14
N PHE D 155 3.28 -29.05 28.56
CA PHE D 155 2.96 -28.82 29.96
C PHE D 155 1.46 -28.65 30.18
N ALA D 156 0.65 -28.99 29.19
CA ALA D 156 -0.80 -28.99 29.34
C ALA D 156 -1.26 -30.17 30.20
N ARG D 157 -2.42 -30.01 30.84
CA ARG D 157 -3.04 -31.10 31.57
C ARG D 157 -3.73 -32.07 30.63
N PHE D 158 -4.34 -31.56 29.56
CA PHE D 158 -5.07 -32.39 28.61
C PHE D 158 -5.16 -31.65 27.28
N LEU D 159 -5.50 -32.40 26.25
CA LEU D 159 -5.61 -31.93 24.89
C LEU D 159 -6.98 -32.31 24.32
N VAL D 160 -7.40 -31.56 23.31
CA VAL D 160 -8.52 -31.99 22.46
C VAL D 160 -7.93 -32.17 21.07
N VAL D 161 -8.06 -33.39 20.53
CA VAL D 161 -7.49 -33.76 19.25
C VAL D 161 -8.61 -33.93 18.23
N ILE D 162 -8.50 -33.23 17.09
CA ILE D 162 -9.49 -33.34 16.03
C ILE D 162 -9.06 -34.51 15.14
N ALA D 163 -9.92 -35.51 15.01
CA ALA D 163 -9.54 -36.73 14.32
C ALA D 163 -10.63 -37.16 13.36
N ARG D 164 -10.24 -37.97 12.38
CA ARG D 164 -11.17 -38.55 11.42
C ARG D 164 -11.44 -39.99 11.83
N SER D 165 -12.71 -40.38 11.76
CA SER D 165 -13.09 -41.73 12.14
C SER D 165 -12.62 -42.71 11.07
N ALA D 166 -11.89 -43.73 11.50
CA ALA D 166 -11.53 -44.83 10.60
C ALA D 166 -12.72 -45.73 10.31
N ASP D 167 -13.70 -45.74 11.23
CA ASP D 167 -14.92 -46.52 11.09
C ASP D 167 -15.81 -45.99 9.98
N ASP D 168 -15.91 -44.67 9.89
CA ASP D 168 -16.76 -43.97 8.92
C ASP D 168 -15.90 -42.78 8.48
N PRO D 169 -15.21 -42.89 7.34
CA PRO D 169 -14.27 -41.83 6.95
C PRO D 169 -14.92 -40.47 6.77
N ALA D 170 -16.25 -40.41 6.69
CA ALA D 170 -16.93 -39.14 6.59
C ALA D 170 -17.18 -38.49 7.93
N ARG D 171 -16.73 -39.11 9.04
CA ARG D 171 -16.98 -38.60 10.37
C ARG D 171 -15.71 -38.02 10.99
N TYR D 172 -15.86 -36.88 11.65
CA TYR D 172 -14.77 -36.22 12.36
C TYR D 172 -15.20 -36.06 13.82
N THR D 173 -14.26 -36.30 14.73
CA THR D 173 -14.52 -36.36 16.16
C THR D 173 -13.44 -35.58 16.91
N ALA D 174 -13.87 -34.80 17.90
CA ALA D 174 -12.92 -34.14 18.82
C ALA D 174 -12.76 -35.05 20.04
N VAL D 175 -11.53 -35.42 20.37
CA VAL D 175 -11.28 -36.41 21.40
C VAL D 175 -10.42 -35.77 22.47
N THR D 176 -10.85 -35.89 23.74
CA THR D 176 -10.09 -35.39 24.87
C THR D 176 -9.04 -36.42 25.27
N VAL D 177 -7.79 -35.98 25.45
CA VAL D 177 -6.67 -36.85 25.73
C VAL D 177 -5.88 -36.28 26.91
N PRO D 178 -5.70 -37.01 28.00
CA PRO D 178 -4.83 -36.51 29.08
C PRO D 178 -3.37 -36.55 28.68
N ARG D 179 -2.58 -35.68 29.32
CA ARG D 179 -1.19 -35.44 28.86
C ARG D 179 -0.35 -36.70 28.88
N ASP D 180 -0.56 -37.59 29.84
CA ASP D 180 0.27 -38.77 30.01
C ASP D 180 -0.47 -40.06 29.62
N ALA D 181 -1.30 -39.95 28.62
CA ALA D 181 -1.86 -41.11 27.97
C ALA D 181 -0.74 -41.92 27.31
N PRO D 182 -0.85 -43.24 27.29
CA PRO D 182 0.13 -44.03 26.53
C PRO D 182 -0.02 -43.72 25.06
N GLY D 183 1.10 -43.79 24.34
CA GLY D 183 1.09 -43.56 22.90
C GLY D 183 1.12 -42.11 22.47
N LEU D 184 1.21 -41.17 23.40
CA LEU D 184 1.33 -39.75 23.10
C LEU D 184 2.81 -39.35 23.18
N ARG D 185 3.35 -38.82 22.10
CA ARG D 185 4.76 -38.44 22.04
C ARG D 185 4.85 -37.00 21.61
N VAL D 186 5.53 -36.17 22.41
CA VAL D 186 5.85 -34.80 21.99
C VAL D 186 7.13 -34.86 21.16
N ASP D 187 7.02 -34.63 19.85
CA ASP D 187 8.13 -34.89 18.95
C ASP D 187 9.20 -33.81 19.05
N LYS D 188 8.80 -32.55 19.17
CA LYS D 188 9.75 -31.45 19.19
C LYS D 188 9.01 -30.16 19.49
N ARG D 189 9.75 -29.16 19.95
CA ARG D 189 9.25 -27.81 20.03
C ARG D 189 9.72 -27.05 18.80
N TRP D 190 8.82 -26.27 18.21
CA TRP D 190 9.15 -25.49 17.04
C TRP D 190 9.95 -24.25 17.43
N ASP D 191 10.97 -23.94 16.63
CA ASP D 191 11.77 -22.72 16.82
C ASP D 191 11.09 -21.55 16.11
N VAL D 192 10.08 -20.96 16.78
CA VAL D 192 9.27 -19.90 16.20
C VAL D 192 10.08 -18.60 16.08
N ILE D 193 9.74 -17.79 15.06
CA ILE D 193 10.51 -16.59 14.82
C ILE D 193 10.12 -15.44 15.73
N GLY D 194 8.89 -15.47 16.25
CA GLY D 194 8.42 -14.52 17.24
C GLY D 194 7.49 -15.23 18.21
N MET D 195 6.89 -14.46 19.12
CA MET D 195 6.19 -15.01 20.27
C MET D 195 7.03 -16.11 20.93
N ARG D 196 8.30 -15.79 21.15
CA ARG D 196 9.22 -16.83 21.64
C ARG D 196 9.11 -17.05 23.14
N ALA D 197 8.14 -16.41 23.80
CA ALA D 197 7.72 -16.78 25.16
C ALA D 197 6.63 -17.85 25.15
N SER D 198 6.09 -18.18 23.98
CA SER D 198 5.15 -19.29 23.84
C SER D 198 5.91 -20.52 23.34
N ALA D 199 5.31 -21.68 23.56
CA ALA D 199 5.92 -22.96 23.21
C ALA D 199 4.94 -23.77 22.39
N THR D 200 5.36 -24.16 21.20
CA THR D 200 4.47 -24.84 20.27
C THR D 200 5.16 -26.09 19.76
N TYR D 201 4.40 -27.17 19.65
CA TYR D 201 4.96 -28.50 19.50
C TYR D 201 4.33 -29.28 18.36
N GLN D 202 5.11 -30.24 17.84
CA GLN D 202 4.60 -31.31 16.99
C GLN D 202 4.37 -32.55 17.86
N VAL D 203 3.22 -33.20 17.69
CA VAL D 203 2.77 -34.27 18.57
C VAL D 203 2.34 -35.44 17.72
N SER D 204 2.76 -36.64 18.13
CA SER D 204 2.47 -37.88 17.40
C SER D 204 1.73 -38.83 18.33
N PHE D 205 0.77 -39.56 17.76
CA PHE D 205 -0.02 -40.55 18.47
C PHE D 205 0.22 -41.91 17.82
N SER D 206 0.50 -42.91 18.63
CA SER D 206 0.68 -44.28 18.13
C SER D 206 -0.01 -45.22 19.11
N ASP D 207 -1.15 -45.79 18.70
CA ASP D 207 -1.93 -46.64 19.59
C ASP D 207 -2.21 -45.92 20.90
N CYS D 208 -2.59 -44.63 20.81
CA CYS D 208 -2.89 -43.84 21.99
C CYS D 208 -4.32 -44.13 22.42
N ARG D 209 -4.48 -44.66 23.63
CA ARG D 209 -5.78 -45.16 24.10
C ARG D 209 -6.31 -44.28 25.21
N VAL D 210 -7.60 -43.91 25.08
CA VAL D 210 -8.31 -43.13 26.09
C VAL D 210 -9.69 -43.72 26.24
N PRO D 211 -10.36 -43.44 27.36
CA PRO D 211 -11.73 -43.94 27.55
C PRO D 211 -12.68 -43.46 26.45
N GLY D 212 -13.72 -44.27 26.20
CA GLY D 212 -14.69 -43.93 25.18
C GLY D 212 -15.50 -42.68 25.49
N ASP D 213 -15.76 -42.43 26.78
CA ASP D 213 -16.45 -41.22 27.20
C ASP D 213 -15.67 -39.93 26.91
N ASN D 214 -14.49 -39.99 26.30
CA ASN D 214 -13.68 -38.79 26.13
C ASN D 214 -13.99 -38.00 24.84
N ALA D 215 -14.89 -38.50 24.00
CA ALA D 215 -15.23 -37.79 22.78
C ALA D 215 -16.26 -36.70 23.07
N LEU D 216 -16.07 -35.55 22.43
CA LEU D 216 -17.10 -34.54 22.42
C LEU D 216 -18.22 -34.94 21.45
N ASN D 217 -19.39 -34.32 21.62
CA ASN D 217 -20.56 -34.65 20.81
C ASN D 217 -20.64 -33.68 19.63
N GLY D 218 -20.48 -34.19 18.42
CA GLY D 218 -20.67 -33.39 17.21
C GLY D 218 -19.55 -33.59 16.20
N ASN D 219 -19.81 -33.12 14.99
CA ASN D 219 -18.79 -33.05 13.94
C ASN D 219 -17.55 -32.27 14.42
N GLY D 220 -16.41 -32.94 14.57
CA GLY D 220 -15.24 -32.29 15.13
C GLY D 220 -14.75 -31.08 14.37
N LEU D 221 -14.95 -31.06 13.04
CA LEU D 221 -14.54 -29.90 12.27
C LEU D 221 -15.44 -28.71 12.55
N ARG D 222 -16.74 -28.95 12.77
CA ARG D 222 -17.64 -27.86 13.13
C ARG D 222 -17.36 -27.35 14.54
N LEU D 223 -17.13 -28.28 15.48
CA LEU D 223 -16.75 -27.87 16.82
C LEU D 223 -15.47 -27.03 16.82
N LEU D 224 -14.49 -27.42 16.02
CA LEU D 224 -13.26 -26.63 15.93
C LEU D 224 -13.55 -25.21 15.46
N GLU D 225 -14.34 -25.07 14.39
CA GLU D 225 -14.70 -23.75 13.90
C GLU D 225 -15.35 -22.90 15.00
N ILE D 226 -16.23 -23.51 15.79
CA ILE D 226 -16.90 -22.79 16.87
C ILE D 226 -15.93 -22.39 17.95
N GLY D 227 -15.03 -23.30 18.33
CA GLY D 227 -14.04 -22.97 19.34
C GLY D 227 -13.13 -21.83 18.88
N LEU D 228 -12.84 -21.77 17.57
CA LEU D 228 -11.94 -20.75 17.04
C LEU D 228 -12.56 -19.35 17.07
N ASN D 229 -13.87 -19.22 17.26
CA ASN D 229 -14.44 -17.87 17.33
C ASN D 229 -13.81 -17.07 18.46
N ALA D 230 -13.65 -17.71 19.63
CA ALA D 230 -13.08 -16.99 20.77
C ALA D 230 -11.60 -16.69 20.56
N SER D 231 -10.83 -17.67 20.08
CA SER D 231 -9.38 -17.46 20.01
C SER D 231 -9.04 -16.51 18.88
N ARG D 232 -9.82 -16.52 17.80
CA ARG D 232 -9.54 -15.57 16.71
C ARG D 232 -9.77 -14.13 17.16
N ILE D 233 -10.82 -13.90 17.95
CA ILE D 233 -11.08 -12.56 18.49
C ILE D 233 -9.93 -12.15 19.42
N LEU D 234 -9.44 -13.07 20.26
CA LEU D 234 -8.38 -12.66 21.18
C LEU D 234 -7.03 -12.53 20.48
N ILE D 235 -6.78 -13.28 19.39
CA ILE D 235 -5.60 -12.98 18.58
C ILE D 235 -5.68 -11.55 18.03
N ALA D 236 -6.87 -11.13 17.61
CA ALA D 236 -7.04 -9.73 17.19
C ALA D 236 -6.73 -8.78 18.32
N ALA D 237 -7.20 -9.10 19.53
CA ALA D 237 -6.95 -8.24 20.66
C ALA D 237 -5.47 -8.18 21.01
N SER D 238 -4.77 -9.28 20.79
CA SER D 238 -3.33 -9.31 21.00
C SER D 238 -2.63 -8.40 20.01
N ALA D 239 -3.03 -8.44 18.75
CA ALA D 239 -2.44 -7.53 17.77
C ALA D 239 -2.70 -6.08 18.14
N LEU D 240 -3.90 -5.77 18.65
CA LEU D 240 -4.20 -4.42 19.15
C LEU D 240 -3.23 -4.03 20.25
N GLY D 241 -2.98 -4.93 21.22
CA GLY D 241 -2.04 -4.60 22.27
C GLY D 241 -0.63 -4.30 21.77
N VAL D 242 -0.16 -5.09 20.81
CA VAL D 242 1.18 -4.83 20.29
C VAL D 242 1.20 -3.49 19.58
N ALA D 243 0.14 -3.16 18.83
CA ALA D 243 0.11 -1.87 18.13
C ALA D 243 0.16 -0.70 19.14
N ARG D 244 -0.56 -0.83 20.24
CA ARG D 244 -0.48 0.17 21.30
C ARG D 244 0.94 0.30 21.84
N ARG D 245 1.61 -0.83 22.08
CA ARG D 245 3.00 -0.78 22.52
C ARG D 245 3.89 -0.07 21.49
N ILE D 246 3.69 -0.36 20.20
CA ILE D 246 4.49 0.25 19.16
C ILE D 246 4.30 1.75 19.15
N ARG D 247 3.05 2.21 19.26
CA ARG D 247 2.80 3.64 19.39
C ARG D 247 3.56 4.23 20.57
N ASP D 248 3.47 3.59 21.74
CA ASP D 248 4.11 4.15 22.91
C ASP D 248 5.63 4.14 22.80
N VAL D 249 6.18 3.11 22.17
CA VAL D 249 7.63 3.04 21.95
C VAL D 249 8.09 4.16 21.01
N CYS D 250 7.30 4.46 19.97
CA CYS D 250 7.61 5.58 19.10
C CYS D 250 7.61 6.90 19.87
N MET D 251 6.60 7.11 20.72
CA MET D 251 6.54 8.37 21.45
C MET D 251 7.71 8.50 22.43
N GLU D 252 8.07 7.41 23.11
CA GLU D 252 9.20 7.49 24.04
C GLU D 252 10.49 7.87 23.30
N TYR D 253 10.72 7.25 22.15
CA TYR D 253 11.86 7.61 21.31
C TYR D 253 11.78 9.05 20.82
N GLY D 254 10.62 9.46 20.36
CA GLY D 254 10.45 10.79 19.80
C GLY D 254 10.65 11.90 20.81
N LYS D 255 10.46 11.61 22.10
CA LYS D 255 10.66 12.64 23.12
C LYS D 255 12.13 13.07 23.23
N THR D 256 13.06 12.14 23.03
CA THR D 256 14.48 12.36 23.24
C THR D 256 15.26 12.50 21.94
N LYS D 257 14.74 12.03 20.83
CA LYS D 257 15.40 12.18 19.56
C LYS D 257 15.21 13.60 19.03
N SER D 258 16.28 14.19 18.53
CA SER D 258 16.26 15.55 17.98
C SER D 258 16.23 15.52 16.46
N LEU D 259 15.46 16.42 15.87
CA LEU D 259 15.44 16.63 14.42
C LEU D 259 15.14 18.10 14.14
N LYS D 260 15.98 18.74 13.33
CA LYS D 260 15.77 20.13 12.95
C LYS D 260 15.64 21.03 14.17
N GLY D 261 16.42 20.72 15.20
CA GLY D 261 16.49 21.58 16.36
C GLY D 261 15.38 21.42 17.36
N ALA D 262 14.53 20.41 17.23
CA ALA D 262 13.45 20.15 18.18
C ALA D 262 13.27 18.65 18.38
N PRO D 263 12.61 18.25 19.47
CA PRO D 263 12.29 16.82 19.63
C PRO D 263 11.52 16.32 18.40
N LEU D 264 11.69 15.04 18.12
CA LEU D 264 11.00 14.45 16.96
C LEU D 264 9.49 14.48 17.12
N VAL D 265 8.97 14.45 18.35
CA VAL D 265 7.54 14.54 18.58
C VAL D 265 6.95 15.85 18.03
N LYS D 266 7.79 16.85 17.73
CA LYS D 266 7.32 18.10 17.11
C LYS D 266 7.32 18.04 15.58
N ASP D 267 7.80 16.98 14.98
CA ASP D 267 7.98 16.92 13.54
C ASP D 267 6.70 16.50 12.83
N GLY D 268 6.45 17.10 11.66
CA GLY D 268 5.19 16.88 10.97
C GLY D 268 5.05 15.47 10.39
N VAL D 269 6.12 14.92 9.84
CA VAL D 269 6.06 13.57 9.30
C VAL D 269 5.82 12.57 10.42
N PHE D 270 6.49 12.78 11.57
CA PHE D 270 6.28 11.93 12.73
C PHE D 270 4.85 12.04 13.26
N ALA D 271 4.38 13.27 13.44
CA ALA D 271 3.01 13.49 13.87
C ALA D 271 2.02 12.80 12.95
N GLY D 272 2.24 12.88 11.64
CA GLY D 272 1.32 12.24 10.72
C GLY D 272 1.29 10.72 10.92
N ARG D 273 2.48 10.12 11.09
CA ARG D 273 2.53 8.68 11.31
C ARG D 273 1.80 8.29 12.60
N LEU D 274 2.02 9.05 13.68
CA LEU D 274 1.43 8.66 14.96
C LEU D 274 -0.08 8.90 14.98
N GLY D 275 -0.55 9.95 14.30
CA GLY D 275 -1.98 10.16 14.21
C GLY D 275 -2.68 9.07 13.42
N GLN D 276 -2.07 8.64 12.32
CA GLN D 276 -2.55 7.47 11.58
C GLN D 276 -2.57 6.22 12.46
N PHE D 277 -1.49 5.99 13.23
CA PHE D 277 -1.45 4.84 14.12
C PHE D 277 -2.62 4.86 15.10
N GLU D 278 -2.85 6.02 15.71
CA GLU D 278 -3.89 6.16 16.72
C GLU D 278 -5.26 5.92 16.09
N MET D 279 -5.49 6.43 14.87
CA MET D 279 -6.74 6.12 14.19
C MET D 279 -6.90 4.62 14.04
N GLN D 280 -5.85 3.95 13.56
CA GLN D 280 -5.89 2.49 13.35
C GLN D 280 -6.14 1.73 14.63
N ILE D 281 -5.51 2.15 15.73
CA ILE D 281 -5.72 1.53 17.03
C ILE D 281 -7.17 1.71 17.48
N ASP D 282 -7.71 2.91 17.34
CA ASP D 282 -9.12 3.14 17.68
C ASP D 282 -10.02 2.20 16.89
N VAL D 283 -9.79 2.06 15.58
CA VAL D 283 -10.67 1.21 14.79
C VAL D 283 -10.52 -0.27 15.18
N MET D 284 -9.27 -0.71 15.39
CA MET D 284 -9.07 -2.09 15.81
C MET D 284 -9.78 -2.36 17.13
N ALA D 285 -9.70 -1.41 18.09
CA ALA D 285 -10.37 -1.62 19.37
C ALA D 285 -11.87 -1.74 19.20
N ASN D 286 -12.48 -0.88 18.39
CA ASN D 286 -13.93 -0.96 18.22
C ASN D 286 -14.33 -2.24 17.50
N GLN D 287 -13.50 -2.74 16.60
CA GLN D 287 -13.83 -3.98 15.91
C GLN D 287 -13.75 -5.17 16.86
N CYS D 288 -12.69 -5.23 17.67
CA CYS D 288 -12.54 -6.32 18.64
C CYS D 288 -13.70 -6.33 19.62
N LEU D 289 -14.08 -5.15 20.10
CA LEU D 289 -15.16 -5.07 21.06
C LEU D 289 -16.48 -5.43 20.42
N ALA D 290 -16.70 -5.00 19.17
CA ALA D 290 -17.95 -5.40 18.52
C ALA D 290 -18.03 -6.92 18.38
N ALA D 291 -16.93 -7.54 17.97
CA ALA D 291 -16.92 -8.99 17.80
C ALA D 291 -17.12 -9.71 19.14
N ALA D 292 -16.47 -9.21 20.19
CA ALA D 292 -16.63 -9.83 21.51
C ALA D 292 -18.04 -9.67 22.03
N ARG D 293 -18.66 -8.50 21.83
CA ARG D 293 -20.01 -8.31 22.30
C ARG D 293 -20.97 -9.27 21.61
N ALA D 294 -20.76 -9.49 20.30
CA ALA D 294 -21.62 -10.41 19.55
C ALA D 294 -21.42 -11.84 20.04
N TYR D 295 -20.17 -12.21 20.31
CA TYR D 295 -19.86 -13.51 20.87
C TYR D 295 -20.55 -13.71 22.22
N ASP D 296 -20.48 -12.70 23.10
CA ASP D 296 -21.07 -12.85 24.44
C ASP D 296 -22.58 -12.95 24.35
N ALA D 297 -23.21 -12.15 23.48
CA ALA D 297 -24.67 -12.19 23.36
C ALA D 297 -25.13 -13.57 22.92
N THR D 298 -24.39 -14.20 21.99
CA THR D 298 -24.75 -15.56 21.58
C THR D 298 -24.46 -16.57 22.68
N ALA D 299 -23.34 -16.44 23.38
CA ALA D 299 -23.04 -17.38 24.46
C ALA D 299 -24.00 -17.24 25.63
N ALA D 300 -24.68 -16.10 25.76
CA ALA D 300 -25.65 -15.93 26.83
C ALA D 300 -26.98 -16.62 26.54
N ARG D 301 -27.26 -16.97 25.29
CA ARG D 301 -28.51 -17.64 24.98
C ARG D 301 -28.54 -19.00 25.69
N PRO D 302 -29.67 -19.39 26.26
CA PRO D 302 -29.73 -20.72 26.91
C PRO D 302 -29.53 -21.87 25.95
N ASP D 303 -29.75 -21.66 24.65
CA ASP D 303 -29.59 -22.67 23.62
C ASP D 303 -28.28 -22.51 22.84
N ALA D 304 -27.26 -21.95 23.49
CA ALA D 304 -26.10 -21.48 22.74
C ALA D 304 -25.43 -22.60 21.94
N ALA D 305 -25.26 -23.77 22.54
CA ALA D 305 -24.60 -24.87 21.83
C ALA D 305 -25.29 -25.20 20.51
N ARG D 306 -26.62 -25.25 20.51
CA ARG D 306 -27.32 -25.56 19.27
C ARG D 306 -27.28 -24.38 18.30
N VAL D 307 -27.42 -23.16 18.83
CA VAL D 307 -27.30 -21.97 17.99
C VAL D 307 -25.93 -21.94 17.30
N LEU D 308 -24.88 -22.22 18.06
CA LEU D 308 -23.54 -22.16 17.47
C LEU D 308 -23.30 -23.24 16.43
N LEU D 309 -23.91 -24.42 16.59
CA LEU D 309 -23.77 -25.44 15.56
C LEU D 309 -24.32 -24.95 14.22
N ARG D 310 -25.47 -24.26 14.25
CA ARG D 310 -26.01 -23.67 13.03
C ARG D 310 -25.12 -22.55 12.51
N GLN D 311 -24.58 -21.74 13.42
CA GLN D 311 -23.84 -20.55 12.99
C GLN D 311 -22.47 -20.92 12.45
N GLY D 312 -21.74 -21.77 13.15
CA GLY D 312 -20.34 -22.02 12.80
C GLY D 312 -19.50 -20.79 13.04
N ALA D 313 -18.64 -20.46 12.06
CA ALA D 313 -17.76 -19.32 12.20
C ALA D 313 -18.55 -18.01 12.30
N GLN D 314 -18.19 -17.21 13.31
CA GLN D 314 -18.80 -15.90 13.52
C GLN D 314 -18.15 -14.89 12.58
N LYS D 315 -18.97 -14.21 11.80
CA LYS D 315 -18.42 -13.31 10.78
C LYS D 315 -17.42 -12.32 11.38
N SER D 316 -17.79 -11.64 12.47
CA SER D 316 -16.95 -10.59 13.01
C SER D 316 -15.76 -11.13 13.78
N ALA D 317 -15.76 -12.40 14.18
CA ALA D 317 -14.51 -12.99 14.66
C ALA D 317 -13.50 -13.11 13.52
N LEU D 318 -13.93 -13.56 12.36
CA LEU D 318 -13.02 -13.65 11.23
C LEU D 318 -12.52 -12.28 10.81
N THR D 319 -13.44 -11.32 10.68
CA THR D 319 -13.03 -10.01 10.20
C THR D 319 -12.14 -9.28 11.23
N ALA D 320 -12.37 -9.51 12.52
CA ALA D 320 -11.50 -8.90 13.52
C ALA D 320 -10.06 -9.39 13.39
N LYS D 321 -9.87 -10.72 13.31
CA LYS D 321 -8.50 -11.23 13.18
C LYS D 321 -7.86 -10.76 11.87
N MET D 322 -8.61 -10.85 10.76
CA MET D 322 -8.11 -10.34 9.48
C MET D 322 -7.67 -8.88 9.62
N PHE D 323 -8.57 -8.03 10.15
CA PHE D 323 -8.28 -6.61 10.13
C PHE D 323 -7.12 -6.27 11.08
N CYS D 324 -7.18 -6.79 12.29
CA CYS D 324 -6.17 -6.45 13.28
C CYS D 324 -4.81 -7.03 12.91
N GLY D 325 -4.80 -8.23 12.34
CA GLY D 325 -3.53 -8.81 11.90
C GLY D 325 -2.87 -8.01 10.81
N GLN D 326 -3.67 -7.54 9.84
CA GLN D 326 -3.14 -6.74 8.76
C GLN D 326 -2.69 -5.39 9.28
N THR D 327 -3.55 -4.75 10.09
CA THR D 327 -3.28 -3.37 10.50
C THR D 327 -2.10 -3.30 11.45
N ALA D 328 -2.03 -4.21 12.42
CA ALA D 328 -0.91 -4.14 13.36
C ALA D 328 0.40 -4.47 12.64
N TRP D 329 0.36 -5.38 11.67
CA TRP D 329 1.54 -5.63 10.85
C TRP D 329 1.96 -4.38 10.10
N GLN D 330 1.00 -3.63 9.55
CA GLN D 330 1.35 -2.43 8.80
C GLN D 330 1.94 -1.37 9.73
N ILE D 331 1.40 -1.25 10.95
CA ILE D 331 1.96 -0.33 11.93
C ILE D 331 3.40 -0.73 12.24
N ALA D 332 3.65 -2.01 12.54
CA ALA D 332 5.00 -2.46 12.87
C ALA D 332 5.95 -2.25 11.70
N SER D 333 5.47 -2.48 10.48
CA SER D 333 6.33 -2.33 9.30
C SER D 333 6.75 -0.88 9.14
N THR D 334 5.80 0.06 9.26
CA THR D 334 6.16 1.48 9.23
C THR D 334 7.15 1.83 10.34
N ALA D 335 6.85 1.40 11.57
CA ALA D 335 7.68 1.80 12.70
C ALA D 335 9.07 1.17 12.64
N SER D 336 9.20 0.02 11.94
CA SER D 336 10.50 -0.64 11.85
C SER D 336 11.55 0.24 11.19
N GLU D 337 11.14 1.28 10.44
CA GLU D 337 12.07 2.23 9.84
C GLU D 337 12.15 3.58 10.54
N MET D 338 11.41 3.78 11.62
CA MET D 338 11.29 5.12 12.21
C MET D 338 12.39 5.42 13.23
N PHE D 339 13.28 4.45 13.51
CA PHE D 339 14.27 4.57 14.59
C PHE D 339 15.69 4.59 14.04
N GLY D 340 15.86 4.83 12.74
CA GLY D 340 17.16 4.85 12.14
C GLY D 340 17.90 3.54 12.38
N GLY D 341 19.22 3.66 12.46
CA GLY D 341 20.06 2.48 12.56
C GLY D 341 19.88 1.73 13.88
N ILE D 342 19.64 2.45 14.98
CA ILE D 342 19.48 1.76 16.26
C ILE D 342 18.25 0.88 16.24
N GLY D 343 17.28 1.18 15.38
CA GLY D 343 16.14 0.31 15.20
C GLY D 343 16.47 -1.01 14.52
N TYR D 344 17.64 -1.10 13.92
CA TYR D 344 18.17 -2.32 13.33
C TYR D 344 19.02 -3.13 14.32
N THR D 345 18.93 -2.81 15.60
CA THR D 345 19.65 -3.54 16.62
C THR D 345 18.67 -4.00 17.69
N HIS D 346 19.11 -5.00 18.47
CA HIS D 346 18.34 -5.49 19.59
C HIS D 346 18.34 -4.51 20.76
N ASP D 347 19.04 -3.38 20.64
CA ASP D 347 18.92 -2.34 21.66
C ASP D 347 17.53 -1.70 21.66
N MET D 348 16.80 -1.81 20.54
CA MET D 348 15.43 -1.34 20.44
C MET D 348 14.49 -2.52 20.34
N VAL D 349 13.24 -2.34 20.82
CA VAL D 349 12.32 -3.48 20.86
C VAL D 349 11.53 -3.64 19.58
N ILE D 350 11.64 -2.71 18.63
CA ILE D 350 10.71 -2.77 17.50
C ILE D 350 10.91 -4.04 16.67
N GLY D 351 12.14 -4.48 16.50
CA GLY D 351 12.37 -5.74 15.78
C GLY D 351 11.61 -6.92 16.37
N LYS D 352 11.63 -7.06 17.68
CA LYS D 352 10.88 -8.11 18.35
C LYS D 352 9.39 -7.93 18.18
N LEU D 353 8.90 -6.71 18.37
CA LEU D 353 7.47 -6.46 18.24
C LEU D 353 6.99 -6.79 16.83
N LEU D 354 7.82 -6.51 15.82
CA LEU D 354 7.45 -6.85 14.45
C LEU D 354 7.38 -8.36 14.24
N ARG D 355 8.36 -9.10 14.75
CA ARG D 355 8.27 -10.56 14.66
C ARG D 355 7.08 -11.08 15.46
N ASP D 356 6.80 -10.46 16.60
CA ASP D 356 5.70 -10.93 17.43
C ASP D 356 4.37 -10.72 16.71
N VAL D 357 4.17 -9.51 16.18
CA VAL D 357 2.89 -9.18 15.61
C VAL D 357 2.63 -9.95 14.32
N ARG D 358 3.69 -10.46 13.66
CA ARG D 358 3.54 -11.22 12.43
C ARG D 358 2.66 -12.44 12.61
N HIS D 359 2.55 -12.98 13.83
CA HIS D 359 1.78 -14.19 14.04
C HIS D 359 0.29 -14.00 13.72
N ALA D 360 -0.24 -12.78 13.88
CA ALA D 360 -1.69 -12.62 13.90
C ALA D 360 -2.35 -12.93 12.57
N SER D 361 -1.70 -12.58 11.45
CA SER D 361 -2.24 -12.87 10.13
C SER D 361 -1.99 -14.30 9.67
N ILE D 362 -1.19 -15.09 10.40
CA ILE D 362 -0.79 -16.43 9.97
C ILE D 362 -1.55 -17.52 10.71
N ILE D 363 -1.66 -17.38 12.04
CA ILE D 363 -2.14 -18.46 12.90
C ILE D 363 -3.66 -18.47 12.92
N GLU D 364 -4.22 -19.68 13.02
CA GLU D 364 -5.66 -19.90 13.04
C GLU D 364 -6.29 -19.43 11.73
N GLY D 365 -5.61 -19.72 10.64
CA GLY D 365 -6.10 -19.37 9.33
C GLY D 365 -5.45 -18.13 8.80
N GLY D 366 -4.68 -18.25 7.73
CA GLY D 366 -4.12 -17.11 7.06
C GLY D 366 -5.20 -16.35 6.29
N ASP D 367 -4.81 -15.21 5.72
CA ASP D 367 -5.84 -14.36 5.12
C ASP D 367 -6.33 -14.87 3.77
N ASP D 368 -5.59 -15.75 3.10
CA ASP D 368 -6.19 -16.35 1.91
C ASP D 368 -7.33 -17.28 2.29
N VAL D 369 -7.10 -18.12 3.32
CA VAL D 369 -8.16 -18.97 3.85
C VAL D 369 -9.33 -18.15 4.36
N LEU D 370 -9.06 -17.10 5.14
CA LEU D 370 -10.14 -16.38 5.77
C LEU D 370 -10.89 -15.47 4.80
N ARG D 371 -10.19 -14.87 3.83
CA ARG D 371 -10.90 -14.14 2.79
C ARG D 371 -11.87 -15.05 2.06
N ASP D 372 -11.43 -16.28 1.73
CA ASP D 372 -12.28 -17.21 1.02
C ASP D 372 -13.47 -17.60 1.88
N LEU D 373 -13.23 -17.79 3.18
CA LEU D 373 -14.30 -18.19 4.07
C LEU D 373 -15.33 -17.07 4.24
N VAL D 374 -14.85 -15.83 4.42
CA VAL D 374 -15.76 -14.71 4.50
C VAL D 374 -16.56 -14.60 3.21
N TYR D 375 -15.90 -14.79 2.08
CA TYR D 375 -16.56 -14.69 0.78
C TYR D 375 -17.64 -15.76 0.62
N GLN D 376 -17.29 -17.02 0.88
CA GLN D 376 -18.24 -18.11 0.71
C GLN D 376 -19.41 -18.00 1.67
N ARG D 377 -19.14 -17.58 2.91
CA ARG D 377 -20.20 -17.63 3.93
C ARG D 377 -21.04 -16.37 3.98
N PHE D 378 -20.47 -15.21 3.66
CA PHE D 378 -21.11 -13.94 3.93
C PHE D 378 -21.21 -13.00 2.73
N VAL D 379 -20.60 -13.32 1.59
CA VAL D 379 -20.80 -12.54 0.36
C VAL D 379 -21.66 -13.29 -0.64
N VAL D 380 -21.26 -14.53 -0.97
CA VAL D 380 -21.98 -15.28 -1.99
C VAL D 380 -23.43 -15.49 -1.65
N PRO D 381 -23.81 -15.87 -0.42
CA PRO D 381 -25.24 -16.16 -0.14
C PRO D 381 -26.10 -14.93 -0.12
N THR D 382 -25.51 -13.76 0.11
CA THR D 382 -26.24 -12.52 0.39
C THR D 382 -26.62 -11.77 -0.88
#